data_1Z1R
# 
_entry.id   1Z1R 
# 
_audit_conform.dict_name       mmcif_pdbx.dic 
_audit_conform.dict_version    5.381 
_audit_conform.dict_location   http://mmcif.pdb.org/dictionaries/ascii/mmcif_pdbx.dic 
# 
loop_
_database_2.database_id 
_database_2.database_code 
_database_2.pdbx_database_accession 
_database_2.pdbx_DOI 
PDB   1Z1R         pdb_00001z1r 10.2210/pdb1z1r/pdb 
RCSB  RCSB032188   ?            ?                   
WWPDB D_1000032188 ?            ?                   
# 
_pdbx_database_PDB_obs_spr.id               SPRSDE 
_pdbx_database_PDB_obs_spr.date             2005-03-22 
_pdbx_database_PDB_obs_spr.pdb_id           1Z1R 
_pdbx_database_PDB_obs_spr.replace_pdb_id   1B6O 
_pdbx_database_PDB_obs_spr.details          ? 
# 
loop_
_pdbx_database_related.db_name 
_pdbx_database_related.db_id 
_pdbx_database_related.details 
_pdbx_database_related.content_type 
PDB 1B6N . unspecified 
PDB 1B6J . unspecified 
PDB 1B6O . unspecified 
PDB 1B6L . unspecified 
PDB 1B6K . unspecified 
PDB 1B6M . unspecified 
PDB 1B6P . unspecified 
# 
_pdbx_database_status.status_code                     REL 
_pdbx_database_status.entry_id                        1Z1R 
_pdbx_database_status.recvd_initial_deposition_date   2005-03-06 
_pdbx_database_status.deposit_site                    RCSB 
_pdbx_database_status.process_site                    PDBJ 
_pdbx_database_status.status_code_sf                  REL 
_pdbx_database_status.status_code_mr                  ? 
_pdbx_database_status.SG_entry                        ? 
_pdbx_database_status.pdb_format_compatible           Y 
_pdbx_database_status.status_code_cs                  ? 
_pdbx_database_status.status_code_nmr_data            ? 
_pdbx_database_status.methods_development_category    ? 
# 
loop_
_audit_author.name 
_audit_author.pdbx_ordinal 
'Martin, J.L.'         1  
'Begun, J.'            2  
'Schindeler, A.'       3  
'Wickramasinghe, W.A.' 4  
'Alewood, D.'          5  
'Alewood, P.F.'        6  
'Bergman, D.A.'        7  
'Brinkworth, R.I.'     8  
'Abbenante, G.'        9  
'March, D.R.'          10 
'Reid, R.C.'           11 
'Fairlie, D.P.'        12 
# 
_citation.id                        primary 
_citation.title                     'Molecular recognition of macrocyclic peptidomimetic inhibitors by HIV-1 protease' 
_citation.journal_abbrev            Biochemistry 
_citation.journal_volume            38 
_citation.page_first                7978 
_citation.page_last                 7988 
_citation.year                      1999 
_citation.journal_id_ASTM           BICHAW 
_citation.country                   US 
_citation.journal_id_ISSN           0006-2960 
_citation.journal_id_CSD            0033 
_citation.book_publisher            ? 
_citation.pdbx_database_id_PubMed   10387041 
_citation.pdbx_database_id_DOI      10.1021/bi990174x 
# 
loop_
_citation_author.citation_id 
_citation_author.name 
_citation_author.ordinal 
_citation_author.identifier_ORCID 
primary 'Martin, J.L.'         1  ? 
primary 'Begun, J.'            2  ? 
primary 'Schindeler, A.'       3  ? 
primary 'Wickramasinghe, W.A.' 4  ? 
primary 'Alewood, D.'          5  ? 
primary 'Alewood, P.F.'        6  ? 
primary 'Bergman, D.A.'        7  ? 
primary 'Brinkworth, R.I.'     8  ? 
primary 'Abbenante, G.'        9  ? 
primary 'March, D.R.'          10 ? 
primary 'Reid, R.C.'           11 ? 
primary 'Fairlie, D.P.'        12 ? 
# 
_cell.entry_id           1Z1R 
_cell.length_a           51.200 
_cell.length_b           59.000 
_cell.length_c           61.900 
_cell.angle_alpha        90.00 
_cell.angle_beta         90.00 
_cell.angle_gamma        90.00 
_cell.Z_PDB              8 
_cell.pdbx_unique_axis   ? 
# 
_symmetry.entry_id                         1Z1R 
_symmetry.space_group_name_H-M             'P 21 21 21' 
_symmetry.pdbx_full_space_group_name_H-M   ? 
_symmetry.cell_setting                     ? 
_symmetry.Int_Tables_number                19 
_symmetry.space_group_name_Hall            ? 
# 
loop_
_entity.id 
_entity.type 
_entity.src_method 
_entity.pdbx_description 
_entity.formula_weight 
_entity.pdbx_number_of_molecules 
_entity.pdbx_ec 
_entity.pdbx_mutation 
_entity.pdbx_fragment 
_entity.details 
1 polymer     syn 'Pol polyprotein' 10765.687 2   3.4.23.16 'Gln7Lys Leu33Ile Cys67Aba Cys95Aba' 'HIV-1 protease' ? 
2 non-polymer syn 'SULFATE ION' 96.063    3   ?         ?                                    ?                ? 
3 non-polymer syn 
;2-[(8S,11S)-11-{(1R)-1-HYDROXY-2-[ISOPENTYL(PHENYLSULFONYL)AMINO]ETHYL}-6,9-DIOXO-2-OXA-7,10-DIAZABICYCLO[11.2.2]HEPTADECA-1(15),13,16-TRIEN-8-YL]ACETAMIDE
;
588.715   1   ?         ?                                    ?                ? 
4 water       nat water 18.015    102 ?         ?                                    ?                ? 
# 
_entity_poly.entity_id                      1 
_entity_poly.type                           'polypeptide(L)' 
_entity_poly.nstd_linkage                   no 
_entity_poly.nstd_monomer                   yes 
_entity_poly.pdbx_seq_one_letter_code       
;PQITLWKRPLVTIRIGGQLKEALLDTGADDTVIEEMNLPGKWKPKMIGGIGGFIKVRQYDQIPVEI(ABA)GHKAIGTVL
VGPTPVNIIGRNLLTQIG(ABA)TLNF
;
_entity_poly.pdbx_seq_one_letter_code_can   
;PQITLWKRPLVTIRIGGQLKEALLDTGADDTVIEEMNLPGKWKPKMIGGIGGFIKVRQYDQIPVEIAGHKAIGTVLVGPT
PVNIIGRNLLTQIGATLNF
;
_entity_poly.pdbx_strand_id                 A,B 
_entity_poly.pdbx_target_identifier         ? 
# 
loop_
_entity_poly_seq.entity_id 
_entity_poly_seq.num 
_entity_poly_seq.mon_id 
_entity_poly_seq.hetero 
1 1  PRO n 
1 2  GLN n 
1 3  ILE n 
1 4  THR n 
1 5  LEU n 
1 6  TRP n 
1 7  LYS n 
1 8  ARG n 
1 9  PRO n 
1 10 LEU n 
1 11 VAL n 
1 12 THR n 
1 13 ILE n 
1 14 ARG n 
1 15 ILE n 
1 16 GLY n 
1 17 GLY n 
1 18 GLN n 
1 19 LEU n 
1 20 LYS n 
1 21 GLU n 
1 22 ALA n 
1 23 LEU n 
1 24 LEU n 
1 25 ASP n 
1 26 THR n 
1 27 GLY n 
1 28 ALA n 
1 29 ASP n 
1 30 ASP n 
1 31 THR n 
1 32 VAL n 
1 33 ILE n 
1 34 GLU n 
1 35 GLU n 
1 36 MET n 
1 37 ASN n 
1 38 LEU n 
1 39 PRO n 
1 40 GLY n 
1 41 LYS n 
1 42 TRP n 
1 43 LYS n 
1 44 PRO n 
1 45 LYS n 
1 46 MET n 
1 47 ILE n 
1 48 GLY n 
1 49 GLY n 
1 50 ILE n 
1 51 GLY n 
1 52 GLY n 
1 53 PHE n 
1 54 ILE n 
1 55 LYS n 
1 56 VAL n 
1 57 ARG n 
1 58 GLN n 
1 59 TYR n 
1 60 ASP n 
1 61 GLN n 
1 62 ILE n 
1 63 PRO n 
1 64 VAL n 
1 65 GLU n 
1 66 ILE n 
1 67 ABA n 
1 68 GLY n 
1 69 HIS n 
1 70 LYS n 
1 71 ALA n 
1 72 ILE n 
1 73 GLY n 
1 74 THR n 
1 75 VAL n 
1 76 LEU n 
1 77 VAL n 
1 78 GLY n 
1 79 PRO n 
1 80 THR n 
1 81 PRO n 
1 82 VAL n 
1 83 ASN n 
1 84 ILE n 
1 85 ILE n 
1 86 GLY n 
1 87 ARG n 
1 88 ASN n 
1 89 LEU n 
1 90 LEU n 
1 91 THR n 
1 92 GLN n 
1 93 ILE n 
1 94 GLY n 
1 95 ABA n 
1 96 THR n 
1 97 LEU n 
1 98 ASN n 
1 99 PHE n 
# 
_pdbx_entity_src_syn.entity_id              1 
_pdbx_entity_src_syn.pdbx_src_id            1 
_pdbx_entity_src_syn.pdbx_alt_source_flag   sample 
_pdbx_entity_src_syn.pdbx_beg_seq_num       ? 
_pdbx_entity_src_syn.pdbx_end_seq_num       ? 
_pdbx_entity_src_syn.organism_scientific    ? 
_pdbx_entity_src_syn.organism_common_name   ? 
_pdbx_entity_src_syn.ncbi_taxonomy_id       ? 
_pdbx_entity_src_syn.details                'chemically synthesised by solid phase peptide synthesis' 
# 
_struct_ref.id                         1 
_struct_ref.db_name                    UNP 
_struct_ref.db_code                    POL_HV1A2 
_struct_ref.pdbx_db_accession          P03369 
_struct_ref.entity_id                  1 
_struct_ref.pdbx_seq_one_letter_code   
;PQITLWQRPLVTIRIGGQLKEALLDTGADDTVLEEMNLPGKWKPKMIGGIGGFIKVRQYDQIPVEICGHKAIGTVLVGPT
PVNIIGRNLLTQIGCTLNF
;
_struct_ref.pdbx_align_begin           57 
_struct_ref.pdbx_db_isoform            ? 
# 
loop_
_struct_ref_seq.align_id 
_struct_ref_seq.ref_id 
_struct_ref_seq.pdbx_PDB_id_code 
_struct_ref_seq.pdbx_strand_id 
_struct_ref_seq.seq_align_beg 
_struct_ref_seq.pdbx_seq_align_beg_ins_code 
_struct_ref_seq.seq_align_end 
_struct_ref_seq.pdbx_seq_align_end_ins_code 
_struct_ref_seq.pdbx_db_accession 
_struct_ref_seq.db_align_beg 
_struct_ref_seq.pdbx_db_align_beg_ins_code 
_struct_ref_seq.db_align_end 
_struct_ref_seq.pdbx_db_align_end_ins_code 
_struct_ref_seq.pdbx_auth_seq_align_beg 
_struct_ref_seq.pdbx_auth_seq_align_end 
1 1 1Z1R A 1 ? 99 ? P03369 57 ? 155 ? 1   99  
2 1 1Z1R B 1 ? 99 ? P03369 57 ? 155 ? 101 199 
# 
loop_
_struct_ref_seq_dif.align_id 
_struct_ref_seq_dif.pdbx_pdb_id_code 
_struct_ref_seq_dif.mon_id 
_struct_ref_seq_dif.pdbx_pdb_strand_id 
_struct_ref_seq_dif.seq_num 
_struct_ref_seq_dif.pdbx_pdb_ins_code 
_struct_ref_seq_dif.pdbx_seq_db_name 
_struct_ref_seq_dif.pdbx_seq_db_accession_code 
_struct_ref_seq_dif.db_mon_id 
_struct_ref_seq_dif.pdbx_seq_db_seq_num 
_struct_ref_seq_dif.details 
_struct_ref_seq_dif.pdbx_auth_seq_num 
_struct_ref_seq_dif.pdbx_ordinal 
1 1Z1R LYS A 7  ? UNP P03369 GLN 63  'engineered mutation' 7   1 
1 1Z1R ILE A 33 ? UNP P03369 LEU 89  'engineered mutation' 33  2 
1 1Z1R ABA A 67 ? UNP P03369 CYS 123 'engineered mutation' 67  3 
1 1Z1R ABA A 95 ? UNP P03369 CYS 151 'engineered mutation' 95  4 
2 1Z1R LYS B 7  ? UNP P03369 GLN 63  'engineered mutation' 107 5 
2 1Z1R ILE B 33 ? UNP P03369 LEU 89  'engineered mutation' 133 6 
2 1Z1R ABA B 67 ? UNP P03369 CYS 123 'engineered mutation' 167 7 
2 1Z1R ABA B 95 ? UNP P03369 CYS 151 'engineered mutation' 195 8 
# 
loop_
_chem_comp.id 
_chem_comp.type 
_chem_comp.mon_nstd_flag 
_chem_comp.name 
_chem_comp.pdbx_synonyms 
_chem_comp.formula 
_chem_comp.formula_weight 
ABA 'L-peptide linking' n 'ALPHA-AMINOBUTYRIC ACID' ? 'C4 H9 N O2'      103.120 
ALA 'L-peptide linking' y ALANINE ? 'C3 H7 N O2'      89.093  
ARG 'L-peptide linking' y ARGININE ? 'C6 H15 N4 O2 1'  175.209 
ASN 'L-peptide linking' y ASPARAGINE ? 'C4 H8 N2 O3'     132.118 
ASP 'L-peptide linking' y 'ASPARTIC ACID' ? 'C4 H7 N O4'      133.103 
CYS 'L-peptide linking' y CYSTEINE ? 'C3 H7 N O2 S'    121.158 
GLN 'L-peptide linking' y GLUTAMINE ? 'C5 H10 N2 O3'    146.144 
GLU 'L-peptide linking' y 'GLUTAMIC ACID' ? 'C5 H9 N O4'      147.129 
GLY 'peptide linking'   y GLYCINE ? 'C2 H5 N O2'      75.067  
HBH non-polymer         . 
;2-[(8S,11S)-11-{(1R)-1-HYDROXY-2-[ISOPENTYL(PHENYLSULFONYL)AMINO]ETHYL}-6,9-DIOXO-2-OXA-7,10-DIAZABICYCLO[11.2.2]HEPTADECA-1(15),13,16-TRIEN-8-YL]ACETAMIDE
;
;2-(11-{2-[BENZENESULFONYL-(3-METHYL-BUTYL)-AMINO]-1-HYDROXY-ETHYL}-6,9-DIOXO-2-OXA-7,10-DIAZA-BICYCLO[11.2.2]HEPTADECA-1(16),13(17),14-TRIEN-8-YL)-ACETAMIDE; INHIBITOR 2
;
'C29 H40 N4 O7 S' 588.715 
HIS 'L-peptide linking' y HISTIDINE ? 'C6 H10 N3 O2 1'  156.162 
HOH non-polymer         . WATER ? 'H2 O'            18.015  
ILE 'L-peptide linking' y ISOLEUCINE ? 'C6 H13 N O2'     131.173 
LEU 'L-peptide linking' y LEUCINE ? 'C6 H13 N O2'     131.173 
LYS 'L-peptide linking' y LYSINE ? 'C6 H15 N2 O2 1'  147.195 
MET 'L-peptide linking' y METHIONINE ? 'C5 H11 N O2 S'   149.211 
PHE 'L-peptide linking' y PHENYLALANINE ? 'C9 H11 N O2'     165.189 
PRO 'L-peptide linking' y PROLINE ? 'C5 H9 N O2'      115.130 
SO4 non-polymer         . 'SULFATE ION' ? 'O4 S -2'         96.063  
THR 'L-peptide linking' y THREONINE ? 'C4 H9 N O3'      119.119 
TRP 'L-peptide linking' y TRYPTOPHAN ? 'C11 H12 N2 O2'   204.225 
TYR 'L-peptide linking' y TYROSINE ? 'C9 H11 N O3'     181.189 
VAL 'L-peptide linking' y VALINE ? 'C5 H11 N O2'     117.146 
# 
_exptl.entry_id          1Z1R 
_exptl.method            'X-RAY DIFFRACTION' 
_exptl.crystals_number   1 
# 
_exptl_crystal.id                    1 
_exptl_crystal.density_meas          ? 
_exptl_crystal.density_Matthews      1.96 
_exptl_crystal.density_percent_sol   37 
_exptl_crystal.description           ? 
_exptl_crystal.F_000                 ? 
_exptl_crystal.preparation           ? 
# 
_exptl_crystal_grow.crystal_id      1 
_exptl_crystal_grow.method          'VAPOR DIFFUSION, HANGING DROP' 
_exptl_crystal_grow.temp            293 
_exptl_crystal_grow.temp_details    ? 
_exptl_crystal_grow.pH              5.5 
_exptl_crystal_grow.pdbx_details    
'30-60% ammonium sulfate, 0.1M acetate buffer, pH 5.5, VAPOR DIFFUSION, HANGING DROP, temperature 293K' 
_exptl_crystal_grow.pdbx_pH_range   . 
# 
_diffrn.id                     1 
_diffrn.ambient_temp           289 
_diffrn.ambient_temp_details   ? 
_diffrn.crystal_id             1 
# 
_diffrn_detector.diffrn_id              1 
_diffrn_detector.detector               'IMAGE PLATE' 
_diffrn_detector.type                   'RIGAKU RAXIS IIC' 
_diffrn_detector.pdbx_collection_date   1996-01-01 
_diffrn_detector.details                'Yale mirrors' 
# 
_diffrn_radiation.diffrn_id                        1 
_diffrn_radiation.wavelength_id                    1 
_diffrn_radiation.pdbx_monochromatic_or_laue_m_l   M 
_diffrn_radiation.monochromator                    'Ni filter' 
_diffrn_radiation.pdbx_diffrn_protocol             'SINGLE WAVELENGTH' 
_diffrn_radiation.pdbx_scattering_type             x-ray 
# 
_diffrn_radiation_wavelength.id           1 
_diffrn_radiation_wavelength.wavelength   1.5418 
_diffrn_radiation_wavelength.wt           1.0 
# 
_diffrn_source.diffrn_id                   1 
_diffrn_source.source                      'ROTATING ANODE' 
_diffrn_source.type                        'RIGAKU RU200' 
_diffrn_source.pdbx_synchrotron_site       ? 
_diffrn_source.pdbx_synchrotron_beamline   ? 
_diffrn_source.pdbx_wavelength             1.5418 
_diffrn_source.pdbx_wavelength_list        ? 
# 
_reflns.entry_id                     1Z1R 
_reflns.observed_criterion_sigma_F   0.0 
_reflns.observed_criterion_sigma_I   0.0 
_reflns.d_resolution_high            1.850 
_reflns.d_resolution_low             50.0 
_reflns.number_all                   14904 
_reflns.number_obs                   14904 
_reflns.percent_possible_obs         89.8 
_reflns.pdbx_Rmerge_I_obs            ? 
_reflns.pdbx_Rsym_value              0.073 
_reflns.pdbx_netI_over_sigmaI        9.8 
_reflns.B_iso_Wilson_estimate        ? 
_reflns.pdbx_redundancy              2.40 
_reflns.R_free_details               ? 
_reflns.limit_h_max                  ? 
_reflns.limit_h_min                  ? 
_reflns.limit_k_max                  ? 
_reflns.limit_k_min                  ? 
_reflns.limit_l_max                  ? 
_reflns.limit_l_min                  ? 
_reflns.observed_criterion_F_max     ? 
_reflns.observed_criterion_F_min     ? 
_reflns.pdbx_chi_squared             ? 
_reflns.pdbx_scaling_rejects         ? 
_reflns.pdbx_diffrn_id               1 
_reflns.pdbx_ordinal                 1 
# 
_reflns_shell.d_res_high             1.85 
_reflns_shell.d_res_low              1.92 
_reflns_shell.percent_possible_all   76.5 
_reflns_shell.Rmerge_I_obs           ? 
_reflns_shell.pdbx_Rsym_value        0.295 
_reflns_shell.meanI_over_sigI_obs    2.2 
_reflns_shell.pdbx_redundancy        ? 
_reflns_shell.percent_possible_obs   ? 
_reflns_shell.number_unique_all      ? 
_reflns_shell.number_measured_all    ? 
_reflns_shell.number_measured_obs    ? 
_reflns_shell.number_unique_obs      ? 
_reflns_shell.pdbx_chi_squared       ? 
_reflns_shell.pdbx_diffrn_id         ? 
_reflns_shell.pdbx_ordinal           1 
# 
_refine.entry_id                                 1Z1R 
_refine.ls_d_res_high                            1.85 
_refine.ls_d_res_low                             8.0 
_refine.pdbx_ls_sigma_F                          0.0 
_refine.pdbx_ls_sigma_I                          ? 
_refine.ls_number_reflns_all                     14672 
_refine.ls_number_reflns_obs                     14672 
_refine.ls_number_reflns_R_free                  1494 
_refine.ls_percent_reflns_obs                    ? 
_refine.ls_R_factor_all                          ? 
_refine.ls_R_factor_obs                          0.179 
_refine.ls_R_factor_R_work                       0.176 
_refine.ls_R_factor_R_free                       0.209 
_refine.ls_redundancy_reflns_obs                 ? 
_refine.pdbx_data_cutoff_high_absF               ? 
_refine.pdbx_data_cutoff_low_absF                ? 
_refine.ls_number_parameters                     ? 
_refine.ls_number_restraints                     ? 
_refine.ls_percent_reflns_R_free                 ? 
_refine.ls_R_factor_R_free_error                 ? 
_refine.ls_R_factor_R_free_error_details         ? 
_refine.pdbx_method_to_determine_struct          'FOURIER SYNTHESIS' 
_refine.pdbx_starting_model                      1B6O 
_refine.pdbx_ls_cross_valid_method               THROUGHOUT 
_refine.pdbx_R_Free_selection_details            random 
_refine.pdbx_stereochem_target_val_spec_case     ? 
_refine.pdbx_stereochemistry_target_values       'Engh & Huber' 
_refine.solvent_model_details                    ? 
_refine.solvent_model_param_bsol                 ? 
_refine.solvent_model_param_ksol                 ? 
_refine.occupancy_max                            ? 
_refine.occupancy_min                            ? 
_refine.pdbx_isotropic_thermal_model             'anisotropic, with bulk solvent correction' 
_refine.B_iso_mean                               ? 
_refine.aniso_B[1][1]                            -1.911 
_refine.aniso_B[1][2]                            0.000 
_refine.aniso_B[1][3]                            0.000 
_refine.aniso_B[2][2]                            -0.072 
_refine.aniso_B[2][3]                            0.000 
_refine.aniso_B[3][3]                            1.982 
_refine.details                                  ? 
_refine.B_iso_min                                ? 
_refine.B_iso_max                                ? 
_refine.correlation_coeff_Fo_to_Fc               ? 
_refine.correlation_coeff_Fo_to_Fc_free          ? 
_refine.pdbx_solvent_vdw_probe_radii             ? 
_refine.pdbx_solvent_ion_probe_radii             ? 
_refine.pdbx_solvent_shrinkage_radii             ? 
_refine.overall_SU_R_Cruickshank_DPI             ? 
_refine.overall_SU_R_free                        ? 
_refine.overall_SU_B                             ? 
_refine.overall_SU_ML                            ? 
_refine.pdbx_overall_ESU_R                       ? 
_refine.pdbx_overall_ESU_R_Free                  ? 
_refine.pdbx_data_cutoff_high_rms_absF           ? 
_refine.ls_wR_factor_R_free                      ? 
_refine.ls_wR_factor_R_work                      ? 
_refine.overall_FOM_free_R_set                   ? 
_refine.overall_FOM_work_R_set                   ? 
_refine.pdbx_refine_id                           'X-RAY DIFFRACTION' 
_refine.pdbx_diffrn_id                           1 
_refine.pdbx_TLS_residual_ADP_flag               ? 
_refine.pdbx_overall_phase_error                 ? 
_refine.pdbx_overall_SU_R_free_Cruickshank_DPI   ? 
_refine.pdbx_overall_SU_R_Blow_DPI               ? 
_refine.pdbx_overall_SU_R_free_Blow_DPI          ? 
# 
_refine_hist.pdbx_refine_id                   'X-RAY DIFFRACTION' 
_refine_hist.cycle_id                         LAST 
_refine_hist.pdbx_number_atoms_protein        1507 
_refine_hist.pdbx_number_atoms_nucleic_acid   0 
_refine_hist.pdbx_number_atoms_ligand         61 
_refine_hist.number_atoms_solvent             102 
_refine_hist.number_atoms_total               1670 
_refine_hist.d_res_high                       1.85 
_refine_hist.d_res_low                        8.0 
# 
loop_
_refine_ls_restr.type 
_refine_ls_restr.dev_ideal 
_refine_ls_restr.dev_ideal_target 
_refine_ls_restr.weight 
_refine_ls_restr.number 
_refine_ls_restr.pdbx_refine_id 
_refine_ls_restr.pdbx_restraint_function 
c_bond_d    0.009 ? ? ? 'X-RAY DIFFRACTION' ? 
c_angle_deg 1.62  ? ? ? 'X-RAY DIFFRACTION' ? 
# 
_refine_ls_shell.pdbx_total_number_of_bins_used   ? 
_refine_ls_shell.d_res_high                       1.85 
_refine_ls_shell.d_res_low                        1.92 
_refine_ls_shell.number_reflns_R_work             ? 
_refine_ls_shell.R_factor_R_work                  0.2904 
_refine_ls_shell.percent_reflns_obs               ? 
_refine_ls_shell.R_factor_R_free                  0.3059 
_refine_ls_shell.R_factor_R_free_error            ? 
_refine_ls_shell.percent_reflns_R_free            ? 
_refine_ls_shell.number_reflns_R_free             120 
_refine_ls_shell.number_reflns_obs                1222 
_refine_ls_shell.redundancy_reflns_obs            ? 
_refine_ls_shell.number_reflns_all                ? 
_refine_ls_shell.pdbx_refine_id                   'X-RAY DIFFRACTION' 
_refine_ls_shell.R_factor_all                     ? 
# 
_struct.entry_id                  1Z1R 
_struct.title                     'HIV-1 protease complexed with Macrocyclic peptidomimetic inhibitor 2' 
_struct.pdbx_model_details        ? 
_struct.pdbx_CASP_flag            ? 
_struct.pdbx_model_type_details   ? 
# 
_struct_keywords.entry_id        1Z1R 
_struct_keywords.pdbx_keywords   HYDROLASE 
_struct_keywords.text            'macrocyclic inhibitors, peptidomimetic inhibitors, HIV1 protease, hydrolase' 
# 
loop_
_struct_asym.id 
_struct_asym.pdbx_blank_PDB_chainid_flag 
_struct_asym.pdbx_modified 
_struct_asym.entity_id 
_struct_asym.details 
A N N 1 ? 
B N N 1 ? 
C N N 2 ? 
D N N 2 ? 
E N N 3 ? 
F N N 2 ? 
G N N 4 ? 
H N N 4 ? 
# 
_struct_biol.id                    1 
_struct_biol.details               
;the biological unit is a homodimer. 
The two molecules in the asymmetric unit represent the biological assembly
;
_struct_biol.pdbx_parent_biol_id   ? 
# 
loop_
_struct_conf.conf_type_id 
_struct_conf.id 
_struct_conf.pdbx_PDB_helix_id 
_struct_conf.beg_label_comp_id 
_struct_conf.beg_label_asym_id 
_struct_conf.beg_label_seq_id 
_struct_conf.pdbx_beg_PDB_ins_code 
_struct_conf.end_label_comp_id 
_struct_conf.end_label_asym_id 
_struct_conf.end_label_seq_id 
_struct_conf.pdbx_end_PDB_ins_code 
_struct_conf.beg_auth_comp_id 
_struct_conf.beg_auth_asym_id 
_struct_conf.beg_auth_seq_id 
_struct_conf.end_auth_comp_id 
_struct_conf.end_auth_asym_id 
_struct_conf.end_auth_seq_id 
_struct_conf.pdbx_PDB_helix_class 
_struct_conf.details 
_struct_conf.pdbx_PDB_helix_length 
HELX_P HELX_P1 1 GLY A 86 ? THR A 91 ? GLY A 86  THR A 91  1 ? 6 
HELX_P HELX_P2 2 GLY B 86 ? THR B 91 ? GLY B 186 THR B 191 1 ? 6 
HELX_P HELX_P3 3 GLN B 92 ? GLY B 94 ? GLN B 192 GLY B 194 5 ? 3 
# 
_struct_conf_type.id          HELX_P 
_struct_conf_type.criteria    ? 
_struct_conf_type.reference   ? 
# 
loop_
_struct_conn.id 
_struct_conn.conn_type_id 
_struct_conn.pdbx_leaving_atom_flag 
_struct_conn.pdbx_PDB_id 
_struct_conn.ptnr1_label_asym_id 
_struct_conn.ptnr1_label_comp_id 
_struct_conn.ptnr1_label_seq_id 
_struct_conn.ptnr1_label_atom_id 
_struct_conn.pdbx_ptnr1_label_alt_id 
_struct_conn.pdbx_ptnr1_PDB_ins_code 
_struct_conn.pdbx_ptnr1_standard_comp_id 
_struct_conn.ptnr1_symmetry 
_struct_conn.ptnr2_label_asym_id 
_struct_conn.ptnr2_label_comp_id 
_struct_conn.ptnr2_label_seq_id 
_struct_conn.ptnr2_label_atom_id 
_struct_conn.pdbx_ptnr2_label_alt_id 
_struct_conn.pdbx_ptnr2_PDB_ins_code 
_struct_conn.ptnr1_auth_asym_id 
_struct_conn.ptnr1_auth_comp_id 
_struct_conn.ptnr1_auth_seq_id 
_struct_conn.ptnr2_auth_asym_id 
_struct_conn.ptnr2_auth_comp_id 
_struct_conn.ptnr2_auth_seq_id 
_struct_conn.ptnr2_symmetry 
_struct_conn.pdbx_ptnr3_label_atom_id 
_struct_conn.pdbx_ptnr3_label_seq_id 
_struct_conn.pdbx_ptnr3_label_comp_id 
_struct_conn.pdbx_ptnr3_label_asym_id 
_struct_conn.pdbx_ptnr3_label_alt_id 
_struct_conn.pdbx_ptnr3_PDB_ins_code 
_struct_conn.details 
_struct_conn.pdbx_dist_value 
_struct_conn.pdbx_value_order 
_struct_conn.pdbx_role 
covale1 covale both ? A ILE 66 C ? ? ? 1_555 A ABA 67 N ? ? A ILE 66  A ABA 67  1_555 ? ? ? ? ? ? ? 1.326 ? ? 
covale2 covale both ? A ABA 67 C ? ? ? 1_555 A GLY 68 N ? ? A ABA 67  A GLY 68  1_555 ? ? ? ? ? ? ? 1.324 ? ? 
covale3 covale both ? A GLY 94 C ? ? ? 1_555 A ABA 95 N ? ? A GLY 94  A ABA 95  1_555 ? ? ? ? ? ? ? 1.333 ? ? 
covale4 covale both ? A ABA 95 C ? ? ? 1_555 A THR 96 N ? ? A ABA 95  A THR 96  1_555 ? ? ? ? ? ? ? 1.335 ? ? 
covale5 covale both ? B ILE 66 C ? ? ? 1_555 B ABA 67 N ? ? B ILE 166 B ABA 167 1_555 ? ? ? ? ? ? ? 1.332 ? ? 
covale6 covale both ? B ABA 67 C ? ? ? 1_555 B GLY 68 N ? ? B ABA 167 B GLY 168 1_555 ? ? ? ? ? ? ? 1.331 ? ? 
covale7 covale both ? B GLY 94 C ? ? ? 1_555 B ABA 95 N ? ? B GLY 194 B ABA 195 1_555 ? ? ? ? ? ? ? 1.336 ? ? 
covale8 covale both ? B ABA 95 C ? ? ? 1_555 B THR 96 N ? ? B ABA 195 B THR 196 1_555 ? ? ? ? ? ? ? 1.333 ? ? 
# 
_struct_conn_type.id          covale 
_struct_conn_type.criteria    ? 
_struct_conn_type.reference   ? 
# 
loop_
_struct_sheet.id 
_struct_sheet.type 
_struct_sheet.number_strands 
_struct_sheet.details 
A ? 4 ? 
B ? 8 ? 
C ? 8 ? 
# 
loop_
_struct_sheet_order.sheet_id 
_struct_sheet_order.range_id_1 
_struct_sheet_order.range_id_2 
_struct_sheet_order.offset 
_struct_sheet_order.sense 
A 1 2 ? anti-parallel 
A 2 3 ? anti-parallel 
A 3 4 ? anti-parallel 
B 1 2 ? anti-parallel 
B 2 3 ? anti-parallel 
B 3 4 ? parallel      
B 4 5 ? anti-parallel 
B 5 6 ? parallel      
B 6 7 ? anti-parallel 
B 7 8 ? anti-parallel 
C 1 2 ? anti-parallel 
C 2 3 ? anti-parallel 
C 3 4 ? parallel      
C 4 5 ? anti-parallel 
C 5 6 ? parallel      
C 6 7 ? anti-parallel 
C 7 8 ? anti-parallel 
# 
loop_
_struct_sheet_range.sheet_id 
_struct_sheet_range.id 
_struct_sheet_range.beg_label_comp_id 
_struct_sheet_range.beg_label_asym_id 
_struct_sheet_range.beg_label_seq_id 
_struct_sheet_range.pdbx_beg_PDB_ins_code 
_struct_sheet_range.end_label_comp_id 
_struct_sheet_range.end_label_asym_id 
_struct_sheet_range.end_label_seq_id 
_struct_sheet_range.pdbx_end_PDB_ins_code 
_struct_sheet_range.beg_auth_comp_id 
_struct_sheet_range.beg_auth_asym_id 
_struct_sheet_range.beg_auth_seq_id 
_struct_sheet_range.end_auth_comp_id 
_struct_sheet_range.end_auth_asym_id 
_struct_sheet_range.end_auth_seq_id 
A 1 GLN A 2  ? THR A 4  ? GLN A 2   THR A 4   
A 2 THR B 96 ? ASN B 98 ? THR B 196 ASN B 198 
A 3 THR A 96 ? ASN A 98 ? THR A 96  ASN A 98  
A 4 GLN B 2  ? THR B 4  ? GLN B 102 THR B 104 
B 1 LYS A 43 ? GLY A 48 ? LYS A 43  GLY A 48  
B 2 PHE A 53 ? ILE A 66 ? PHE A 53  ILE A 66  
B 3 HIS A 69 ? VAL A 77 ? HIS A 69  VAL A 77  
B 4 VAL A 32 ? ILE A 33 ? VAL A 32  ILE A 33  
B 5 ILE A 84 ? ILE A 85 ? ILE A 84  ILE A 85  
B 6 GLN A 18 ? LEU A 24 ? GLN A 18  LEU A 24  
B 7 LEU A 10 ? ILE A 15 ? LEU A 10  ILE A 15  
B 8 PHE A 53 ? ILE A 66 ? PHE A 53  ILE A 66  
C 1 LYS B 43 ? GLY B 49 ? LYS B 143 GLY B 149 
C 2 GLY B 52 ? ILE B 66 ? GLY B 152 ILE B 166 
C 3 HIS B 69 ? GLY B 78 ? HIS B 169 GLY B 178 
C 4 VAL B 32 ? GLU B 34 ? VAL B 132 GLU B 134 
C 5 ILE B 84 ? ILE B 85 ? ILE B 184 ILE B 185 
C 6 GLN B 18 ? LEU B 24 ? GLN B 118 LEU B 124 
C 7 LEU B 10 ? ILE B 15 ? LEU B 110 ILE B 115 
C 8 GLY B 52 ? ILE B 66 ? GLY B 152 ILE B 166 
# 
loop_
_pdbx_struct_sheet_hbond.sheet_id 
_pdbx_struct_sheet_hbond.range_id_1 
_pdbx_struct_sheet_hbond.range_id_2 
_pdbx_struct_sheet_hbond.range_1_label_atom_id 
_pdbx_struct_sheet_hbond.range_1_label_comp_id 
_pdbx_struct_sheet_hbond.range_1_label_asym_id 
_pdbx_struct_sheet_hbond.range_1_label_seq_id 
_pdbx_struct_sheet_hbond.range_1_PDB_ins_code 
_pdbx_struct_sheet_hbond.range_1_auth_atom_id 
_pdbx_struct_sheet_hbond.range_1_auth_comp_id 
_pdbx_struct_sheet_hbond.range_1_auth_asym_id 
_pdbx_struct_sheet_hbond.range_1_auth_seq_id 
_pdbx_struct_sheet_hbond.range_2_label_atom_id 
_pdbx_struct_sheet_hbond.range_2_label_comp_id 
_pdbx_struct_sheet_hbond.range_2_label_asym_id 
_pdbx_struct_sheet_hbond.range_2_label_seq_id 
_pdbx_struct_sheet_hbond.range_2_PDB_ins_code 
_pdbx_struct_sheet_hbond.range_2_auth_atom_id 
_pdbx_struct_sheet_hbond.range_2_auth_comp_id 
_pdbx_struct_sheet_hbond.range_2_auth_asym_id 
_pdbx_struct_sheet_hbond.range_2_auth_seq_id 
A 1 2 N ILE A 3  ? N ILE A 3   O LEU B 97 ? O LEU B 197 
A 2 3 O THR B 96 ? O THR B 196 N ASN A 98 ? N ASN A 98  
A 3 4 N LEU A 97 ? N LEU A 97  O ILE B 3  ? O ILE B 103 
B 1 2 N LYS A 45 ? N LYS A 45  O VAL A 56 ? O VAL A 56  
B 2 3 N ILE A 66 ? N ILE A 66  O HIS A 69 ? O HIS A 69  
B 3 4 O LEU A 76 ? O LEU A 76  N ILE A 33 ? N ILE A 33  
B 4 5 N VAL A 32 ? N VAL A 32  O ILE A 84 ? O ILE A 84  
B 5 6 O ILE A 85 ? O ILE A 85  N LEU A 23 ? N LEU A 23  
B 6 7 O LYS A 20 ? O LYS A 20  N ILE A 13 ? N ILE A 13  
B 7 8 N ARG A 14 ? N ARG A 14  O GLU A 65 ? O GLU A 65  
C 1 2 N LYS B 43 ? N LYS B 143 O GLN B 58 ? O GLN B 158 
C 2 3 N ILE B 66 ? N ILE B 166 O HIS B 69 ? O HIS B 169 
C 3 4 O LEU B 76 ? O LEU B 176 N ILE B 33 ? N ILE B 133 
C 4 5 N VAL B 32 ? N VAL B 132 O ILE B 84 ? O ILE B 184 
C 5 6 O ILE B 85 ? O ILE B 185 N LEU B 23 ? N LEU B 123 
C 6 7 O GLN B 18 ? O GLN B 118 N ILE B 15 ? N ILE B 115 
C 7 8 N ARG B 14 ? N ARG B 114 O GLU B 65 ? O GLU B 165 
# 
loop_
_struct_site.id 
_struct_site.pdbx_evidence_code 
_struct_site.pdbx_auth_asym_id 
_struct_site.pdbx_auth_comp_id 
_struct_site.pdbx_auth_seq_id 
_struct_site.pdbx_auth_ins_code 
_struct_site.pdbx_num_residues 
_struct_site.details 
AC1 Software B SO4 501 ? 6  'BINDING SITE FOR RESIDUE SO4 B 501' 
AC2 Software A SO4 502 ? 2  'BINDING SITE FOR RESIDUE SO4 A 502' 
AC3 Software A SO4 503 ? 7  'BINDING SITE FOR RESIDUE SO4 A 503' 
AC4 Software A HBH 201 ? 20 'BINDING SITE FOR RESIDUE HBH A 201' 
# 
loop_
_struct_site_gen.id 
_struct_site_gen.site_id 
_struct_site_gen.pdbx_num_res 
_struct_site_gen.label_comp_id 
_struct_site_gen.label_asym_id 
_struct_site_gen.label_seq_id 
_struct_site_gen.pdbx_auth_ins_code 
_struct_site_gen.auth_comp_id 
_struct_site_gen.auth_asym_id 
_struct_site_gen.auth_seq_id 
_struct_site_gen.label_atom_id 
_struct_site_gen.label_alt_id 
_struct_site_gen.symmetry 
_struct_site_gen.details 
1  AC1 6  GLY A 68 ? GLY A 68  . ? 3_545 ? 
2  AC1 6  HIS A 69 ? HIS A 69  . ? 3_545 ? 
3  AC1 6  LYS A 70 ? LYS A 70  . ? 3_545 ? 
4  AC1 6  HOH G .  ? HOH A 373 . ? 3_545 ? 
5  AC1 6  PRO B 1  ? PRO B 101 . ? 2_554 ? 
6  AC1 6  LYS B 55 ? LYS B 155 . ? 1_555 ? 
7  AC2 2  PRO A 1  ? PRO A 1   . ? 1_555 ? 
8  AC2 2  HIS A 69 ? HIS A 69  . ? 1_555 ? 
9  AC3 7  ARG A 14 ? ARG A 14  . ? 1_555 ? 
10 AC3 7  GLY A 17 ? GLY A 17  . ? 1_555 ? 
11 AC3 7  HOH G .  ? HOH A 390 . ? 1_555 ? 
12 AC3 7  ILE B 15 ? ILE B 115 . ? 1_455 ? 
13 AC3 7  GLY B 16 ? GLY B 116 . ? 1_455 ? 
14 AC3 7  GLY B 17 ? GLY B 117 . ? 1_455 ? 
15 AC3 7  HOH H .  ? HOH B 314 . ? 1_455 ? 
16 AC4 20 ASP A 25 ? ASP A 25  . ? 1_555 ? 
17 AC4 20 GLY A 27 ? GLY A 27  . ? 1_555 ? 
18 AC4 20 ALA A 28 ? ALA A 28  . ? 1_555 ? 
19 AC4 20 ASP A 29 ? ASP A 29  . ? 1_555 ? 
20 AC4 20 ASP A 30 ? ASP A 30  . ? 1_555 ? 
21 AC4 20 GLY A 48 ? GLY A 48  . ? 1_555 ? 
22 AC4 20 GLY A 49 ? GLY A 49  . ? 1_555 ? 
23 AC4 20 ILE A 50 ? ILE A 50  . ? 1_555 ? 
24 AC4 20 VAL A 82 ? VAL A 82  . ? 1_555 ? 
25 AC4 20 HOH G .  ? HOH A 301 . ? 1_555 ? 
26 AC4 20 HOH G .  ? HOH A 341 . ? 1_555 ? 
27 AC4 20 ARG B 8  ? ARG B 108 . ? 1_555 ? 
28 AC4 20 ASP B 25 ? ASP B 125 . ? 1_555 ? 
29 AC4 20 GLY B 27 ? GLY B 127 . ? 1_555 ? 
30 AC4 20 ALA B 28 ? ALA B 128 . ? 1_555 ? 
31 AC4 20 ASP B 30 ? ASP B 130 . ? 1_555 ? 
32 AC4 20 GLY B 48 ? GLY B 148 . ? 1_555 ? 
33 AC4 20 GLY B 49 ? GLY B 149 . ? 1_555 ? 
34 AC4 20 VAL B 82 ? VAL B 182 . ? 1_555 ? 
35 AC4 20 ILE B 84 ? ILE B 184 . ? 1_555 ? 
# 
_atom_sites.entry_id                    1Z1R 
_atom_sites.fract_transf_matrix[1][1]   -0.01654120 
_atom_sites.fract_transf_matrix[1][2]   -0.00955232 
_atom_sites.fract_transf_matrix[1][3]   0.00407456 
_atom_sites.fract_transf_matrix[2][1]   -0.00532729 
_atom_sites.fract_transf_matrix[2][2]   0.00244119 
_atom_sites.fract_transf_matrix[2][3]   -0.01590375 
_atom_sites.fract_transf_matrix[3][1]   0.00692847 
_atom_sites.fract_transf_matrix[3][2]   -0.01389753 
_atom_sites.fract_transf_matrix[3][3]   -0.00445408 
_atom_sites.fract_transf_vector[1]      0.100274 
_atom_sites.fract_transf_vector[2]      0.019152 
_atom_sites.fract_transf_vector[3]      0.298670 
# 
loop_
_atom_type.symbol 
C 
N 
O 
S 
# 
loop_
_atom_site.group_PDB 
_atom_site.id 
_atom_site.type_symbol 
_atom_site.label_atom_id 
_atom_site.label_alt_id 
_atom_site.label_comp_id 
_atom_site.label_asym_id 
_atom_site.label_entity_id 
_atom_site.label_seq_id 
_atom_site.pdbx_PDB_ins_code 
_atom_site.Cartn_x 
_atom_site.Cartn_y 
_atom_site.Cartn_z 
_atom_site.occupancy 
_atom_site.B_iso_or_equiv 
_atom_site.pdbx_formal_charge 
_atom_site.auth_seq_id 
_atom_site.auth_comp_id 
_atom_site.auth_asym_id 
_atom_site.auth_atom_id 
_atom_site.pdbx_PDB_model_num 
ATOM   1    N N   . PRO A 1 1  ? 11.776  -8.057  -12.162 1.00 26.46  ? 1   PRO A N   1 
ATOM   2    C CA  . PRO A 1 1  ? 11.597  -9.407  -11.558 1.00 26.30  ? 1   PRO A CA  1 
ATOM   3    C C   . PRO A 1 1  ? 10.131  -9.693  -11.205 1.00 25.45  ? 1   PRO A C   1 
ATOM   4    O O   . PRO A 1 1  ? 9.254   -8.864  -11.456 1.00 25.70  ? 1   PRO A O   1 
ATOM   5    C CB  . PRO A 1 1  ? 12.459  -9.439  -10.306 1.00 28.76  ? 1   PRO A CB  1 
ATOM   6    C CG  . PRO A 1 1  ? 12.463  -7.935  -9.898  1.00 27.55  ? 1   PRO A CG  1 
ATOM   7    C CD  . PRO A 1 1  ? 12.539  -7.182  -11.248 1.00 27.80  ? 1   PRO A CD  1 
ATOM   8    N N   . GLN A 1 2  ? 9.872   -10.883 -10.660 1.00 25.17  ? 2   GLN A N   1 
ATOM   9    C CA  . GLN A 1 2  ? 8.530   -11.280 -10.226 1.00 23.80  ? 2   GLN A CA  1 
ATOM   10   C C   . GLN A 1 2  ? 8.654   -11.428 -8.726  1.00 23.78  ? 2   GLN A C   1 
ATOM   11   O O   . GLN A 1 2  ? 9.443   -12.238 -8.228  1.00 22.61  ? 2   GLN A O   1 
ATOM   12   C CB  . GLN A 1 2  ? 8.092   -12.607 -10.841 1.00 25.44  ? 2   GLN A CB  1 
ATOM   13   C CG  . GLN A 1 2  ? 6.814   -13.175 -10.207 1.00 29.70  ? 2   GLN A CG  1 
ATOM   14   C CD  . GLN A 1 2  ? 6.136   -14.253 -11.059 1.00 35.18  ? 2   GLN A CD  1 
ATOM   15   O OE1 . GLN A 1 2  ? 5.419   -13.950 -12.014 1.00 35.34  ? 2   GLN A OE1 1 
ATOM   16   N NE2 . GLN A 1 2  ? 6.374   -15.514 -10.717 1.00 36.47  ? 2   GLN A NE2 1 
ATOM   17   N N   . ILE A 1 3  ? 7.868   -10.625 -8.019  1.00 22.05  ? 3   ILE A N   1 
ATOM   18   C CA  . ILE A 1 3  ? 7.896   -10.577 -6.568  1.00 20.25  ? 3   ILE A CA  1 
ATOM   19   C C   . ILE A 1 3  ? 6.618   -11.135 -5.949  1.00 19.30  ? 3   ILE A C   1 
ATOM   20   O O   . ILE A 1 3  ? 5.495   -10.705 -6.277  1.00 17.36  ? 3   ILE A O   1 
ATOM   21   C CB  . ILE A 1 3  ? 8.132   -9.109  -6.120  1.00 20.70  ? 3   ILE A CB  1 
ATOM   22   C CG1 . ILE A 1 3  ? 9.478   -8.616  -6.666  1.00 22.84  ? 3   ILE A CG1 1 
ATOM   23   C CG2 . ILE A 1 3  ? 8.126   -8.994  -4.624  1.00 23.22  ? 3   ILE A CG2 1 
ATOM   24   C CD1 . ILE A 1 3  ? 9.722   -7.124  -6.475  1.00 22.80  ? 3   ILE A CD1 1 
ATOM   25   N N   . THR A 1 4  ? 6.800   -12.121 -5.074  1.00 17.68  ? 4   THR A N   1 
ATOM   26   C CA  . THR A 1 4  ? 5.688   -12.747 -4.373  1.00 17.57  ? 4   THR A CA  1 
ATOM   27   C C   . THR A 1 4  ? 5.502   -11.936 -3.106  1.00 14.89  ? 4   THR A C   1 
ATOM   28   O O   . THR A 1 4  ? 6.395   -11.194 -2.698  1.00 16.73  ? 4   THR A O   1 
ATOM   29   C CB  . THR A 1 4  ? 5.976   -14.230 -4.019  1.00 20.69  ? 4   THR A CB  1 
ATOM   30   O OG1 . THR A 1 4  ? 7.221   -14.322 -3.309  1.00 20.51  ? 4   THR A OG1 1 
ATOM   31   C CG2 . THR A 1 4  ? 6.021   -15.081 -5.294  1.00 19.53  ? 4   THR A CG2 1 
ATOM   32   N N   . LEU A 1 5  ? 4.347   -12.087 -2.479  1.00 16.40  ? 5   LEU A N   1 
ATOM   33   C CA  . LEU A 1 5  ? 4.020   -11.290 -1.309  1.00 16.18  ? 5   LEU A CA  1 
ATOM   34   C C   . LEU A 1 5  ? 3.993   -11.958 0.069   1.00 18.31  ? 5   LEU A C   1 
ATOM   35   O O   . LEU A 1 5  ? 3.346   -11.442 0.995   1.00 15.65  ? 5   LEU A O   1 
ATOM   36   C CB  . LEU A 1 5  ? 2.683   -10.606 -1.591  1.00 16.80  ? 5   LEU A CB  1 
ATOM   37   C CG  . LEU A 1 5  ? 2.774   -9.799  -2.897  1.00 15.64  ? 5   LEU A CG  1 
ATOM   38   C CD1 . LEU A 1 5  ? 1.392   -9.405  -3.372  1.00 15.37  ? 5   LEU A CD1 1 
ATOM   39   C CD2 . LEU A 1 5  ? 3.659   -8.567  -2.677  1.00 16.07  ? 5   LEU A CD2 1 
ATOM   40   N N   . TRP A 1 6  ? 4.700   -13.076 0.225   1.00 18.94  ? 6   TRP A N   1 
ATOM   41   C CA  . TRP A 1 6  ? 4.725   -13.763 1.519   1.00 21.15  ? 6   TRP A CA  1 
ATOM   42   C C   . TRP A 1 6  ? 5.520   -12.927 2.494   1.00 18.22  ? 6   TRP A C   1 
ATOM   43   O O   . TRP A 1 6  ? 5.358   -13.041 3.704   1.00 20.84  ? 6   TRP A O   1 
ATOM   44   C CB  . TRP A 1 6  ? 5.350   -15.162 1.405   1.00 24.76  ? 6   TRP A CB  1 
ATOM   45   C CG  . TRP A 1 6  ? 4.712   -15.997 0.340   1.00 30.52  ? 6   TRP A CG  1 
ATOM   46   C CD1 . TRP A 1 6  ? 5.081   -16.076 -0.980  1.00 32.12  ? 6   TRP A CD1 1 
ATOM   47   C CD2 . TRP A 1 6  ? 3.519   -16.777 0.469   1.00 29.88  ? 6   TRP A CD2 1 
ATOM   48   N NE1 . TRP A 1 6  ? 4.181   -16.851 -1.678  1.00 34.88  ? 6   TRP A NE1 1 
ATOM   49   C CE2 . TRP A 1 6  ? 3.213   -17.292 -0.811  1.00 32.26  ? 6   TRP A CE2 1 
ATOM   50   C CE3 . TRP A 1 6  ? 2.677   -17.087 1.542   1.00 30.45  ? 6   TRP A CE3 1 
ATOM   51   C CZ2 . TRP A 1 6  ? 2.098   -18.099 -1.046  1.00 35.43  ? 6   TRP A CZ2 1 
ATOM   52   C CZ3 . TRP A 1 6  ? 1.566   -17.891 1.307   1.00 32.45  ? 6   TRP A CZ3 1 
ATOM   53   C CH2 . TRP A 1 6  ? 1.289   -18.386 0.024   1.00 33.84  ? 6   TRP A CH2 1 
ATOM   54   N N   . LYS A 1 7  ? 6.380   -12.079 1.952   1.00 15.09  ? 7   LYS A N   1 
ATOM   55   C CA  . LYS A 1 7  ? 7.187   -11.179 2.761   1.00 16.61  ? 7   LYS A CA  1 
ATOM   56   C C   . LYS A 1 7  ? 6.919   -9.765  2.224   1.00 16.63  ? 7   LYS A C   1 
ATOM   57   O O   . LYS A 1 7  ? 6.470   -9.616  1.085   1.00 13.85  ? 7   LYS A O   1 
ATOM   58   C CB  . LYS A 1 7  ? 8.689   -11.537 2.623   1.00 15.40  ? 7   LYS A CB  1 
ATOM   59   N N   . ARG A 1 8  ? 7.173   -8.735  3.030   1.00 16.43  ? 8   ARG A N   1 
ATOM   60   C CA  . ARG A 1 8  ? 6.983   -7.355  2.567   1.00 16.13  ? 8   ARG A CA  1 
ATOM   61   C C   . ARG A 1 8  ? 7.863   -7.126  1.343   1.00 15.94  ? 8   ARG A C   1 
ATOM   62   O O   . ARG A 1 8  ? 9.052   -7.454  1.347   1.00 11.67  ? 8   ARG A O   1 
ATOM   63   C CB  . ARG A 1 8  ? 7.404   -6.336  3.632   1.00 17.89  ? 8   ARG A CB  1 
ATOM   64   C CG  . ARG A 1 8  ? 6.464   -6.192  4.783   1.00 21.54  ? 8   ARG A CG  1 
ATOM   65   C CD  . ARG A 1 8  ? 6.874   -4.994  5.614   1.00 28.42  ? 8   ARG A CD  1 
ATOM   66   N NE  . ARG A 1 8  ? 5.977   -4.786  6.749   1.00 35.14  ? 8   ARG A NE  1 
ATOM   67   C CZ  . ARG A 1 8  ? 5.821   -3.624  7.379   1.00 39.39  ? 8   ARG A CZ  1 
ATOM   68   N NH1 . ARG A 1 8  ? 6.501   -2.550  6.986   1.00 38.99  ? 8   ARG A NH1 1 
ATOM   69   N NH2 . ARG A 1 8  ? 4.978   -3.536  8.401   1.00 40.13  ? 8   ARG A NH2 1 
ATOM   70   N N   . PRO A 1 9  ? 7.295   -6.558  0.276   1.00 13.87  ? 9   PRO A N   1 
ATOM   71   C CA  . PRO A 1 9  ? 8.086   -6.302  -0.938  1.00 11.41  ? 9   PRO A CA  1 
ATOM   72   C C   . PRO A 1 9  ? 9.023   -5.100  -0.759  1.00 13.13  ? 9   PRO A C   1 
ATOM   73   O O   . PRO A 1 9  ? 8.765   -4.000  -1.250  1.00 13.77  ? 9   PRO A O   1 
ATOM   74   C CB  . PRO A 1 9  ? 7.013   -6.089  -2.015  1.00 9.62   ? 9   PRO A CB  1 
ATOM   75   C CG  . PRO A 1 9  ? 5.831   -5.499  -1.232  1.00 8.39   ? 9   PRO A CG  1 
ATOM   76   C CD  . PRO A 1 9  ? 5.866   -6.224  0.104   1.00 12.69  ? 9   PRO A CD  1 
ATOM   77   N N   . LEU A 1 10 ? 10.120  -5.324  -0.039  1.00 13.99  ? 10  LEU A N   1 
ATOM   78   C CA  . LEU A 1 10 ? 11.105  -4.278  0.219   1.00 17.80  ? 10  LEU A CA  1 
ATOM   79   C C   . LEU A 1 10 ? 12.209  -4.387  -0.804  1.00 17.71  ? 10  LEU A C   1 
ATOM   80   O O   . LEU A 1 10 ? 12.593  -5.489  -1.170  1.00 18.52  ? 10  LEU A O   1 
ATOM   81   C CB  . LEU A 1 10 ? 11.705  -4.441  1.614   1.00 19.70  ? 10  LEU A CB  1 
ATOM   82   C CG  . LEU A 1 10 ? 10.844  -3.995  2.802   1.00 21.97  ? 10  LEU A CG  1 
ATOM   83   C CD1 . LEU A 1 10 ? 11.454  -4.568  4.085   1.00 24.06  ? 10  LEU A CD1 1 
ATOM   84   C CD2 . LEU A 1 10 ? 10.782  -2.462  2.865   1.00 22.13  ? 10  LEU A CD2 1 
ATOM   85   N N   . VAL A 1 11 ? 12.691  -3.249  -1.296  1.00 14.95  ? 11  VAL A N   1 
ATOM   86   C CA  . VAL A 1 11 ? 13.778  -3.254  -2.262  1.00 14.07  ? 11  VAL A CA  1 
ATOM   87   C C   . VAL A 1 11 ? 14.712  -2.095  -1.966  1.00 13.06  ? 11  VAL A C   1 
ATOM   88   O O   . VAL A 1 11 ? 14.379  -1.171  -1.223  1.00 11.81  ? 11  VAL A O   1 
ATOM   89   C CB  . VAL A 1 11 ? 13.255  -3.150  -3.716  1.00 15.00  ? 11  VAL A CB  1 
ATOM   90   C CG1 . VAL A 1 11 ? 12.268  -4.277  -3.988  1.00 13.53  ? 11  VAL A CG1 1 
ATOM   91   C CG2 . VAL A 1 11 ? 12.578  -1.804  -3.956  1.00 14.58  ? 11  VAL A CG2 1 
ATOM   92   N N   . THR A 1 12 ? 15.897  -2.153  -2.543  1.00 15.02  ? 12  THR A N   1 
ATOM   93   C CA  . THR A 1 12 ? 16.869  -1.110  -2.323  1.00 15.22  ? 12  THR A CA  1 
ATOM   94   C C   . THR A 1 12 ? 16.699  -0.069  -3.408  1.00 16.40  ? 12  THR A C   1 
ATOM   95   O O   . THR A 1 12 ? 16.540  -0.400  -4.581  1.00 15.71  ? 12  THR A O   1 
ATOM   96   C CB  . THR A 1 12 ? 18.308  -1.671  -2.381  1.00 19.18  ? 12  THR A CB  1 
ATOM   97   O OG1 . THR A 1 12 ? 18.489  -2.614  -1.316  1.00 17.84  ? 12  THR A OG1 1 
ATOM   98   C CG2 . THR A 1 12 ? 19.335  -0.533  -2.246  1.00 22.36  ? 12  THR A CG2 1 
ATOM   99   N N   . ILE A 1 13 ? 16.702  1.190   -3.001  1.00 11.97  ? 13  ILE A N   1 
ATOM   100  C CA  . ILE A 1 13 ? 16.586  2.270   -3.949  1.00 13.45  ? 13  ILE A CA  1 
ATOM   101  C C   . ILE A 1 13 ? 17.764  3.180   -3.734  1.00 16.49  ? 13  ILE A C   1 
ATOM   102  O O   . ILE A 1 13 ? 18.429  3.142   -2.690  1.00 13.18  ? 13  ILE A O   1 
ATOM   103  C CB  . ILE A 1 13 ? 15.306  3.102   -3.742  1.00 12.86  ? 13  ILE A CB  1 
ATOM   104  C CG1 . ILE A 1 13 ? 15.374  3.811   -2.396  1.00 11.79  ? 13  ILE A CG1 1 
ATOM   105  C CG2 . ILE A 1 13 ? 14.069  2.193   -3.813  1.00 9.66   ? 13  ILE A CG2 1 
ATOM   106  C CD1 . ILE A 1 13 ? 14.246  4.811   -2.166  1.00 17.91  ? 13  ILE A CD1 1 
ATOM   107  N N   . ARG A 1 14 ? 18.026  4.005   -4.732  1.00 18.63  ? 14  ARG A N   1 
ATOM   108  C CA  . ARG A 1 14 ? 19.112  4.955   -4.643  1.00 21.82  ? 14  ARG A CA  1 
ATOM   109  C C   . ARG A 1 14 ? 18.484  6.318   -4.896  1.00 20.29  ? 14  ARG A C   1 
ATOM   110  O O   . ARG A 1 14 ? 17.835  6.523   -5.923  1.00 19.26  ? 14  ARG A O   1 
ATOM   111  C CB  . ARG A 1 14 ? 20.163  4.616   -5.698  1.00 26.84  ? 14  ARG A CB  1 
ATOM   112  C CG  . ARG A 1 14 ? 21.390  5.479   -5.646  1.00 33.39  ? 14  ARG A CG  1 
ATOM   113  C CD  . ARG A 1 14 ? 22.570  4.715   -6.214  1.00 38.82  ? 14  ARG A CD  1 
ATOM   114  N NE  . ARG A 1 14 ? 23.583  5.618   -6.733  1.00 44.04  ? 14  ARG A NE  1 
ATOM   115  C CZ  . ARG A 1 14 ? 23.351  6.518   -7.682  1.00 48.93  ? 14  ARG A CZ  1 
ATOM   116  N NH1 . ARG A 1 14 ? 22.139  6.637   -8.212  1.00 48.80  ? 14  ARG A NH1 1 
ATOM   117  N NH2 . ARG A 1 14 ? 24.340  7.288   -8.121  1.00 53.93  ? 14  ARG A NH2 1 
ATOM   118  N N   . ILE A 1 15 ? 18.643  7.230   -3.941  1.00 17.71  ? 15  ILE A N   1 
ATOM   119  C CA  . ILE A 1 15 ? 18.085  8.567   -4.052  1.00 18.41  ? 15  ILE A CA  1 
ATOM   120  C C   . ILE A 1 15 ? 19.074  9.546   -3.416  1.00 21.81  ? 15  ILE A C   1 
ATOM   121  O O   . ILE A 1 15 ? 19.716  9.218   -2.413  1.00 21.84  ? 15  ILE A O   1 
ATOM   122  C CB  . ILE A 1 15 ? 16.693  8.634   -3.347  1.00 17.59  ? 15  ILE A CB  1 
ATOM   123  C CG1 . ILE A 1 15 ? 16.127  10.053  -3.432  1.00 19.37  ? 15  ILE A CG1 1 
ATOM   124  C CG2 . ILE A 1 15 ? 16.812  8.138   -1.910  1.00 18.46  ? 15  ILE A CG2 1 
ATOM   125  C CD1 . ILE A 1 15 ? 14.758  10.212  -2.810  1.00 21.30  ? 15  ILE A CD1 1 
ATOM   126  N N   . GLY A 1 16 ? 19.218  10.728  -4.017  1.00 21.32  ? 16  GLY A N   1 
ATOM   127  C CA  . GLY A 1 16 ? 20.150  11.717  -3.504  1.00 24.40  ? 16  GLY A CA  1 
ATOM   128  C C   . GLY A 1 16 ? 21.572  11.176  -3.410  1.00 26.89  ? 16  GLY A C   1 
ATOM   129  O O   . GLY A 1 16 ? 22.379  11.690  -2.641  1.00 28.66  ? 16  GLY A O   1 
ATOM   130  N N   . GLY A 1 17 ? 21.872  10.132  -4.187  1.00 29.48  ? 17  GLY A N   1 
ATOM   131  C CA  . GLY A 1 17 ? 23.196  9.529   -4.186  1.00 28.32  ? 17  GLY A CA  1 
ATOM   132  C C   . GLY A 1 17 ? 23.407  8.512   -3.080  1.00 28.93  ? 17  GLY A C   1 
ATOM   133  O O   . GLY A 1 17 ? 24.482  7.945   -2.945  1.00 30.48  ? 17  GLY A O   1 
ATOM   134  N N   . GLN A 1 18 ? 22.360  8.268   -2.304  1.00 28.19  ? 18  GLN A N   1 
ATOM   135  C CA  . GLN A 1 18 ? 22.409  7.350   -1.177  1.00 28.50  ? 18  GLN A CA  1 
ATOM   136  C C   . GLN A 1 18 ? 21.452  6.153   -1.324  1.00 26.19  ? 18  GLN A C   1 
ATOM   137  O O   . GLN A 1 18 ? 20.432  6.244   -2.010  1.00 26.97  ? 18  GLN A O   1 
ATOM   138  C CB  . GLN A 1 18 ? 22.066  8.153   0.070   1.00 31.21  ? 18  GLN A CB  1 
ATOM   139  C CG  . GLN A 1 18 ? 21.855  7.353   1.313   1.00 42.25  ? 18  GLN A CG  1 
ATOM   140  C CD  . GLN A 1 18 ? 21.575  8.246   2.506   1.00 47.82  ? 18  GLN A CD  1 
ATOM   141  O OE1 . GLN A 1 18 ? 20.554  8.944   2.552   1.00 50.82  ? 18  GLN A OE1 1 
ATOM   142  N NE2 . GLN A 1 18 ? 22.488  8.241   3.477   1.00 50.31  ? 18  GLN A NE2 1 
ATOM   143  N N   . LEU A 1 19 ? 21.783  5.040   -0.680  1.00 21.16  ? 19  LEU A N   1 
ATOM   144  C CA  . LEU A 1 19 ? 20.950  3.834   -0.731  1.00 22.37  ? 19  LEU A CA  1 
ATOM   145  C C   . LEU A 1 19 ? 20.005  3.743   0.456   1.00 20.85  ? 19  LEU A C   1 
ATOM   146  O O   . LEU A 1 19 ? 20.402  4.006   1.585   1.00 20.80  ? 19  LEU A O   1 
ATOM   147  C CB  . LEU A 1 19 ? 21.810  2.568   -0.722  1.00 24.01  ? 19  LEU A CB  1 
ATOM   148  C CG  . LEU A 1 19 ? 22.595  2.170   -1.959  1.00 28.43  ? 19  LEU A CG  1 
ATOM   149  C CD1 . LEU A 1 19 ? 23.505  3.296   -2.400  1.00 29.90  ? 19  LEU A CD1 1 
ATOM   150  C CD2 . LEU A 1 19 ? 23.394  0.931   -1.622  1.00 27.50  ? 19  LEU A CD2 1 
ATOM   151  N N   . LYS A 1 20 ? 18.761  3.349   0.196   1.00 18.55  ? 20  LYS A N   1 
ATOM   152  C CA  . LYS A 1 20 ? 17.745  3.200   1.238   1.00 18.85  ? 20  LYS A CA  1 
ATOM   153  C C   . LYS A 1 20 ? 16.876  1.998   0.880   1.00 17.52  ? 20  LYS A C   1 
ATOM   154  O O   . LYS A 1 20 ? 16.863  1.554   -0.270  1.00 17.79  ? 20  LYS A O   1 
ATOM   155  C CB  . LYS A 1 20 ? 16.824  4.427   1.292   1.00 18.32  ? 20  LYS A CB  1 
ATOM   156  C CG  . LYS A 1 20 ? 17.504  5.760   1.497   1.00 24.78  ? 20  LYS A CG  1 
ATOM   157  C CD  . LYS A 1 20 ? 17.610  6.096   2.967   1.00 30.06  ? 20  LYS A CD  1 
ATOM   158  C CE  . LYS A 1 20 ? 17.226  7.541   3.199   1.00 31.70  ? 20  LYS A CE  1 
ATOM   159  N NZ  . LYS A 1 20 ? 17.627  7.949   4.561   1.00 38.82  ? 20  LYS A NZ  1 
ATOM   160  N N   . GLU A 1 21 ? 16.151  1.484   1.871   1.00 16.66  ? 21  GLU A N   1 
ATOM   161  C CA  . GLU A 1 21 ? 15.228  0.369   1.675   1.00 16.40  ? 21  GLU A CA  1 
ATOM   162  C C   . GLU A 1 21 ? 13.829  0.991   1.599   1.00 15.94  ? 21  GLU A C   1 
ATOM   163  O O   . GLU A 1 21 ? 13.524  1.916   2.344   1.00 16.14  ? 21  GLU A O   1 
ATOM   164  C CB  . GLU A 1 21 ? 15.278  -0.586  2.866   0.50 16.05  ? 21  GLU A CB  1 
ATOM   165  C CG  . GLU A 1 21 ? 16.466  -1.519  2.907   0.50 20.45  ? 21  GLU A CG  1 
ATOM   166  C CD  . GLU A 1 21 ? 16.125  -2.890  2.381   0.50 23.61  ? 21  GLU A CD  1 
ATOM   167  O OE1 . GLU A 1 21 ? 16.249  -3.110  1.157   0.50 21.75  ? 21  GLU A OE1 1 
ATOM   168  O OE2 . GLU A 1 21 ? 15.709  -3.743  3.201   0.50 24.30  ? 21  GLU A OE2 1 
ATOM   169  N N   . ALA A 1 22 ? 12.984  0.506   0.695   1.00 14.88  ? 22  ALA A N   1 
ATOM   170  C CA  . ALA A 1 22 ? 11.626  1.039   0.594   1.00 13.46  ? 22  ALA A CA  1 
ATOM   171  C C   . ALA A 1 22 ? 10.666  -0.066  0.193   1.00 13.30  ? 22  ALA A C   1 
ATOM   172  O O   . ALA A 1 22 ? 11.048  -1.066  -0.421  1.00 13.89  ? 22  ALA A O   1 
ATOM   173  C CB  . ALA A 1 22 ? 11.558  2.189   -0.407  1.00 11.60  ? 22  ALA A CB  1 
ATOM   174  N N   . LEU A 1 23 ? 9.408   0.126   0.538   1.00 7.97   ? 23  LEU A N   1 
ATOM   175  C CA  . LEU A 1 23 ? 8.362   -0.837  0.262   1.00 11.38  ? 23  LEU A CA  1 
ATOM   176  C C   . LEU A 1 23 ? 7.616   -0.483  -1.035  1.00 12.85  ? 23  LEU A C   1 
ATOM   177  O O   . LEU A 1 23 ? 7.199   0.668   -1.220  1.00 11.28  ? 23  LEU A O   1 
ATOM   178  C CB  . LEU A 1 23 ? 7.394   -0.817  1.449   1.00 12.54  ? 23  LEU A CB  1 
ATOM   179  C CG  . LEU A 1 23 ? 6.168   -1.714  1.603   1.00 14.81  ? 23  LEU A CG  1 
ATOM   180  C CD1 . LEU A 1 23 ? 6.599   -3.174  1.651   1.00 18.38  ? 23  LEU A CD1 1 
ATOM   181  C CD2 . LEU A 1 23 ? 5.473   -1.341  2.931   1.00 17.01  ? 23  LEU A CD2 1 
ATOM   182  N N   . LEU A 1 24 ? 7.460   -1.465  -1.929  1.00 10.22  ? 24  LEU A N   1 
ATOM   183  C CA  . LEU A 1 24 ? 6.720   -1.255  -3.176  1.00 9.82   ? 24  LEU A CA  1 
ATOM   184  C C   . LEU A 1 24 ? 5.270   -1.274  -2.708  1.00 10.81  ? 24  LEU A C   1 
ATOM   185  O O   . LEU A 1 24 ? 4.745   -2.313  -2.293  1.00 11.04  ? 24  LEU A O   1 
ATOM   186  C CB  . LEU A 1 24 ? 6.999   -2.395  -4.156  1.00 8.60   ? 24  LEU A CB  1 
ATOM   187  C CG  . LEU A 1 24 ? 8.480   -2.520  -4.526  1.00 12.17  ? 24  LEU A CG  1 
ATOM   188  C CD1 . LEU A 1 24 ? 8.685   -3.736  -5.447  1.00 13.07  ? 24  LEU A CD1 1 
ATOM   189  C CD2 . LEU A 1 24 ? 8.957   -1.221  -5.191  1.00 11.80  ? 24  LEU A CD2 1 
ATOM   190  N N   . ASP A 1 25 ? 4.619   -0.122  -2.800  1.00 8.53   ? 25  ASP A N   1 
ATOM   191  C CA  . ASP A 1 25 ? 3.269   0.052   -2.257  1.00 10.56  ? 25  ASP A CA  1 
ATOM   192  C C   . ASP A 1 25 ? 2.198   0.384   -3.297  1.00 8.87   ? 25  ASP A C   1 
ATOM   193  O O   . ASP A 1 25 ? 1.973   1.549   -3.608  1.00 9.08   ? 25  ASP A O   1 
ATOM   194  C CB  . ASP A 1 25 ? 3.364   1.186   -1.209  1.00 8.73   ? 25  ASP A CB  1 
ATOM   195  C CG  . ASP A 1 25 ? 2.173   1.261   -0.294  1.00 10.19  ? 25  ASP A CG  1 
ATOM   196  O OD1 . ASP A 1 25 ? 1.095   0.734   -0.630  1.00 9.66   ? 25  ASP A OD1 1 
ATOM   197  O OD2 . ASP A 1 25 ? 2.332   1.871   0.782   1.00 14.79  ? 25  ASP A OD2 1 
ATOM   198  N N   . THR A 1 26 ? 1.504   -0.621  -3.808  1.00 7.30   ? 26  THR A N   1 
ATOM   199  C CA  . THR A 1 26 ? 0.493   -0.340  -4.817  1.00 6.89   ? 26  THR A CA  1 
ATOM   200  C C   . THR A 1 26 ? -0.706  0.404   -4.235  1.00 6.66   ? 26  THR A C   1 
ATOM   201  O O   . THR A 1 26 ? -1.503  0.956   -4.980  1.00 9.41   ? 26  THR A O   1 
ATOM   202  C CB  . THR A 1 26 ? -0.010  -1.622  -5.477  1.00 6.96   ? 26  THR A CB  1 
ATOM   203  O OG1 . THR A 1 26 ? -0.562  -2.471  -4.465  1.00 5.85   ? 26  THR A OG1 1 
ATOM   204  C CG2 . THR A 1 26 ? 1.135   -2.340  -6.217  1.00 7.90   ? 26  THR A CG2 1 
ATOM   205  N N   . GLY A 1 27 ? -0.840  0.408   -2.913  1.00 6.88   ? 27  GLY A N   1 
ATOM   206  C CA  . GLY A 1 27 ? -1.943  1.101   -2.264  1.00 8.14   ? 27  GLY A CA  1 
ATOM   207  C C   . GLY A 1 27 ? -1.623  2.554   -1.943  1.00 9.95   ? 27  GLY A C   1 
ATOM   208  O O   . GLY A 1 27 ? -2.412  3.249   -1.286  1.00 12.97  ? 27  GLY A O   1 
ATOM   209  N N   . ALA A 1 28 ? -0.473  3.032   -2.414  1.00 4.92   ? 28  ALA A N   1 
ATOM   210  C CA  . ALA A 1 28 ? -0.064  4.408   -2.159  1.00 9.02   ? 28  ALA A CA  1 
ATOM   211  C C   . ALA A 1 28 ? -0.066  5.259   -3.434  1.00 9.49   ? 28  ALA A C   1 
ATOM   212  O O   . ALA A 1 28 ? 0.531   4.884   -4.450  1.00 8.96   ? 28  ALA A O   1 
ATOM   213  C CB  . ALA A 1 28 ? 1.344   4.439   -1.514  1.00 8.40   ? 28  ALA A CB  1 
ATOM   214  N N   . ASP A 1 29 ? -0.726  6.408   -3.392  1.00 7.77   ? 29  ASP A N   1 
ATOM   215  C CA  . ASP A 1 29 ? -0.727  7.262   -4.582  1.00 11.49  ? 29  ASP A CA  1 
ATOM   216  C C   . ASP A 1 29 ? 0.637   7.891   -4.808  1.00 10.16  ? 29  ASP A C   1 
ATOM   217  O O   . ASP A 1 29 ? 1.069   8.093   -5.948  1.00 7.82   ? 29  ASP A O   1 
ATOM   218  C CB  . ASP A 1 29 ? -1.712  8.416   -4.446  1.00 11.28  ? 29  ASP A CB  1 
ATOM   219  C CG  . ASP A 1 29 ? -3.139  7.963   -4.375  1.00 14.26  ? 29  ASP A CG  1 
ATOM   220  O OD1 . ASP A 1 29 ? -3.463  6.840   -4.825  1.00 14.86  ? 29  ASP A OD1 1 
ATOM   221  O OD2 . ASP A 1 29 ? -3.943  8.765   -3.878  1.00 17.75  ? 29  ASP A OD2 1 
ATOM   222  N N   . ASP A 1 30 ? 1.305   8.201   -3.705  1.00 7.70   ? 30  ASP A N   1 
ATOM   223  C CA  . ASP A 1 30 ? 2.579   8.899   -3.746  1.00 10.94  ? 30  ASP A CA  1 
ATOM   224  C C   . ASP A 1 30 ? 3.749   8.104   -3.221  1.00 8.86   ? 30  ASP A C   1 
ATOM   225  O O   . ASP A 1 30 ? 3.586   7.022   -2.650  1.00 9.21   ? 30  ASP A O   1 
ATOM   226  C CB  . ASP A 1 30 ? 2.474   10.191  -2.910  1.00 13.36  ? 30  ASP A CB  1 
ATOM   227  C CG  . ASP A 1 30 ? 1.202   10.972  -3.189  1.00 13.64  ? 30  ASP A CG  1 
ATOM   228  O OD1 . ASP A 1 30 ? 0.992   11.365  -4.342  1.00 13.87  ? 30  ASP A OD1 1 
ATOM   229  O OD2 . ASP A 1 30 ? 0.407   11.191  -2.254  1.00 18.97  ? 30  ASP A OD2 1 
ATOM   230  N N   . THR A 1 31 ? 4.929   8.665   -3.437  1.00 5.86   ? 31  THR A N   1 
ATOM   231  C CA  . THR A 1 31 ? 6.180   8.109   -2.950  1.00 7.17   ? 31  THR A CA  1 
ATOM   232  C C   . THR A 1 31 ? 6.555   9.003   -1.763  1.00 9.22   ? 31  THR A C   1 
ATOM   233  O O   . THR A 1 31 ? 6.711   10.229  -1.901  1.00 10.84  ? 31  THR A O   1 
ATOM   234  C CB  . THR A 1 31 ? 7.264   8.132   -4.057  1.00 5.49   ? 31  THR A CB  1 
ATOM   235  O OG1 . THR A 1 31 ? 6.917   7.162   -5.068  1.00 7.45   ? 31  THR A OG1 1 
ATOM   236  C CG2 . THR A 1 31 ? 8.657   7.818   -3.471  1.00 4.64   ? 31  THR A CG2 1 
ATOM   237  N N   . VAL A 1 32 ? 6.666   8.385   -0.587  1.00 10.14  ? 32  VAL A N   1 
ATOM   238  C CA  . VAL A 1 32 ? 6.967   9.108   0.648   1.00 10.33  ? 32  VAL A CA  1 
ATOM   239  C C   . VAL A 1 32 ? 8.214   8.534   1.290   1.00 10.54  ? 32  VAL A C   1 
ATOM   240  O O   . VAL A 1 32 ? 8.307   7.336   1.518   1.00 12.14  ? 32  VAL A O   1 
ATOM   241  C CB  . VAL A 1 32 ? 5.768   9.025   1.629   1.00 11.67  ? 32  VAL A CB  1 
ATOM   242  C CG1 . VAL A 1 32 ? 6.004   9.911   2.845   1.00 8.07   ? 32  VAL A CG1 1 
ATOM   243  C CG2 . VAL A 1 32 ? 4.485   9.441   0.897   1.00 13.58  ? 32  VAL A CG2 1 
ATOM   244  N N   . ILE A 1 33 ? 9.181   9.400   1.557   1.00 10.10  ? 33  ILE A N   1 
ATOM   245  C CA  . ILE A 1 33 ? 10.456  8.982   2.130   1.00 11.23  ? 33  ILE A CA  1 
ATOM   246  C C   . ILE A 1 33 ? 10.660  9.590   3.510   1.00 12.31  ? 33  ILE A C   1 
ATOM   247  O O   . ILE A 1 33 ? 10.220  10.702  3.776   1.00 12.85  ? 33  ILE A O   1 
ATOM   248  C CB  . ILE A 1 33 ? 11.627  9.434   1.203   1.00 11.09  ? 33  ILE A CB  1 
ATOM   249  C CG1 . ILE A 1 33 ? 11.416  8.850   -0.193  1.00 16.80  ? 33  ILE A CG1 1 
ATOM   250  C CG2 . ILE A 1 33 ? 12.979  8.980   1.751   1.00 16.39  ? 33  ILE A CG2 1 
ATOM   251  C CD1 . ILE A 1 33 ? 11.371  7.334   -0.230  1.00 15.19  ? 33  ILE A CD1 1 
ATOM   252  N N   . GLU A 1 34 ? 11.342  8.854   4.378   1.00 13.79  ? 34  GLU A N   1 
ATOM   253  C CA  . GLU A 1 34 ? 11.625  9.321   5.723   1.00 17.79  ? 34  GLU A CA  1 
ATOM   254  C C   . GLU A 1 34 ? 12.447  10.586  5.579   1.00 21.37  ? 34  GLU A C   1 
ATOM   255  O O   . GLU A 1 34 ? 13.211  10.737  4.617   1.00 21.64  ? 34  GLU A O   1 
ATOM   256  C CB  . GLU A 1 34 ? 12.425  8.275   6.485   1.00 18.91  ? 34  GLU A CB  1 
ATOM   257  C CG  . GLU A 1 34 ? 13.725  7.882   5.783   1.00 26.12  ? 34  GLU A CG  1 
ATOM   258  C CD  . GLU A 1 34 ? 14.335  6.607   6.354   1.00 30.79  ? 34  GLU A CD  1 
ATOM   259  O OE1 . GLU A 1 34 ? 15.253  6.037   5.709   1.00 30.34  ? 34  GLU A OE1 1 
ATOM   260  O OE2 . GLU A 1 34 ? 13.892  6.182   7.445   1.00 30.84  ? 34  GLU A OE2 1 
ATOM   261  N N   . GLU A 1 35 ? 12.291  11.485  6.546   1.00 23.38  ? 35  GLU A N   1 
ATOM   262  C CA  . GLU A 1 35 ? 12.982  12.760  6.531   1.00 26.15  ? 35  GLU A CA  1 
ATOM   263  C C   . GLU A 1 35 ? 14.467  12.589  6.253   1.00 26.50  ? 35  GLU A C   1 
ATOM   264  O O   . GLU A 1 35 ? 15.136  11.769  6.868   1.00 27.04  ? 35  GLU A O   1 
ATOM   265  C CB  A GLU A 1 35 ? 12.746  13.489  7.856   0.50 27.11  ? 35  GLU A CB  1 
ATOM   266  C CB  B GLU A 1 35 ? 12.775  13.491  7.867   0.50 27.53  ? 35  GLU A CB  1 
ATOM   267  C CG  A GLU A 1 35 ? 11.304  13.965  8.004   0.50 28.51  ? 35  GLU A CG  1 
ATOM   268  C CG  B GLU A 1 35 ? 12.630  15.015  7.735   0.50 29.33  ? 35  GLU A CG  1 
ATOM   269  C CD  A GLU A 1 35 ? 11.014  14.576  9.354   0.50 30.41  ? 35  GLU A CD  1 
ATOM   270  C CD  B GLU A 1 35 ? 13.959  15.740  7.579   0.50 31.75  ? 35  GLU A CD  1 
ATOM   271  O OE1 A GLU A 1 35 ? 11.577  15.644  9.666   0.50 31.83  ? 35  GLU A OE1 1 
ATOM   272  O OE1 B GLU A 1 35 ? 14.673  15.910  8.595   0.50 31.76  ? 35  GLU A OE1 1 
ATOM   273  O OE2 A GLU A 1 35 ? 10.216  13.984  10.108  0.50 32.10  ? 35  GLU A OE2 1 
ATOM   274  O OE2 B GLU A 1 35 ? 14.290  16.137  6.439   0.50 33.36  ? 35  GLU A OE2 1 
ATOM   275  N N   . MET A 1 36 ? 14.954  13.354  5.283   1.00 26.97  ? 36  MET A N   1 
ATOM   276  C CA  . MET A 1 36 ? 16.357  13.332  4.890   1.00 28.07  ? 36  MET A CA  1 
ATOM   277  C C   . MET A 1 36 ? 16.638  14.599  4.088   1.00 29.24  ? 36  MET A C   1 
ATOM   278  O O   . MET A 1 36 ? 15.714  15.340  3.725   1.00 26.30  ? 36  MET A O   1 
ATOM   279  C CB  . MET A 1 36 ? 16.662  12.097  4.020   1.00 26.87  ? 36  MET A CB  1 
ATOM   280  C CG  . MET A 1 36 ? 16.008  12.114  2.647   1.00 29.00  ? 36  MET A CG  1 
ATOM   281  S SD  . MET A 1 36 ? 16.369  10.674  1.603   1.00 32.44  ? 36  MET A SD  1 
ATOM   282  C CE  . MET A 1 36 ? 17.889  11.176  0.803   1.00 34.58  ? 36  MET A CE  1 
ATOM   283  N N   . ASN A 1 37 ? 17.910  14.859  3.823   1.00 31.65  ? 37  ASN A N   1 
ATOM   284  C CA  . ASN A 1 37 ? 18.261  16.028  3.030   1.00 35.06  ? 37  ASN A CA  1 
ATOM   285  C C   . ASN A 1 37 ? 18.357  15.638  1.566   1.00 33.35  ? 37  ASN A C   1 
ATOM   286  O O   . ASN A 1 37 ? 19.102  14.728  1.203   1.00 35.24  ? 37  ASN A O   1 
ATOM   287  C CB  . ASN A 1 37 ? 19.601  16.622  3.465   1.00 39.05  ? 37  ASN A CB  1 
ATOM   288  C CG  . ASN A 1 37 ? 19.480  17.488  4.697   1.00 44.78  ? 37  ASN A CG  1 
ATOM   289  O OD1 . ASN A 1 37 ? 18.503  18.236  4.862   1.00 48.05  ? 37  ASN A OD1 1 
ATOM   290  N ND2 . ASN A 1 37 ? 20.482  17.411  5.568   1.00 46.97  ? 37  ASN A ND2 1 
ATOM   291  N N   . LEU A 1 38 ? 17.576  16.312  0.736   1.00 30.92  ? 38  LEU A N   1 
ATOM   292  C CA  . LEU A 1 38 ? 17.598  16.082  -0.697  1.00 30.32  ? 38  LEU A CA  1 
ATOM   293  C C   . LEU A 1 38 ? 17.901  17.439  -1.286  1.00 31.28  ? 38  LEU A C   1 
ATOM   294  O O   . LEU A 1 38 ? 17.425  18.460  -0.788  1.00 31.09  ? 38  LEU A O   1 
ATOM   295  C CB  . LEU A 1 38 ? 16.238  15.621  -1.216  1.00 26.94  ? 38  LEU A CB  1 
ATOM   296  C CG  . LEU A 1 38 ? 15.899  14.141  -1.151  1.00 28.09  ? 38  LEU A CG  1 
ATOM   297  C CD1 . LEU A 1 38 ? 14.476  13.947  -1.667  1.00 23.57  ? 38  LEU A CD1 1 
ATOM   298  C CD2 . LEU A 1 38 ? 16.890  13.349  -1.988  1.00 26.67  ? 38  LEU A CD2 1 
ATOM   299  N N   . PRO A 1 39 ? 18.719  17.477  -2.344  1.00 33.94  ? 39  PRO A N   1 
ATOM   300  C CA  . PRO A 1 39 ? 19.017  18.782  -2.931  1.00 32.98  ? 39  PRO A CA  1 
ATOM   301  C C   . PRO A 1 39 ? 17.812  19.340  -3.690  1.00 32.78  ? 39  PRO A C   1 
ATOM   302  O O   . PRO A 1 39 ? 16.928  18.594  -4.123  1.00 34.12  ? 39  PRO A O   1 
ATOM   303  C CB  . PRO A 1 39 ? 20.221  18.491  -3.835  1.00 33.76  ? 39  PRO A CB  1 
ATOM   304  C CG  . PRO A 1 39 ? 20.008  17.055  -4.239  1.00 35.18  ? 39  PRO A CG  1 
ATOM   305  C CD  . PRO A 1 39 ? 19.526  16.404  -2.958  1.00 33.40  ? 39  PRO A CD  1 
ATOM   306  N N   . GLY A 1 40 ? 17.772  20.659  -3.821  1.00 32.41  ? 40  GLY A N   1 
ATOM   307  C CA  . GLY A 1 40 ? 16.691  21.295  -4.544  1.00 32.06  ? 40  GLY A CA  1 
ATOM   308  C C   . GLY A 1 40 ? 15.673  21.974  -3.659  1.00 33.09  ? 40  GLY A C   1 
ATOM   309  O O   . GLY A 1 40 ? 15.686  21.829  -2.436  1.00 33.84  ? 40  GLY A O   1 
ATOM   310  N N   . LYS A 1 41 ? 14.791  22.735  -4.291  1.00 31.95  ? 41  LYS A N   1 
ATOM   311  C CA  . LYS A 1 41 ? 13.734  23.430  -3.582  1.00 31.41  ? 41  LYS A CA  1 
ATOM   312  C C   . LYS A 1 41 ? 12.590  22.442  -3.314  1.00 30.44  ? 41  LYS A C   1 
ATOM   313  O O   . LYS A 1 41 ? 12.416  21.453  -4.034  1.00 29.86  ? 41  LYS A O   1 
ATOM   314  C CB  . LYS A 1 41 ? 13.226  24.601  -4.422  1.00 32.26  ? 41  LYS A CB  1 
ATOM   315  N N   . TRP A 1 42 ? 11.822  22.706  -2.266  1.00 27.05  ? 42  TRP A N   1 
ATOM   316  C CA  . TRP A 1 42 ? 10.690  21.861  -1.932  1.00 23.66  ? 42  TRP A CA  1 
ATOM   317  C C   . TRP A 1 42 ? 9.529   22.753  -1.533  1.00 22.79  ? 42  TRP A C   1 
ATOM   318  O O   . TRP A 1 42 ? 9.732   23.898  -1.119  1.00 24.40  ? 42  TRP A O   1 
ATOM   319  C CB  . TRP A 1 42 ? 11.037  20.912  -0.786  1.00 22.08  ? 42  TRP A CB  1 
ATOM   320  C CG  . TRP A 1 42 ? 11.500  21.612  0.442   1.00 20.70  ? 42  TRP A CG  1 
ATOM   321  C CD1 . TRP A 1 42 ? 12.790  21.896  0.781   1.00 20.74  ? 42  TRP A CD1 1 
ATOM   322  C CD2 . TRP A 1 42 ? 10.678  22.130  1.498   1.00 21.71  ? 42  TRP A CD2 1 
ATOM   323  N NE1 . TRP A 1 42 ? 12.827  22.558  1.989   1.00 22.05  ? 42  TRP A NE1 1 
ATOM   324  C CE2 . TRP A 1 42 ? 11.545  22.717  2.450   1.00 22.93  ? 42  TRP A CE2 1 
ATOM   325  C CE3 . TRP A 1 42 ? 9.294   22.160  1.730   1.00 23.40  ? 42  TRP A CE3 1 
ATOM   326  C CZ2 . TRP A 1 42 ? 11.072  23.330  3.630   1.00 22.11  ? 42  TRP A CZ2 1 
ATOM   327  C CZ3 . TRP A 1 42 ? 8.818   22.772  2.905   1.00 24.26  ? 42  TRP A CZ3 1 
ATOM   328  C CH2 . TRP A 1 42 ? 9.711   23.349  3.838   1.00 25.22  ? 42  TRP A CH2 1 
ATOM   329  N N   . LYS A 1 43 ? 8.318   22.233  -1.672  1.00 20.01  ? 43  LYS A N   1 
ATOM   330  C CA  . LYS A 1 43 ? 7.123   22.981  -1.326  1.00 20.63  ? 43  LYS A CA  1 
ATOM   331  C C   . LYS A 1 43 ? 6.370   22.215  -0.247  1.00 21.06  ? 43  LYS A C   1 
ATOM   332  O O   . LYS A 1 43 ? 6.333   20.982  -0.255  1.00 18.78  ? 43  LYS A O   1 
ATOM   333  C CB  . LYS A 1 43 ? 6.232   23.171  -2.574  1.00 20.08  ? 43  LYS A CB  1 
ATOM   334  N N   . PRO A 1 44 ? 5.775   22.935  0.710   1.00 21.07  ? 44  PRO A N   1 
ATOM   335  C CA  . PRO A 1 44 ? 5.029   22.253  1.777   1.00 20.89  ? 44  PRO A CA  1 
ATOM   336  C C   . PRO A 1 44 ? 3.780   21.600  1.192   1.00 17.92  ? 44  PRO A C   1 
ATOM   337  O O   . PRO A 1 44 ? 3.129   22.185  0.329   1.00 17.45  ? 44  PRO A O   1 
ATOM   338  C CB  . PRO A 1 44 ? 4.670   23.392  2.739   1.00 21.26  ? 44  PRO A CB  1 
ATOM   339  C CG  . PRO A 1 44 ? 5.713   24.452  2.443   1.00 22.74  ? 44  PRO A CG  1 
ATOM   340  C CD  . PRO A 1 44 ? 5.842   24.385  0.954   1.00 21.66  ? 44  PRO A CD  1 
ATOM   341  N N   . LYS A 1 45 ? 3.451   20.397  1.660   1.00 14.27  ? 45  LYS A N   1 
ATOM   342  C CA  . LYS A 1 45 ? 2.264   19.687  1.198   1.00 15.60  ? 45  LYS A CA  1 
ATOM   343  C C   . LYS A 1 45 ? 1.735   18.813  2.333   1.00 15.73  ? 45  LYS A C   1 
ATOM   344  O O   . LYS A 1 45 ? 2.436   18.541  3.306   1.00 15.74  ? 45  LYS A O   1 
ATOM   345  C CB  . LYS A 1 45 ? 2.596   18.811  -0.016  1.00 18.43  ? 45  LYS A CB  1 
ATOM   346  N N   . MET A 1 46 ? 0.482   18.403  2.210   1.00 15.69  ? 46  MET A N   1 
ATOM   347  C CA  . MET A 1 46 ? -0.134  17.546  3.201   1.00 19.42  ? 46  MET A CA  1 
ATOM   348  C C   . MET A 1 46 ? -0.712  16.344  2.497   1.00 17.39  ? 46  MET A C   1 
ATOM   349  O O   . MET A 1 46 ? -1.415  16.488  1.491   1.00 18.10  ? 46  MET A O   1 
ATOM   350  C CB  . MET A 1 46 ? -1.247  18.281  3.955   1.00 19.89  ? 46  MET A CB  1 
ATOM   351  C CG  . MET A 1 46 ? -0.717  19.171  5.071   1.00 29.28  ? 46  MET A CG  1 
ATOM   352  S SD  . MET A 1 46 ? -2.032  20.102  5.874   1.00 36.42  ? 46  MET A SD  1 
ATOM   353  C CE  . MET A 1 46 ? -2.870  18.804  6.785   1.00 32.04  ? 46  MET A CE  1 
ATOM   354  N N   . ILE A 1 47 ? -0.407  15.157  3.013   1.00 14.27  ? 47  ILE A N   1 
ATOM   355  C CA  . ILE A 1 47 ? -0.932  13.927  2.428   1.00 15.46  ? 47  ILE A CA  1 
ATOM   356  C C   . ILE A 1 47 ? -1.610  13.123  3.529   1.00 14.94  ? 47  ILE A C   1 
ATOM   357  O O   . ILE A 1 47 ? -1.301  13.281  4.714   1.00 12.30  ? 47  ILE A O   1 
ATOM   358  C CB  . ILE A 1 47 ? 0.187   13.068  1.781   1.00 15.34  ? 47  ILE A CB  1 
ATOM   359  C CG1 . ILE A 1 47 ? 1.245   12.693  2.828   1.00 14.26  ? 47  ILE A CG1 1 
ATOM   360  C CG2 . ILE A 1 47 ? 0.796   13.820  0.634   1.00 18.17  ? 47  ILE A CG2 1 
ATOM   361  C CD1 . ILE A 1 47 ? 2.288   11.713  2.336   1.00 15.39  ? 47  ILE A CD1 1 
ATOM   362  N N   . GLY A 1 48 ? -2.529  12.254  3.131   1.00 12.25  ? 48  GLY A N   1 
ATOM   363  C CA  . GLY A 1 48 ? -3.234  11.456  4.105   1.00 14.50  ? 48  GLY A CA  1 
ATOM   364  C C   . GLY A 1 48 ? -2.913  9.983   4.023   1.00 15.02  ? 48  GLY A C   1 
ATOM   365  O O   . GLY A 1 48 ? -2.477  9.472   2.984   1.00 15.85  ? 48  GLY A O   1 
ATOM   366  N N   . GLY A 1 49 ? -3.126  9.304   5.142   1.00 13.92  ? 49  GLY A N   1 
ATOM   367  C CA  . GLY A 1 49 ? -2.879  7.877   5.212   1.00 15.79  ? 49  GLY A CA  1 
ATOM   368  C C   . GLY A 1 49 ? -4.007  7.258   6.001   1.00 16.35  ? 49  GLY A C   1 
ATOM   369  O O   . GLY A 1 49 ? -5.077  7.857   6.141   1.00 16.96  ? 49  GLY A O   1 
ATOM   370  N N   . ILE A 1 50 ? -3.756  6.074   6.542   1.00 16.13  ? 50  ILE A N   1 
ATOM   371  C CA  . ILE A 1 50 ? -4.751  5.344   7.312   1.00 19.98  ? 50  ILE A CA  1 
ATOM   372  C C   . ILE A 1 50 ? -5.164  6.079   8.584   1.00 18.36  ? 50  ILE A C   1 
ATOM   373  O O   . ILE A 1 50 ? -6.332  6.048   8.970   1.00 19.76  ? 50  ILE A O   1 
ATOM   374  C CB  . ILE A 1 50 ? -4.208  3.922   7.686   1.00 21.06  ? 50  ILE A CB  1 
ATOM   375  C CG1 . ILE A 1 50 ? -5.212  2.842   7.283   1.00 26.33  ? 50  ILE A CG1 1 
ATOM   376  C CG2 . ILE A 1 50 ? -3.860  3.846   9.155   1.00 24.13  ? 50  ILE A CG2 1 
ATOM   377  C CD1 . ILE A 1 50 ? -6.588  3.096   7.720   1.00 25.30  ? 50  ILE A CD1 1 
ATOM   378  N N   . GLY A 1 51 ? -4.207  6.749   9.217   1.00 16.65  ? 51  GLY A N   1 
ATOM   379  C CA  . GLY A 1 51 ? -4.490  7.445   10.461  1.00 17.12  ? 51  GLY A CA  1 
ATOM   380  C C   . GLY A 1 51 ? -4.713  8.944   10.420  1.00 18.06  ? 51  GLY A C   1 
ATOM   381  O O   . GLY A 1 51 ? -4.968  9.560   11.460  1.00 19.19  ? 51  GLY A O   1 
ATOM   382  N N   . GLY A 1 52 ? -4.623  9.545   9.244   1.00 15.15  ? 52  GLY A N   1 
ATOM   383  C CA  . GLY A 1 52 ? -4.843  10.977  9.153   1.00 16.78  ? 52  GLY A CA  1 
ATOM   384  C C   . GLY A 1 52 ? -3.875  11.634  8.199   1.00 15.07  ? 52  GLY A C   1 
ATOM   385  O O   . GLY A 1 52 ? -3.258  10.951  7.389   1.00 14.36  ? 52  GLY A O   1 
ATOM   386  N N   . PHE A 1 53 ? -3.741  12.954  8.300   1.00 13.16  ? 53  PHE A N   1 
ATOM   387  C CA  . PHE A 1 53 ? -2.849  13.706  7.431   1.00 13.83  ? 53  PHE A CA  1 
ATOM   388  C C   . PHE A 1 53 ? -1.587  14.154  8.135   1.00 14.06  ? 53  PHE A C   1 
ATOM   389  O O   . PHE A 1 53 ? -1.596  14.439  9.332   1.00 17.37  ? 53  PHE A O   1 
ATOM   390  C CB  . PHE A 1 53 ? -3.546  14.960  6.886   1.00 14.27  ? 53  PHE A CB  1 
ATOM   391  C CG  . PHE A 1 53 ? -4.577  14.675  5.834   1.00 16.98  ? 53  PHE A CG  1 
ATOM   392  C CD1 . PHE A 1 53 ? -5.806  14.099  6.170   1.00 18.41  ? 53  PHE A CD1 1 
ATOM   393  C CD2 . PHE A 1 53 ? -4.312  14.957  4.499   1.00 17.55  ? 53  PHE A CD2 1 
ATOM   394  C CE1 . PHE A 1 53 ? -6.752  13.808  5.175   1.00 17.54  ? 53  PHE A CE1 1 
ATOM   395  C CE2 . PHE A 1 53 ? -5.247  14.673  3.501   1.00 18.28  ? 53  PHE A CE2 1 
ATOM   396  C CZ  . PHE A 1 53 ? -6.465  14.099  3.843   1.00 18.17  ? 53  PHE A CZ  1 
ATOM   397  N N   . ILE A 1 54 ? -0.504  14.230  7.374   1.00 13.23  ? 54  ILE A N   1 
ATOM   398  C CA  . ILE A 1 54 ? 0.772   14.696  7.887   1.00 14.37  ? 54  ILE A CA  1 
ATOM   399  C C   . ILE A 1 54 ? 1.290   15.752  6.917   1.00 13.82  ? 54  ILE A C   1 
ATOM   400  O O   . ILE A 1 54 ? 0.815   15.865  5.789   1.00 12.72  ? 54  ILE A O   1 
ATOM   401  C CB  . ILE A 1 54 ? 1.837   13.554  7.981   1.00 14.98  ? 54  ILE A CB  1 
ATOM   402  C CG1 . ILE A 1 54 ? 2.029   12.887  6.620   1.00 14.94  ? 54  ILE A CG1 1 
ATOM   403  C CG2 . ILE A 1 54 ? 1.409   12.508  9.000   1.00 17.59  ? 54  ILE A CG2 1 
ATOM   404  C CD1 . ILE A 1 54 ? 3.191   11.872  6.606   1.00 15.16  ? 54  ILE A CD1 1 
ATOM   405  N N   . LYS A 1 55 ? 2.278   16.514  7.358   1.00 13.58  ? 55  LYS A N   1 
ATOM   406  C CA  . LYS A 1 55 ? 2.877   17.537  6.527   1.00 16.72  ? 55  LYS A CA  1 
ATOM   407  C C   . LYS A 1 55 ? 4.164   16.968  5.957   1.00 14.27  ? 55  LYS A C   1 
ATOM   408  O O   . LYS A 1 55 ? 4.959   16.364  6.682   1.00 16.89  ? 55  LYS A O   1 
ATOM   409  C CB  . LYS A 1 55 ? 3.191   18.776  7.359   1.00 19.08  ? 55  LYS A CB  1 
ATOM   410  C CG  . LYS A 1 55 ? 1.957   19.561  7.771   1.00 27.72  ? 55  LYS A CG  1 
ATOM   411  C CD  . LYS A 1 55 ? 2.327   20.706  8.695   1.00 36.84  ? 55  LYS A CD  1 
ATOM   412  C CE  . LYS A 1 55 ? 3.321   21.656  8.045   1.00 38.73  ? 55  LYS A CE  1 
ATOM   413  N NZ  . LYS A 1 55 ? 3.906   22.556  9.075   1.00 42.83  ? 55  LYS A NZ  1 
ATOM   414  N N   . VAL A 1 56 ? 4.372   17.152  4.661   1.00 12.31  ? 56  VAL A N   1 
ATOM   415  C CA  . VAL A 1 56 ? 5.580   16.653  4.025   1.00 13.38  ? 56  VAL A CA  1 
ATOM   416  C C   . VAL A 1 56 ? 6.232   17.737  3.178   1.00 13.54  ? 56  VAL A C   1 
ATOM   417  O O   . VAL A 1 56 ? 5.645   18.785  2.940   1.00 13.71  ? 56  VAL A O   1 
ATOM   418  C CB  . VAL A 1 56 ? 5.270   15.442  3.117   1.00 12.81  ? 56  VAL A CB  1 
ATOM   419  C CG1 . VAL A 1 56 ? 4.754   14.274  3.960   1.00 12.13  ? 56  VAL A CG1 1 
ATOM   420  C CG2 . VAL A 1 56 ? 4.238   15.836  2.075   1.00 14.32  ? 56  VAL A CG2 1 
ATOM   421  N N   . ARG A 1 57 ? 7.458   17.491  2.737   1.00 12.21  ? 57  ARG A N   1 
ATOM   422  C CA  . ARG A 1 57 ? 8.139   18.448  1.880   1.00 15.64  ? 57  ARG A CA  1 
ATOM   423  C C   . ARG A 1 57 ? 8.069   17.807  0.509   1.00 15.09  ? 57  ARG A C   1 
ATOM   424  O O   . ARG A 1 57 ? 8.374   16.624  0.361   1.00 15.01  ? 57  ARG A O   1 
ATOM   425  C CB  . ARG A 1 57 ? 9.595   18.632  2.325   1.00 16.96  ? 57  ARG A CB  1 
ATOM   426  C CG  . ARG A 1 57 ? 9.693   18.897  3.817   1.00 25.22  ? 57  ARG A CG  1 
ATOM   427  C CD  . ARG A 1 57 ? 10.901  19.723  4.250   1.00 30.62  ? 57  ARG A CD  1 
ATOM   428  N NE  . ARG A 1 57 ? 12.185  19.107  3.933   1.00 37.84  ? 57  ARG A NE  1 
ATOM   429  C CZ  . ARG A 1 57 ? 13.346  19.507  4.448   1.00 42.34  ? 57  ARG A CZ  1 
ATOM   430  N NH1 . ARG A 1 57 ? 13.377  20.517  5.310   1.00 42.04  ? 57  ARG A NH1 1 
ATOM   431  N NH2 . ARG A 1 57 ? 14.475  18.906  4.093   1.00 44.85  ? 57  ARG A NH2 1 
ATOM   432  N N   . GLN A 1 58 ? 7.630   18.559  -0.484  1.00 13.63  ? 58  GLN A N   1 
ATOM   433  C CA  . GLN A 1 58 ? 7.528   18.008  -1.814  1.00 12.56  ? 58  GLN A CA  1 
ATOM   434  C C   . GLN A 1 58 ? 8.695   18.389  -2.712  1.00 15.31  ? 58  GLN A C   1 
ATOM   435  O O   . GLN A 1 58 ? 8.990   19.561  -2.872  1.00 15.28  ? 58  GLN A O   1 
ATOM   436  C CB  . GLN A 1 58 ? 6.237   18.460  -2.466  1.00 11.57  ? 58  GLN A CB  1 
ATOM   437  C CG  . GLN A 1 58 ? 6.061   17.864  -3.837  1.00 18.25  ? 58  GLN A CG  1 
ATOM   438  C CD  . GLN A 1 58 ? 4.847   18.394  -4.557  1.00 20.57  ? 58  GLN A CD  1 
ATOM   439  O OE1 . GLN A 1 58 ? 3.773   18.516  -3.981  1.00 27.87  ? 58  GLN A OE1 1 
ATOM   440  N NE2 . GLN A 1 58 ? 5.008   18.693  -5.832  1.00 22.60  ? 58  GLN A NE2 1 
ATOM   441  N N   . TYR A 1 59 ? 9.353   17.390  -3.289  1.00 14.01  ? 59  TYR A N   1 
ATOM   442  C CA  . TYR A 1 59 ? 10.458  17.613  -4.217  1.00 17.14  ? 59  TYR A CA  1 
ATOM   443  C C   . TYR A 1 59 ? 9.993   17.092  -5.573  1.00 18.30  ? 59  TYR A C   1 
ATOM   444  O O   . TYR A 1 59 ? 9.454   15.981  -5.662  1.00 14.98  ? 59  TYR A O   1 
ATOM   445  C CB  . TYR A 1 59 ? 11.703  16.829  -3.793  1.00 18.18  ? 59  TYR A CB  1 
ATOM   446  C CG  . TYR A 1 59 ? 12.368  17.370  -2.550  1.00 19.92  ? 59  TYR A CG  1 
ATOM   447  C CD1 . TYR A 1 59 ? 13.385  18.328  -2.638  1.00 20.17  ? 59  TYR A CD1 1 
ATOM   448  C CD2 . TYR A 1 59 ? 11.962  16.948  -1.282  1.00 19.54  ? 59  TYR A CD2 1 
ATOM   449  C CE1 . TYR A 1 59 ? 13.980  18.844  -1.486  1.00 21.04  ? 59  TYR A CE1 1 
ATOM   450  C CE2 . TYR A 1 59 ? 12.543  17.461  -0.132  1.00 19.36  ? 59  TYR A CE2 1 
ATOM   451  C CZ  . TYR A 1 59 ? 13.553  18.406  -0.239  1.00 21.01  ? 59  TYR A CZ  1 
ATOM   452  O OH  . TYR A 1 59 ? 14.140  18.895  0.909   1.00 24.27  ? 59  TYR A OH  1 
ATOM   453  N N   . ASP A 1 60 ? 10.187  17.889  -6.622  1.00 17.06  ? 60  ASP A N   1 
ATOM   454  C CA  . ASP A 1 60 ? 9.786   17.467  -7.958  1.00 20.22  ? 60  ASP A CA  1 
ATOM   455  C C   . ASP A 1 60 ? 10.950  17.015  -8.833  1.00 19.12  ? 60  ASP A C   1 
ATOM   456  O O   . ASP A 1 60 ? 12.102  17.375  -8.598  1.00 18.95  ? 60  ASP A O   1 
ATOM   457  C CB  . ASP A 1 60 ? 9.046   18.584  -8.675  1.00 21.93  ? 60  ASP A CB  1 
ATOM   458  C CG  . ASP A 1 60 ? 7.748   18.919  -8.014  1.00 29.02  ? 60  ASP A CG  1 
ATOM   459  O OD1 . ASP A 1 60 ? 6.939   17.997  -7.785  1.00 30.35  ? 60  ASP A OD1 1 
ATOM   460  O OD2 . ASP A 1 60 ? 7.537   20.108  -7.723  1.00 34.52  ? 60  ASP A OD2 1 
ATOM   461  N N   . GLN A 1 61 ? 10.631  16.212  -9.835  1.00 16.33  ? 61  GLN A N   1 
ATOM   462  C CA  . GLN A 1 61 ? 11.622  15.730  -10.775 1.00 17.46  ? 61  GLN A CA  1 
ATOM   463  C C   . GLN A 1 61 ? 12.885  15.154  -10.137 1.00 17.48  ? 61  GLN A C   1 
ATOM   464  O O   . GLN A 1 61 ? 13.995  15.467  -10.567 1.00 16.59  ? 61  GLN A O   1 
ATOM   465  C CB  . GLN A 1 61 ? 12.002  16.860  -11.735 0.50 14.16  ? 61  GLN A CB  1 
ATOM   466  C CG  . GLN A 1 61 ? 11.597  16.620  -13.161 0.50 15.24  ? 61  GLN A CG  1 
ATOM   467  C CD  . GLN A 1 61 ? 11.857  17.826  -14.039 0.50 18.94  ? 61  GLN A CD  1 
ATOM   468  O OE1 . GLN A 1 61 ? 11.155  18.829  -13.949 0.50 18.81  ? 61  GLN A OE1 1 
ATOM   469  N NE2 . GLN A 1 61 ? 12.876  17.738  -14.890 0.50 18.19  ? 61  GLN A NE2 1 
ATOM   470  N N   . ILE A 1 62 ? 12.719  14.318  -9.117  1.00 17.00  ? 62  ILE A N   1 
ATOM   471  C CA  . ILE A 1 62 ? 13.861  13.699  -8.462  1.00 15.28  ? 62  ILE A CA  1 
ATOM   472  C C   . ILE A 1 62 ? 14.157  12.322  -9.053  1.00 16.05  ? 62  ILE A C   1 
ATOM   473  O O   . ILE A 1 62 ? 13.251  11.490  -9.190  1.00 14.28  ? 62  ILE A O   1 
ATOM   474  C CB  . ILE A 1 62 ? 13.610  13.502  -6.951  1.00 17.13  ? 62  ILE A CB  1 
ATOM   475  C CG1 . ILE A 1 62 ? 13.416  14.862  -6.262  1.00 19.23  ? 62  ILE A CG1 1 
ATOM   476  C CG2 . ILE A 1 62 ? 14.775  12.723  -6.334  1.00 14.69  ? 62  ILE A CG2 1 
ATOM   477  C CD1 . ILE A 1 62 ? 14.644  15.762  -6.323  1.00 19.25  ? 62  ILE A CD1 1 
ATOM   478  N N   . PRO A 1 63 ? 15.427  12.066  -9.421  1.00 15.49  ? 63  PRO A N   1 
ATOM   479  C CA  . PRO A 1 63 ? 15.852  10.781  -9.989  1.00 14.58  ? 63  PRO A CA  1 
ATOM   480  C C   . PRO A 1 63 ? 15.899  9.742   -8.866  1.00 17.40  ? 63  PRO A C   1 
ATOM   481  O O   . PRO A 1 63 ? 16.516  9.972   -7.809  1.00 18.67  ? 63  PRO A O   1 
ATOM   482  C CB  . PRO A 1 63 ? 17.254  11.074  -10.528 1.00 15.32  ? 63  PRO A CB  1 
ATOM   483  C CG  . PRO A 1 63 ? 17.231  12.560  -10.803 1.00 16.67  ? 63  PRO A CG  1 
ATOM   484  C CD  . PRO A 1 63 ? 16.482  13.085  -9.593  1.00 18.00  ? 63  PRO A CD  1 
ATOM   485  N N   . VAL A 1 64 ? 15.242  8.611   -9.082  1.00 14.11  ? 64  VAL A N   1 
ATOM   486  C CA  . VAL A 1 64 ? 15.222  7.545   -8.095  1.00 13.43  ? 64  VAL A CA  1 
ATOM   487  C C   . VAL A 1 64 ? 15.457  6.263   -8.861  1.00 16.32  ? 64  VAL A C   1 
ATOM   488  O O   . VAL A 1 64 ? 14.812  6.022   -9.872  1.00 16.78  ? 64  VAL A O   1 
ATOM   489  C CB  . VAL A 1 64 ? 13.847  7.430   -7.362  1.00 16.31  ? 64  VAL A CB  1 
ATOM   490  C CG1 . VAL A 1 64 ? 13.860  6.231   -6.406  1.00 13.27  ? 64  VAL A CG1 1 
ATOM   491  C CG2 . VAL A 1 64 ? 13.548  8.698   -6.575  1.00 14.25  ? 64  VAL A CG2 1 
ATOM   492  N N   . GLU A 1 65 ? 16.392  5.448   -8.391  1.00 15.53  ? 65  GLU A N   1 
ATOM   493  C CA  . GLU A 1 65 ? 16.683  4.174   -9.034  1.00 17.91  ? 65  GLU A CA  1 
ATOM   494  C C   . GLU A 1 65 ? 16.089  3.096   -8.126  1.00 18.45  ? 65  GLU A C   1 
ATOM   495  O O   . GLU A 1 65 ? 16.423  3.003   -6.937  1.00 19.26  ? 65  GLU A O   1 
ATOM   496  C CB  . GLU A 1 65 ? 18.186  3.987   -9.169  1.00 19.69  ? 65  GLU A CB  1 
ATOM   497  C CG  . GLU A 1 65 ? 18.582  3.008   -10.229 1.00 30.20  ? 65  GLU A CG  1 
ATOM   498  C CD  . GLU A 1 65 ? 20.080  2.844   -10.282 1.00 35.16  ? 65  GLU A CD  1 
ATOM   499  O OE1 . GLU A 1 65 ? 20.639  2.149   -9.402  1.00 37.55  ? 65  GLU A OE1 1 
ATOM   500  O OE2 . GLU A 1 65 ? 20.696  3.437   -11.193 1.00 40.06  ? 65  GLU A OE2 1 
ATOM   501  N N   . ILE A 1 66 ? 15.179  2.307   -8.686  1.00 14.16  ? 66  ILE A N   1 
ATOM   502  C CA  . ILE A 1 66 ? 14.487  1.257   -7.944  1.00 12.50  ? 66  ILE A CA  1 
ATOM   503  C C   . ILE A 1 66 ? 14.920  -0.090  -8.489  1.00 13.34  ? 66  ILE A C   1 
ATOM   504  O O   . ILE A 1 66 ? 14.563  -0.456  -9.612  1.00 10.62  ? 66  ILE A O   1 
ATOM   505  C CB  . ILE A 1 66 ? 12.963  1.426   -8.135  1.00 12.77  ? 66  ILE A CB  1 
ATOM   506  C CG1 . ILE A 1 66 ? 12.567  2.821   -7.647  1.00 12.72  ? 66  ILE A CG1 1 
ATOM   507  C CG2 . ILE A 1 66 ? 12.184  0.316   -7.398  1.00 10.81  ? 66  ILE A CG2 1 
ATOM   508  C CD1 . ILE A 1 66 ? 11.200  3.244   -8.075  1.00 18.59  ? 66  ILE A CD1 1 
HETATM 509  N N   . ABA A 1 67 ? 15.682  -0.834  -7.698  1.00 13.49  ? 67  ABA A N   1 
HETATM 510  C CA  . ABA A 1 67 ? 16.163  -2.139  -8.143  1.00 17.35  ? 67  ABA A CA  1 
HETATM 511  C C   . ABA A 1 67 ? 16.761  -2.093  -9.552  1.00 17.15  ? 67  ABA A C   1 
HETATM 512  O O   . ABA A 1 67 ? 16.479  -2.954  -10.385 1.00 20.42  ? 67  ABA A O   1 
HETATM 513  C CB  . ABA A 1 67 ? 15.022  -3.164  -8.119  1.00 17.10  ? 67  ABA A CB  1 
HETATM 514  C CG  . ABA A 1 67 ? 14.452  -3.394  -6.772  1.00 19.77  ? 67  ABA A CG  1 
ATOM   515  N N   . GLY A 1 68 ? 17.572  -1.079  -9.814  1.00 18.29  ? 68  GLY A N   1 
ATOM   516  C CA  . GLY A 1 68 ? 18.204  -0.953  -11.115 1.00 20.22  ? 68  GLY A CA  1 
ATOM   517  C C   . GLY A 1 68 ? 17.381  -0.266  -12.189 1.00 20.21  ? 68  GLY A C   1 
ATOM   518  O O   . GLY A 1 68 ? 17.867  -0.068  -13.301 1.00 22.98  ? 68  GLY A O   1 
ATOM   519  N N   . HIS A 1 69 ? 16.140  0.094   -11.889 1.00 18.28  ? 69  HIS A N   1 
ATOM   520  C CA  . HIS A 1 69 ? 15.294  0.738   -12.892 1.00 16.02  ? 69  HIS A CA  1 
ATOM   521  C C   . HIS A 1 69 ? 15.197  2.200   -12.555 1.00 16.48  ? 69  HIS A C   1 
ATOM   522  O O   . HIS A 1 69 ? 15.035  2.562   -11.398 1.00 17.80  ? 69  HIS A O   1 
ATOM   523  C CB  . HIS A 1 69 ? 13.911  0.079   -12.912 1.00 15.63  ? 69  HIS A CB  1 
ATOM   524  C CG  . HIS A 1 69 ? 13.960  -1.381  -13.256 1.00 20.17  ? 69  HIS A CG  1 
ATOM   525  N ND1 . HIS A 1 69 ? 13.536  -1.880  -14.470 1.00 20.99  ? 69  HIS A ND1 1 
ATOM   526  C CD2 . HIS A 1 69 ? 14.458  -2.439  -12.572 1.00 20.98  ? 69  HIS A CD2 1 
ATOM   527  C CE1 . HIS A 1 69 ? 13.776  -3.179  -14.518 1.00 21.08  ? 69  HIS A CE1 1 
ATOM   528  N NE2 . HIS A 1 69 ? 14.336  -3.541  -13.380 1.00 21.66  ? 69  HIS A NE2 1 
ATOM   529  N N   . LYS A 1 70 ? 15.297  3.055   -13.561 1.00 18.18  ? 70  LYS A N   1 
ATOM   530  C CA  . LYS A 1 70 ? 15.259  4.485   -13.300 1.00 19.07  ? 70  LYS A CA  1 
ATOM   531  C C   . LYS A 1 70 ? 13.871  5.107   -13.379 1.00 16.11  ? 70  LYS A C   1 
ATOM   532  O O   . LYS A 1 70 ? 13.023  4.690   -14.162 1.00 14.03  ? 70  LYS A O   1 
ATOM   533  C CB  A LYS A 1 70 ? 16.188  5.194   -14.284 0.50 22.21  ? 70  LYS A CB  1 
ATOM   534  C CB  B LYS A 1 70 ? 16.212  5.233   -14.243 0.50 19.40  ? 70  LYS A CB  1 
ATOM   535  C CG  A LYS A 1 70 ? 17.661  4.853   -14.115 0.50 25.72  ? 70  LYS A CG  1 
ATOM   536  C CG  B LYS A 1 70 ? 16.178  6.772   -14.110 0.50 19.93  ? 70  LYS A CG  1 
ATOM   537  C CD  A LYS A 1 70 ? 18.477  5.475   -15.229 0.50 30.77  ? 70  LYS A CD  1 
ATOM   538  C CD  B LYS A 1 70 ? 16.590  7.289   -12.721 0.50 19.28  ? 70  LYS A CD  1 
ATOM   539  C CE  A LYS A 1 70 ? 19.957  5.480   -14.898 0.50 33.67  ? 70  LYS A CE  1 
ATOM   540  C CE  B LYS A 1 70 ? 18.060  7.029   -12.424 0.50 22.90  ? 70  LYS A CE  1 
ATOM   541  N NZ  A LYS A 1 70 ? 20.474  4.114   -14.630 0.50 34.09  ? 70  LYS A NZ  1 
ATOM   542  N NZ  B LYS A 1 70 ? 18.475  7.539   -11.075 0.50 19.69  ? 70  LYS A NZ  1 
ATOM   543  N N   . ALA A 1 71 ? 13.659  6.110   -12.540 1.00 14.27  ? 71  ALA A N   1 
ATOM   544  C CA  . ALA A 1 71 ? 12.418  6.866   -12.501 1.00 12.36  ? 71  ALA A CA  1 
ATOM   545  C C   . ALA A 1 71 ? 12.851  8.274   -12.117 1.00 12.87  ? 71  ALA A C   1 
ATOM   546  O O   . ALA A 1 71 ? 13.906  8.456   -11.512 1.00 14.02  ? 71  ALA A O   1 
ATOM   547  C CB  . ALA A 1 71 ? 11.478  6.299   -11.454 1.00 8.45   ? 71  ALA A CB  1 
ATOM   548  N N   . ILE A 1 72 ? 12.069  9.268   -12.513 1.00 9.79   ? 72  ILE A N   1 
ATOM   549  C CA  . ILE A 1 72 ? 12.360  10.655  -12.173 1.00 12.03  ? 72  ILE A CA  1 
ATOM   550  C C   . ILE A 1 72 ? 10.983  11.222  -11.887 1.00 12.19  ? 72  ILE A C   1 
ATOM   551  O O   . ILE A 1 72 ? 10.134  11.303  -12.774 1.00 13.12  ? 72  ILE A O   1 
ATOM   552  C CB  . ILE A 1 72 ? 12.982  11.441  -13.348 1.00 12.40  ? 72  ILE A CB  1 
ATOM   553  C CG1 . ILE A 1 72 ? 14.347  10.853  -13.721 1.00 13.44  ? 72  ILE A CG1 1 
ATOM   554  C CG2 . ILE A 1 72 ? 13.147  12.917  -12.957 1.00 9.81   ? 72  ILE A CG2 1 
ATOM   555  C CD1 . ILE A 1 72 ? 14.882  11.373  -15.051 1.00 13.95  ? 72  ILE A CD1 1 
ATOM   556  N N   . GLY A 1 73 ? 10.737  11.598  -10.643 1.00 8.98   ? 73  GLY A N   1 
ATOM   557  C CA  . GLY A 1 73 ? 9.419   12.104  -10.356 1.00 12.37  ? 73  GLY A CA  1 
ATOM   558  C C   . GLY A 1 73 ? 9.327   12.736  -9.001  1.00 13.12  ? 73  GLY A C   1 
ATOM   559  O O   . GLY A 1 73 ? 10.337  13.003  -8.354  1.00 14.23  ? 73  GLY A O   1 
ATOM   560  N N   . THR A 1 74 ? 8.100   12.960  -8.563  1.00 13.34  ? 74  THR A N   1 
ATOM   561  C CA  . THR A 1 74 ? 7.884   13.598  -7.286  1.00 13.17  ? 74  THR A CA  1 
ATOM   562  C C   . THR A 1 74 ? 8.142   12.686  -6.108  1.00 13.35  ? 74  THR A C   1 
ATOM   563  O O   . THR A 1 74 ? 7.659   11.556  -6.063  1.00 11.20  ? 74  THR A O   1 
ATOM   564  C CB  . THR A 1 74 ? 6.458   14.126  -7.191  1.00 15.78  ? 74  THR A CB  1 
ATOM   565  O OG1 . THR A 1 74 ? 6.242   15.038  -8.273  1.00 18.27  ? 74  THR A OG1 1 
ATOM   566  C CG2 . THR A 1 74 ? 6.227   14.827  -5.835  1.00 13.12  ? 74  THR A CG2 1 
ATOM   567  N N   . VAL A 1 75 ? 8.916   13.194  -5.154  1.00 12.28  ? 75  VAL A N   1 
ATOM   568  C CA  . VAL A 1 75 ? 9.213   12.463  -3.936  1.00 11.49  ? 75  VAL A CA  1 
ATOM   569  C C   . VAL A 1 75 ? 8.777   13.365  -2.769  1.00 13.80  ? 75  VAL A C   1 
ATOM   570  O O   . VAL A 1 75 ? 9.111   14.553  -2.727  1.00 14.24  ? 75  VAL A O   1 
ATOM   571  C CB  . VAL A 1 75 ? 10.729  12.161  -3.809  1.00 11.22  ? 75  VAL A CB  1 
ATOM   572  C CG1 . VAL A 1 75 ? 11.030  11.607  -2.430  1.00 12.70  ? 75  VAL A CG1 1 
ATOM   573  C CG2 . VAL A 1 75 ? 11.159  11.160  -4.874  1.00 11.79  ? 75  VAL A CG2 1 
ATOM   574  N N   . LEU A 1 76 ? 8.012   12.806  -1.843  1.00 13.15  ? 76  LEU A N   1 
ATOM   575  C CA  . LEU A 1 76 ? 7.555   13.538  -0.663  1.00 13.01  ? 76  LEU A CA  1 
ATOM   576  C C   . LEU A 1 76 ? 8.414   13.087  0.540   1.00 14.28  ? 76  LEU A C   1 
ATOM   577  O O   . LEU A 1 76 ? 8.606   11.877  0.759   1.00 14.58  ? 76  LEU A O   1 
ATOM   578  C CB  . LEU A 1 76 ? 6.073   13.226  -0.409  1.00 9.42   ? 76  LEU A CB  1 
ATOM   579  C CG  . LEU A 1 76 ? 5.131   13.549  -1.576  1.00 9.70   ? 76  LEU A CG  1 
ATOM   580  C CD1 . LEU A 1 76 ? 3.689   13.248  -1.182  1.00 11.99  ? 76  LEU A CD1 1 
ATOM   581  C CD2 . LEU A 1 76 ? 5.273   15.010  -1.961  1.00 8.17   ? 76  LEU A CD2 1 
ATOM   582  N N   . VAL A 1 77 ? 8.955   14.044  1.298   1.00 13.68  ? 77  VAL A N   1 
ATOM   583  C CA  . VAL A 1 77 ? 9.785   13.717  2.464   1.00 12.38  ? 77  VAL A CA  1 
ATOM   584  C C   . VAL A 1 77 ? 9.075   14.111  3.749   1.00 13.04  ? 77  VAL A C   1 
ATOM   585  O O   . VAL A 1 77 ? 8.631   15.243  3.888   1.00 13.67  ? 77  VAL A O   1 
ATOM   586  C CB  . VAL A 1 77 ? 11.146  14.428  2.392   1.00 12.39  ? 77  VAL A CB  1 
ATOM   587  C CG1 . VAL A 1 77 ? 11.964  14.117  3.652   1.00 12.01  ? 77  VAL A CG1 1 
ATOM   588  C CG2 . VAL A 1 77 ? 11.892  13.959  1.168   1.00 10.59  ? 77  VAL A CG2 1 
ATOM   589  N N   . GLY A 1 78 ? 8.973   13.176  4.696   1.00 15.34  ? 78  GLY A N   1 
ATOM   590  C CA  . GLY A 1 78 ? 8.278   13.482  5.932   1.00 15.43  ? 78  GLY A CA  1 
ATOM   591  C C   . GLY A 1 78 ? 8.232   12.312  6.891   1.00 17.46  ? 78  GLY A C   1 
ATOM   592  O O   . GLY A 1 78 ? 8.817   11.254  6.608   1.00 15.27  ? 78  GLY A O   1 
ATOM   593  N N   . PRO A 1 79 ? 7.517   12.459  8.024   1.00 18.69  ? 79  PRO A N   1 
ATOM   594  C CA  . PRO A 1 79 ? 7.390   11.418  9.054   1.00 19.83  ? 79  PRO A CA  1 
ATOM   595  C C   . PRO A 1 79 ? 6.499   10.200  8.760   1.00 19.41  ? 79  PRO A C   1 
ATOM   596  O O   . PRO A 1 79 ? 5.424   10.041  9.332   1.00 21.50  ? 79  PRO A O   1 
ATOM   597  C CB  . PRO A 1 79 ? 6.932   12.209  10.290  1.00 18.78  ? 79  PRO A CB  1 
ATOM   598  C CG  . PRO A 1 79 ? 6.081   13.303  9.688   1.00 19.63  ? 79  PRO A CG  1 
ATOM   599  C CD  . PRO A 1 79 ? 6.863   13.719  8.451   1.00 18.38  ? 79  PRO A CD  1 
ATOM   600  N N   . THR A 1 80 ? 6.974   9.338   7.867   1.00 19.21  ? 80  THR A N   1 
ATOM   601  C CA  . THR A 1 80 ? 6.281   8.113   7.516   1.00 15.68  ? 80  THR A CA  1 
ATOM   602  C C   . THR A 1 80 ? 6.963   6.974   8.269   1.00 16.66  ? 80  THR A C   1 
ATOM   603  O O   . THR A 1 80 ? 8.170   7.010   8.481   1.00 17.88  ? 80  THR A O   1 
ATOM   604  C CB  . THR A 1 80 ? 6.379   7.822   5.997   1.00 15.66  ? 80  THR A CB  1 
ATOM   605  O OG1 . THR A 1 80 ? 5.821   6.533   5.733   1.00 18.64  ? 80  THR A OG1 1 
ATOM   606  C CG2 . THR A 1 80 ? 7.846   7.841   5.512   1.00 16.06  ? 80  THR A CG2 1 
ATOM   607  N N   . PRO A 1 81 ? 6.197   5.950   8.688   1.00 17.80  ? 81  PRO A N   1 
ATOM   608  C CA  . PRO A 1 81 ? 6.730   4.792   9.420   1.00 16.89  ? 81  PRO A CA  1 
ATOM   609  C C   . PRO A 1 81 ? 7.748   3.999   8.598   1.00 19.94  ? 81  PRO A C   1 
ATOM   610  O O   . PRO A 1 81 ? 8.633   3.339   9.151   1.00 19.41  ? 81  PRO A O   1 
ATOM   611  C CB  . PRO A 1 81 ? 5.483   3.948   9.701   1.00 17.58  ? 81  PRO A CB  1 
ATOM   612  C CG  . PRO A 1 81 ? 4.369   4.965   9.708   1.00 20.65  ? 81  PRO A CG  1 
ATOM   613  C CD  . PRO A 1 81 ? 4.730   5.863   8.558   1.00 17.04  ? 81  PRO A CD  1 
ATOM   614  N N   . VAL A 1 82 ? 7.616   4.070   7.272   1.00 19.04  ? 82  VAL A N   1 
ATOM   615  C CA  . VAL A 1 82 ? 8.491   3.333   6.367   1.00 16.18  ? 82  VAL A CA  1 
ATOM   616  C C   . VAL A 1 82 ? 8.562   4.019   5.005   1.00 16.44  ? 82  VAL A C   1 
ATOM   617  O O   . VAL A 1 82 ? 7.611   4.683   4.588   1.00 14.83  ? 82  VAL A O   1 
ATOM   618  C CB  . VAL A 1 82 ? 7.956   1.893   6.172   1.00 22.02  ? 82  VAL A CB  1 
ATOM   619  C CG1 . VAL A 1 82 ? 6.531   1.950   5.712   1.00 21.75  ? 82  VAL A CG1 1 
ATOM   620  C CG2 . VAL A 1 82 ? 8.778   1.139   5.143   1.00 23.61  ? 82  VAL A CG2 1 
ATOM   621  N N   . ASN A 1 83 ? 9.695   3.881   4.324   1.00 12.38  ? 83  ASN A N   1 
ATOM   622  C CA  . ASN A 1 83 ? 9.860   4.468   2.995   1.00 14.29  ? 83  ASN A CA  1 
ATOM   623  C C   . ASN A 1 83 ? 8.989   3.721   1.999   1.00 13.37  ? 83  ASN A C   1 
ATOM   624  O O   . ASN A 1 83 ? 9.093   2.497   1.873   1.00 11.44  ? 83  ASN A O   1 
ATOM   625  C CB  . ASN A 1 83 ? 11.320  4.368   2.534   1.00 12.80  ? 83  ASN A CB  1 
ATOM   626  C CG  . ASN A 1 83 ? 12.253  5.147   3.425   1.00 19.80  ? 83  ASN A CG  1 
ATOM   627  O OD1 . ASN A 1 83 ? 11.899  6.231   3.915   1.00 16.31  ? 83  ASN A OD1 1 
ATOM   628  N ND2 . ASN A 1 83 ? 13.459  4.609   3.645   1.00 15.56  ? 83  ASN A ND2 1 
ATOM   629  N N   . ILE A 1 84 ? 8.145   4.438   1.268   1.00 10.17  ? 84  ILE A N   1 
ATOM   630  C CA  . ILE A 1 84 ? 7.298   3.755   0.309   1.00 11.53  ? 84  ILE A CA  1 
ATOM   631  C C   . ILE A 1 84 ? 7.404   4.279   -1.118  1.00 11.23  ? 84  ILE A C   1 
ATOM   632  O O   . ILE A 1 84 ? 7.553   5.482   -1.353  1.00 9.68   ? 84  ILE A O   1 
ATOM   633  C CB  . ILE A 1 84 ? 5.798   3.793   0.719   1.00 13.45  ? 84  ILE A CB  1 
ATOM   634  C CG1 . ILE A 1 84 ? 5.320   5.230   0.832   1.00 14.50  ? 84  ILE A CG1 1 
ATOM   635  C CG2 . ILE A 1 84 ? 5.578   3.055   2.038   1.00 12.07  ? 84  ILE A CG2 1 
ATOM   636  C CD1 . ILE A 1 84 ? 3.859   5.324   1.208   1.00 18.16  ? 84  ILE A CD1 1 
ATOM   637  N N   . ILE A 1 85 ? 7.362   3.355   -2.072  1.00 9.03   ? 85  ILE A N   1 
ATOM   638  C CA  . ILE A 1 85 ? 7.396   3.718   -3.474  1.00 8.16   ? 85  ILE A CA  1 
ATOM   639  C C   . ILE A 1 85 ? 5.943   3.589   -3.945  1.00 8.67   ? 85  ILE A C   1 
ATOM   640  O O   . ILE A 1 85 ? 5.382   2.481   -3.995  1.00 9.07   ? 85  ILE A O   1 
ATOM   641  C CB  . ILE A 1 85 ? 8.282   2.756   -4.300  1.00 9.86   ? 85  ILE A CB  1 
ATOM   642  C CG1 . ILE A 1 85 ? 9.723   2.747   -3.774  1.00 8.10   ? 85  ILE A CG1 1 
ATOM   643  C CG2 . ILE A 1 85 ? 8.238   3.170   -5.756  1.00 9.75   ? 85  ILE A CG2 1 
ATOM   644  C CD1 . ILE A 1 85 ? 10.389  4.152   -3.666  1.00 11.11  ? 85  ILE A CD1 1 
ATOM   645  N N   . GLY A 1 86 ? 5.336   4.722   -4.278  1.00 8.24   ? 86  GLY A N   1 
ATOM   646  C CA  . GLY A 1 86 ? 3.952   4.727   -4.707  1.00 9.08   ? 86  GLY A CA  1 
ATOM   647  C C   . GLY A 1 86 ? 3.734   4.570   -6.200  1.00 9.04   ? 86  GLY A C   1 
ATOM   648  O O   . GLY A 1 86 ? 4.683   4.431   -6.978  1.00 7.93   ? 86  GLY A O   1 
ATOM   649  N N   . ARG A 1 87 ? 2.464   4.605   -6.594  1.00 7.89   ? 87  ARG A N   1 
ATOM   650  C CA  . ARG A 1 87 ? 2.100   4.428   -7.992  1.00 7.26   ? 87  ARG A CA  1 
ATOM   651  C C   . ARG A 1 87 ? 2.736   5.444   -8.933  1.00 9.55   ? 87  ARG A C   1 
ATOM   652  O O   . ARG A 1 87 ? 2.984   5.137   -10.098 1.00 8.79   ? 87  ARG A O   1 
ATOM   653  C CB  . ARG A 1 87 ? 0.565   4.429   -8.153  1.00 6.64   ? 87  ARG A CB  1 
ATOM   654  C CG  . ARG A 1 87 ? -0.134  3.192   -7.540  1.00 7.48   ? 87  ARG A CG  1 
ATOM   655  C CD  . ARG A 1 87 ? -1.639  3.157   -7.864  1.00 8.39   ? 87  ARG A CD  1 
ATOM   656  N NE  . ARG A 1 87 ? -2.333  4.345   -7.357  1.00 9.44   ? 87  ARG A NE  1 
ATOM   657  C CZ  . ARG A 1 87 ? -2.671  5.394   -8.102  1.00 15.15  ? 87  ARG A CZ  1 
ATOM   658  N NH1 . ARG A 1 87 ? -2.394  5.403   -9.405  1.00 9.46   ? 87  ARG A NH1 1 
ATOM   659  N NH2 . ARG A 1 87 ? -3.246  6.454   -7.534  1.00 10.82  ? 87  ARG A NH2 1 
ATOM   660  N N   . ASN A 1 88 ? 3.005   6.650   -8.451  1.00 9.49   ? 88  ASN A N   1 
ATOM   661  C CA  . ASN A 1 88 ? 3.605   7.635   -9.336  1.00 10.21  ? 88  ASN A CA  1 
ATOM   662  C C   . ASN A 1 88 ? 4.960   7.136   -9.898  1.00 7.65   ? 88  ASN A C   1 
ATOM   663  O O   . ASN A 1 88 ? 5.312   7.456   -11.017 1.00 9.92   ? 88  ASN A O   1 
ATOM   664  C CB  . ASN A 1 88 ? 3.768   8.977   -8.597  1.00 8.97   ? 88  ASN A CB  1 
ATOM   665  C CG  . ASN A 1 88 ? 4.873   8.941   -7.574  1.00 8.29   ? 88  ASN A CG  1 
ATOM   666  O OD1 . ASN A 1 88 ? 4.943   8.022   -6.765  1.00 10.86  ? 88  ASN A OD1 1 
ATOM   667  N ND2 . ASN A 1 88 ? 5.767   9.936   -7.623  1.00 7.00   ? 88  ASN A ND2 1 
ATOM   668  N N   . LEU A 1 89 ? 5.725   6.357   -9.134  1.00 9.24   ? 89  LEU A N   1 
ATOM   669  C CA  . LEU A 1 89 ? 7.006   5.856   -9.660  1.00 10.04  ? 89  LEU A CA  1 
ATOM   670  C C   . LEU A 1 89 ? 6.890   4.427   -10.187 1.00 10.18  ? 89  LEU A C   1 
ATOM   671  O O   . LEU A 1 89 ? 7.611   4.039   -11.116 1.00 9.23   ? 89  LEU A O   1 
ATOM   672  C CB  . LEU A 1 89 ? 8.113   5.917   -8.594  1.00 8.54   ? 89  LEU A CB  1 
ATOM   673  C CG  . LEU A 1 89 ? 8.437   7.333   -8.106  1.00 9.97   ? 89  LEU A CG  1 
ATOM   674  C CD1 . LEU A 1 89 ? 9.647   7.304   -7.186  1.00 12.43  ? 89  LEU A CD1 1 
ATOM   675  C CD2 . LEU A 1 89 ? 8.687   8.243   -9.306  1.00 9.99   ? 89  LEU A CD2 1 
ATOM   676  N N   . LEU A 1 90 ? 5.992   3.638   -9.596  1.00 8.97   ? 90  LEU A N   1 
ATOM   677  C CA  . LEU A 1 90 ? 5.813   2.259   -10.044 1.00 9.75   ? 90  LEU A CA  1 
ATOM   678  C C   . LEU A 1 90 ? 5.363   2.208   -11.511 1.00 8.65   ? 90  LEU A C   1 
ATOM   679  O O   . LEU A 1 90 ? 5.732   1.284   -12.240 1.00 9.62   ? 90  LEU A O   1 
ATOM   680  C CB  . LEU A 1 90 ? 4.812   1.520   -9.149  1.00 8.70   ? 90  LEU A CB  1 
ATOM   681  C CG  . LEU A 1 90 ? 5.212   1.271   -7.682  1.00 8.61   ? 90  LEU A CG  1 
ATOM   682  C CD1 . LEU A 1 90 ? 4.029   0.674   -6.942  1.00 11.15  ? 90  LEU A CD1 1 
ATOM   683  C CD2 . LEU A 1 90 ? 6.399   0.347   -7.585  1.00 11.17  ? 90  LEU A CD2 1 
ATOM   684  N N   . THR A 1 91 ? 4.584   3.195   -11.955 1.00 8.88   ? 91  THR A N   1 
ATOM   685  C CA  . THR A 1 91 ? 4.155   3.197   -13.353 1.00 8.59   ? 91  THR A CA  1 
ATOM   686  C C   . THR A 1 91 ? 5.342   3.521   -14.249 1.00 9.87   ? 91  THR A C   1 
ATOM   687  O O   . THR A 1 91 ? 5.421   3.049   -15.379 1.00 10.83  ? 91  THR A O   1 
ATOM   688  C CB  . THR A 1 91 ? 3.032   4.224   -13.639 1.00 13.15  ? 91  THR A CB  1 
ATOM   689  O OG1 . THR A 1 91 ? 3.456   5.528   -13.230 1.00 13.80  ? 91  THR A OG1 1 
ATOM   690  C CG2 . THR A 1 91 ? 1.755   3.837   -12.899 1.00 10.80  ? 91  THR A CG2 1 
ATOM   691  N N   . GLN A 1 92 ? 6.275   4.319   -13.748 1.00 10.57  ? 92  GLN A N   1 
ATOM   692  C CA  . GLN A 1 92 ? 7.446   4.672   -14.543 1.00 12.21  ? 92  GLN A CA  1 
ATOM   693  C C   . GLN A 1 92 ? 8.349   3.474   -14.817 1.00 13.33  ? 92  GLN A C   1 
ATOM   694  O O   . GLN A 1 92 ? 8.996   3.421   -15.851 1.00 15.56  ? 92  GLN A O   1 
ATOM   695  C CB  . GLN A 1 92 ? 8.248   5.773   -13.854 1.00 12.50  ? 92  GLN A CB  1 
ATOM   696  C CG  . GLN A 1 92 ? 7.622   7.126   -14.000 1.00 12.96  ? 92  GLN A CG  1 
ATOM   697  C CD  . GLN A 1 92 ? 8.576   8.257   -13.630 1.00 13.63  ? 92  GLN A CD  1 
ATOM   698  O OE1 . GLN A 1 92 ? 9.795   8.131   -13.756 1.00 13.16  ? 92  GLN A OE1 1 
ATOM   699  N NE2 . GLN A 1 92 ? 8.016   9.381   -13.196 1.00 13.07  ? 92  GLN A NE2 1 
ATOM   700  N N   . ILE A 1 93 ? 8.403   2.510   -13.900 1.00 14.69  ? 93  ILE A N   1 
ATOM   701  C CA  . ILE A 1 93 ? 9.248   1.346   -14.134 1.00 14.49  ? 93  ILE A CA  1 
ATOM   702  C C   . ILE A 1 93 ? 8.441   0.193   -14.715 1.00 14.43  ? 93  ILE A C   1 
ATOM   703  O O   . ILE A 1 93 ? 8.922   -0.939  -14.773 1.00 15.52  ? 93  ILE A O   1 
ATOM   704  C CB  . ILE A 1 93 ? 9.969   0.862   -12.838 1.00 14.73  ? 93  ILE A CB  1 
ATOM   705  C CG1 . ILE A 1 93 ? 8.952   0.405   -11.800 1.00 12.52  ? 93  ILE A CG1 1 
ATOM   706  C CG2 . ILE A 1 93 ? 10.845  1.978   -12.276 1.00 12.96  ? 93  ILE A CG2 1 
ATOM   707  C CD1 . ILE A 1 93 ? 9.604   -0.144  -10.528 1.00 14.06  ? 93  ILE A CD1 1 
ATOM   708  N N   . GLY A 1 94 ? 7.214   0.494   -15.129 1.00 14.64  ? 94  GLY A N   1 
ATOM   709  C CA  . GLY A 1 94 ? 6.329   -0.498  -15.728 1.00 13.12  ? 94  GLY A CA  1 
ATOM   710  C C   . GLY A 1 94 ? 5.804   -1.598  -14.827 1.00 15.95  ? 94  GLY A C   1 
ATOM   711  O O   . GLY A 1 94 ? 5.479   -2.680  -15.313 1.00 15.18  ? 94  GLY A O   1 
HETATM 712  N N   . ABA A 1 95 ? 5.692   -1.331  -13.526 1.00 12.88  ? 95  ABA A N   1 
HETATM 713  C CA  . ABA A 1 95 ? 5.199   -2.337  -12.575 1.00 8.94   ? 95  ABA A CA  1 
HETATM 714  C C   . ABA A 1 95 ? 3.699   -2.606  -12.723 1.00 10.84  ? 95  ABA A C   1 
HETATM 715  O O   . ABA A 1 95 ? 2.909   -1.679  -12.931 1.00 10.82  ? 95  ABA A O   1 
HETATM 716  C CB  . ABA A 1 95 ? 5.500   -1.887  -11.139 1.00 9.87   ? 95  ABA A CB  1 
HETATM 717  C CG  . ABA A 1 95 ? 5.288   -2.956  -10.099 1.00 8.82   ? 95  ABA A CG  1 
ATOM   718  N N   . THR A 1 96 ? 3.320   -3.883  -12.630 1.00 8.22   ? 96  THR A N   1 
ATOM   719  C CA  . THR A 1 96 ? 1.925   -4.306  -12.704 1.00 11.39  ? 96  THR A CA  1 
ATOM   720  C C   . THR A 1 96 ? 1.616   -5.351  -11.631 1.00 10.26  ? 96  THR A C   1 
ATOM   721  O O   . THR A 1 96 ? 2.517   -5.962  -11.061 1.00 11.66  ? 96  THR A O   1 
ATOM   722  C CB  . THR A 1 96 ? 1.581   -4.982  -14.049 1.00 14.87  ? 96  THR A CB  1 
ATOM   723  O OG1 . THR A 1 96 ? 2.459   -6.105  -14.246 1.00 14.66  ? 96  THR A OG1 1 
ATOM   724  C CG2 . THR A 1 96 ? 1.684   -3.975  -15.227 1.00 13.61  ? 96  THR A CG2 1 
ATOM   725  N N   . LEU A 1 97 ? 0.331   -5.543  -11.362 1.00 10.53  ? 97  LEU A N   1 
ATOM   726  C CA  . LEU A 1 97 ? -0.103  -6.562  -10.425 1.00 12.94  ? 97  LEU A CA  1 
ATOM   727  C C   . LEU A 1 97 ? -0.608  -7.691  -11.309 1.00 11.28  ? 97  LEU A C   1 
ATOM   728  O O   . LEU A 1 97 ? -1.297  -7.450  -12.310 1.00 12.43  ? 97  LEU A O   1 
ATOM   729  C CB  . LEU A 1 97 ? -1.232  -6.047  -9.529  1.00 11.08  ? 97  LEU A CB  1 
ATOM   730  C CG  . LEU A 1 97 ? -0.759  -5.143  -8.391  1.00 14.97  ? 97  LEU A CG  1 
ATOM   731  C CD1 . LEU A 1 97 ? -1.968  -4.509  -7.717  1.00 17.03  ? 97  LEU A CD1 1 
ATOM   732  C CD2 . LEU A 1 97 ? 0.052   -5.962  -7.391  1.00 16.43  ? 97  LEU A CD2 1 
ATOM   733  N N   . ASN A 1 98 ? -0.260  -8.916  -10.941 1.00 13.90  ? 98  ASN A N   1 
ATOM   734  C CA  . ASN A 1 98 ? -0.657  -10.084 -11.716 1.00 17.12  ? 98  ASN A CA  1 
ATOM   735  C C   . ASN A 1 98 ? -1.139  -11.230 -10.841 1.00 18.53  ? 98  ASN A C   1 
ATOM   736  O O   . ASN A 1 98 ? -0.555  -11.505 -9.794  1.00 20.10  ? 98  ASN A O   1 
ATOM   737  C CB  . ASN A 1 98 ? 0.529   -10.571 -12.552 1.00 16.60  ? 98  ASN A CB  1 
ATOM   738  C CG  . ASN A 1 98 ? 1.004   -9.535  -13.561 1.00 19.78  ? 98  ASN A CG  1 
ATOM   739  O OD1 . ASN A 1 98 ? 0.451   -9.429  -14.658 1.00 24.57  ? 98  ASN A OD1 1 
ATOM   740  N ND2 . ASN A 1 98 ? 2.029   -8.763  -13.194 1.00 20.00  ? 98  ASN A ND2 1 
ATOM   741  N N   . PHE A 1 99 ? -2.211  -11.884 -11.274 1.00 18.28  ? 99  PHE A N   1 
ATOM   742  C CA  . PHE A 1 99 ? -2.754  -13.047 -10.583 1.00 21.91  ? 99  PHE A CA  1 
ATOM   743  C C   . PHE A 1 99 ? -3.771  -13.748 -11.486 1.00 24.93  ? 99  PHE A C   1 
ATOM   744  O O   . PHE A 1 99 ? -4.496  -14.631 -11.031 1.00 28.86  ? 99  PHE A O   1 
ATOM   745  C CB  . PHE A 1 99 ? -3.392  -12.661 -9.229  1.00 20.44  ? 99  PHE A CB  1 
ATOM   746  C CG  . PHE A 1 99 ? -4.652  -11.845 -9.335  1.00 22.93  ? 99  PHE A CG  1 
ATOM   747  C CD1 . PHE A 1 99 ? -5.904  -12.459 -9.299  1.00 24.80  ? 99  PHE A CD1 1 
ATOM   748  C CD2 . PHE A 1 99 ? -4.591  -10.460 -9.438  1.00 22.76  ? 99  PHE A CD2 1 
ATOM   749  C CE1 . PHE A 1 99 ? -7.070  -11.704 -9.362  1.00 24.93  ? 99  PHE A CE1 1 
ATOM   750  C CE2 . PHE A 1 99 ? -5.755  -9.693  -9.504  1.00 24.09  ? 99  PHE A CE2 1 
ATOM   751  C CZ  . PHE A 1 99 ? -6.993  -10.318 -9.464  1.00 27.52  ? 99  PHE A CZ  1 
ATOM   752  N N   . PRO B 1 1  ? -5.462  -11.956 -14.198 1.00 26.59  ? 101 PRO B N   1 
ATOM   753  C CA  . PRO B 1 1  ? -5.403  -10.701 -14.960 1.00 26.67  ? 101 PRO B CA  1 
ATOM   754  C C   . PRO B 1 1  ? -4.136  -9.918  -14.647 1.00 23.16  ? 101 PRO B C   1 
ATOM   755  O O   . PRO B 1 1  ? -3.395  -10.248 -13.713 1.00 22.23  ? 101 PRO B O   1 
ATOM   756  C CB  . PRO B 1 1  ? -6.638  -9.931  -14.479 1.00 27.49  ? 101 PRO B CB  1 
ATOM   757  C CG  . PRO B 1 1  ? -7.531  -10.981 -13.915 1.00 31.16  ? 101 PRO B CG  1 
ATOM   758  C CD  . PRO B 1 1  ? -6.574  -11.920 -13.236 1.00 28.76  ? 101 PRO B CD  1 
ATOM   759  N N   . GLN B 1 2  ? -3.898  -8.881  -15.435 1.00 21.70  ? 102 GLN B N   1 
ATOM   760  C CA  . GLN B 1 2  ? -2.760  -8.012  -15.211 1.00 22.74  ? 102 GLN B CA  1 
ATOM   761  C C   . GLN B 1 2  ? -3.332  -6.624  -14.962 1.00 22.91  ? 102 GLN B C   1 
ATOM   762  O O   . GLN B 1 2  ? -4.048  -6.082  -15.805 1.00 21.95  ? 102 GLN B O   1 
ATOM   763  C CB  . GLN B 1 2  ? -1.834  -7.962  -16.421 1.00 22.58  ? 102 GLN B CB  1 
ATOM   764  C CG  . GLN B 1 2  ? -0.743  -6.918  -16.252 1.00 28.68  ? 102 GLN B CG  1 
ATOM   765  C CD  . GLN B 1 2  ? 0.286   -6.938  -17.362 1.00 34.54  ? 102 GLN B CD  1 
ATOM   766  O OE1 . GLN B 1 2  ? 0.154   -6.235  -18.368 1.00 38.42  ? 102 GLN B OE1 1 
ATOM   767  N NE2 . GLN B 1 2  ? 1.320   -7.753  -17.186 1.00 36.56  ? 102 GLN B NE2 1 
ATOM   768  N N   . ILE B 1 3  ? -3.017  -6.048  -13.810 1.00 19.68  ? 103 ILE B N   1 
ATOM   769  C CA  . ILE B 1 3  ? -3.527  -4.729  -13.480 1.00 18.57  ? 103 ILE B CA  1 
ATOM   770  C C   . ILE B 1 3  ? -2.430  -3.679  -13.508 1.00 16.88  ? 103 ILE B C   1 
ATOM   771  O O   . ILE B 1 3  ? -1.415  -3.804  -12.816 1.00 16.30  ? 103 ILE B O   1 
ATOM   772  C CB  . ILE B 1 3  ? -4.199  -4.750  -12.106 1.00 20.00  ? 103 ILE B CB  1 
ATOM   773  C CG1 . ILE B 1 3  ? -5.305  -5.804  -12.116 1.00 19.85  ? 103 ILE B CG1 1 
ATOM   774  C CG2 . ILE B 1 3  ? -4.773  -3.383  -11.771 1.00 20.44  ? 103 ILE B CG2 1 
ATOM   775  C CD1 . ILE B 1 3  ? -6.274  -5.697  -10.982 1.00 26.41  ? 103 ILE B CD1 1 
ATOM   776  N N   . THR B 1 4  ? -2.617  -2.652  -14.331 1.00 14.85  ? 104 THR B N   1 
ATOM   777  C CA  . THR B 1 4  ? -1.631  -1.575  -14.430 1.00 13.44  ? 104 THR B CA  1 
ATOM   778  C C   . THR B 1 4  ? -1.888  -0.565  -13.295 1.00 13.06  ? 104 THR B C   1 
ATOM   779  O O   . THR B 1 4  ? -2.963  -0.555  -12.687 1.00 15.12  ? 104 THR B O   1 
ATOM   780  C CB  . THR B 1 4  ? -1.679  -0.884  -15.825 1.00 18.46  ? 104 THR B CB  1 
ATOM   781  O OG1 . THR B 1 4  ? -2.984  -0.337  -16.047 1.00 19.71  ? 104 THR B OG1 1 
ATOM   782  C CG2 . THR B 1 4  ? -1.352  -1.899  -16.946 1.00 15.14  ? 104 THR B CG2 1 
ATOM   783  N N   . LEU B 1 5  ? -0.917  0.288   -12.996 1.00 12.07  ? 105 LEU B N   1 
ATOM   784  C CA  . LEU B 1 5  ? -1.095  1.193   -11.871 1.00 13.27  ? 105 LEU B CA  1 
ATOM   785  C C   . LEU B 1 5  ? -1.353  2.670   -12.167 1.00 12.69  ? 105 LEU B C   1 
ATOM   786  O O   . LEU B 1 5  ? -1.114  3.526   -11.313 1.00 9.38   ? 105 LEU B O   1 
ATOM   787  C CB  . LEU B 1 5  ? 0.102   1.037   -10.914 1.00 12.40  ? 105 LEU B CB  1 
ATOM   788  C CG  . LEU B 1 5  ? 0.274   -0.423  -10.455 1.00 11.14  ? 105 LEU B CG  1 
ATOM   789  C CD1 . LEU B 1 5  ? 1.627   -0.611  -9.811  1.00 12.12  ? 105 LEU B CD1 1 
ATOM   790  C CD2 . LEU B 1 5  ? -0.863  -0.803  -9.490  1.00 13.08  ? 105 LEU B CD2 1 
ATOM   791  N N   . TRP B 1 6  ? -1.861  2.968   -13.362 1.00 12.11  ? 106 TRP B N   1 
ATOM   792  C CA  . TRP B 1 6  ? -2.180  4.347   -13.719 1.00 13.27  ? 106 TRP B CA  1 
ATOM   793  C C   . TRP B 1 6  ? -3.253  4.862   -12.774 1.00 14.77  ? 106 TRP B C   1 
ATOM   794  O O   . TRP B 1 6  ? -3.277  6.048   -12.432 1.00 13.76  ? 106 TRP B O   1 
ATOM   795  C CB  . TRP B 1 6  ? -2.720  4.428   -15.137 1.00 12.22  ? 106 TRP B CB  1 
ATOM   796  C CG  . TRP B 1 6  ? -1.759  3.955   -16.155 1.00 14.97  ? 106 TRP B CG  1 
ATOM   797  C CD1 . TRP B 1 6  ? -1.859  2.829   -16.915 1.00 14.90  ? 106 TRP B CD1 1 
ATOM   798  C CD2 . TRP B 1 6  ? -0.579  4.639   -16.592 1.00 17.11  ? 106 TRP B CD2 1 
ATOM   799  N NE1 . TRP B 1 6  ? -0.815  2.775   -17.814 1.00 17.92  ? 106 TRP B NE1 1 
ATOM   800  C CE2 . TRP B 1 6  ? -0.016  3.875   -17.638 1.00 16.73  ? 106 TRP B CE2 1 
ATOM   801  C CE3 . TRP B 1 6  ? 0.055   5.826   -16.205 1.00 17.92  ? 106 TRP B CE3 1 
ATOM   802  C CZ2 . TRP B 1 6  ? 1.154   4.260   -18.305 1.00 19.23  ? 106 TRP B CZ2 1 
ATOM   803  C CZ3 . TRP B 1 6  ? 1.229   6.214   -16.872 1.00 18.90  ? 106 TRP B CZ3 1 
ATOM   804  C CH2 . TRP B 1 6  ? 1.759   5.430   -17.909 1.00 18.90  ? 106 TRP B CH2 1 
ATOM   805  N N   . LYS B 1 7  ? -4.149  3.964   -12.375 1.00 13.07  ? 107 LYS B N   1 
ATOM   806  C CA  . LYS B 1 7  ? -5.234  4.293   -11.444 1.00 12.64  ? 107 LYS B CA  1 
ATOM   807  C C   . LYS B 1 7  ? -5.086  3.411   -10.202 1.00 11.99  ? 107 LYS B C   1 
ATOM   808  O O   . LYS B 1 7  ? -4.330  2.446   -10.222 1.00 9.72   ? 107 LYS B O   1 
ATOM   809  C CB  . LYS B 1 7  ? -6.590  3.992   -12.079 0.50 12.00  ? 107 LYS B CB  1 
ATOM   810  C CG  . LYS B 1 7  ? -6.914  4.778   -13.324 0.50 15.18  ? 107 LYS B CG  1 
ATOM   811  C CD  . LYS B 1 7  ? -7.961  4.018   -14.134 0.50 21.39  ? 107 LYS B CD  1 
ATOM   812  C CE  . LYS B 1 7  ? -9.128  3.574   -13.245 0.50 18.37  ? 107 LYS B CE  1 
ATOM   813  N NZ  . LYS B 1 7  ? -9.957  2.520   -13.884 0.50 20.41  ? 107 LYS B NZ  1 
ATOM   814  N N   . ARG B 1 8  ? -5.789  3.752   -9.122  1.00 11.05  ? 108 ARG B N   1 
ATOM   815  C CA  . ARG B 1 8  ? -5.740  2.929   -7.922  1.00 11.70  ? 108 ARG B CA  1 
ATOM   816  C C   . ARG B 1 8  ? -6.271  1.551   -8.325  1.00 10.21  ? 108 ARG B C   1 
ATOM   817  O O   . ARG B 1 8  ? -7.270  1.457   -9.048  1.00 12.86  ? 108 ARG B O   1 
ATOM   818  C CB  . ARG B 1 8  ? -6.644  3.507   -6.832  1.00 12.91  ? 108 ARG B CB  1 
ATOM   819  C CG  . ARG B 1 8  ? -6.193  4.848   -6.317  1.00 18.20  ? 108 ARG B CG  1 
ATOM   820  C CD  . ARG B 1 8  ? -7.046  5.311   -5.142  1.00 23.08  ? 108 ARG B CD  1 
ATOM   821  N NE  . ARG B 1 8  ? -6.636  6.641   -4.695  1.00 25.38  ? 108 ARG B NE  1 
ATOM   822  C CZ  . ARG B 1 8  ? -7.095  7.252   -3.604  1.00 31.24  ? 108 ARG B CZ  1 
ATOM   823  N NH1 . ARG B 1 8  ? -7.986  6.655   -2.820  1.00 33.43  ? 108 ARG B NH1 1 
ATOM   824  N NH2 . ARG B 1 8  ? -6.664  8.467   -3.301  1.00 26.95  ? 108 ARG B NH2 1 
ATOM   825  N N   . PRO B 1 9  ? -5.605  0.472   -7.889  1.00 10.95  ? 109 PRO B N   1 
ATOM   826  C CA  . PRO B 1 9  ? -6.019  -0.903  -8.211  1.00 11.16  ? 109 PRO B CA  1 
ATOM   827  C C   . PRO B 1 9  ? -7.224  -1.360  -7.383  1.00 10.34  ? 109 PRO B C   1 
ATOM   828  O O   . PRO B 1 9  ? -7.101  -2.159  -6.454  1.00 9.76   ? 109 PRO B O   1 
ATOM   829  C CB  . PRO B 1 9  ? -4.757  -1.705  -7.919  1.00 11.88  ? 109 PRO B CB  1 
ATOM   830  C CG  . PRO B 1 9  ? -4.222  -0.999  -6.707  1.00 8.62   ? 109 PRO B CG  1 
ATOM   831  C CD  . PRO B 1 9  ? -4.347  0.469   -7.118  1.00 7.87   ? 109 PRO B CD  1 
ATOM   832  N N   . LEU B 1 10 ? -8.395  -0.852  -7.739  1.00 9.33   ? 110 LEU B N   1 
ATOM   833  C CA  . LEU B 1 10 ? -9.622  -1.186  -7.032  1.00 13.56  ? 110 LEU B CA  1 
ATOM   834  C C   . LEU B 1 10 ? -10.328 -2.323  -7.724  1.00 17.34  ? 110 LEU B C   1 
ATOM   835  O O   . LEU B 1 10 ? -10.499 -2.300  -8.948  1.00 20.30  ? 110 LEU B O   1 
ATOM   836  C CB  . LEU B 1 10 ? -10.556 0.013   -7.018  1.00 13.83  ? 110 LEU B CB  1 
ATOM   837  C CG  . LEU B 1 10 ? -10.073 1.222   -6.233  1.00 19.04  ? 110 LEU B CG  1 
ATOM   838  C CD1 . LEU B 1 10 ? -10.987 2.409   -6.561  1.00 24.06  ? 110 LEU B CD1 1 
ATOM   839  C CD2 . LEU B 1 10 ? -10.083 0.905   -4.729  1.00 18.55  ? 110 LEU B CD2 1 
ATOM   840  N N   . VAL B 1 11 ? -10.754 -3.314  -6.958  1.00 16.33  ? 111 VAL B N   1 
ATOM   841  C CA  . VAL B 1 11 ? -11.468 -4.434  -7.545  1.00 16.23  ? 111 VAL B CA  1 
ATOM   842  C C   . VAL B 1 11 ? -12.681 -4.743  -6.668  1.00 16.26  ? 111 VAL B C   1 
ATOM   843  O O   . VAL B 1 11 ? -12.819 -4.202  -5.568  1.00 17.72  ? 111 VAL B O   1 
ATOM   844  C CB  . VAL B 1 11 ? -10.547 -5.688  -7.686  1.00 16.69  ? 111 VAL B CB  1 
ATOM   845  C CG1 . VAL B 1 11 ? -9.307  -5.318  -8.485  1.00 17.50  ? 111 VAL B CG1 1 
ATOM   846  C CG2 . VAL B 1 11 ? -10.149 -6.239  -6.306  1.00 15.43  ? 111 VAL B CG2 1 
ATOM   847  N N   . THR B 1 12 ? -13.580 -5.585  -7.165  1.00 16.97  ? 112 THR B N   1 
ATOM   848  C CA  . THR B 1 12 ? -14.765 -5.949  -6.405  1.00 16.62  ? 112 THR B CA  1 
ATOM   849  C C   . THR B 1 12 ? -14.472 -7.162  -5.538  1.00 16.51  ? 112 THR B C   1 
ATOM   850  O O   . THR B 1 12 ? -13.888 -8.128  -6.001  1.00 14.69  ? 112 THR B O   1 
ATOM   851  C CB  . THR B 1 12 ? -15.953 -6.303  -7.347  1.00 19.55  ? 112 THR B CB  1 
ATOM   852  O OG1 . THR B 1 12 ? -16.321 -5.153  -8.111  1.00 18.18  ? 112 THR B OG1 1 
ATOM   853  C CG2 . THR B 1 12 ? -17.149 -6.772  -6.545  1.00 17.23  ? 112 THR B CG2 1 
ATOM   854  N N   . ILE B 1 13 ? -14.860 -7.093  -4.270  1.00 17.07  ? 113 ILE B N   1 
ATOM   855  C CA  . ILE B 1 13 ? -14.678 -8.224  -3.376  1.00 15.98  ? 113 ILE B CA  1 
ATOM   856  C C   . ILE B 1 13 ? -16.037 -8.532  -2.785  1.00 17.27  ? 113 ILE B C   1 
ATOM   857  O O   . ILE B 1 13 ? -16.962 -7.716  -2.844  1.00 16.19  ? 113 ILE B O   1 
ATOM   858  C CB  . ILE B 1 13 ? -13.690 -7.937  -2.203  1.00 14.42  ? 113 ILE B CB  1 
ATOM   859  C CG1 . ILE B 1 13 ? -14.192 -6.761  -1.369  1.00 15.25  ? 113 ILE B CG1 1 
ATOM   860  C CG2 . ILE B 1 13 ? -12.302 -7.675  -2.749  1.00 15.28  ? 113 ILE B CG2 1 
ATOM   861  C CD1 . ILE B 1 13 ? -13.519 -6.635  -0.016  1.00 17.61  ? 113 ILE B CD1 1 
ATOM   862  N N   . ARG B 1 14 ? -16.157 -9.732  -2.237  1.00 19.05  ? 114 ARG B N   1 
ATOM   863  C CA  . ARG B 1 14 ? -17.389 -10.161 -1.608  1.00 18.88  ? 114 ARG B CA  1 
ATOM   864  C C   . ARG B 1 14 ? -17.028 -10.614 -0.197  1.00 18.85  ? 114 ARG B C   1 
ATOM   865  O O   . ARG B 1 14 ? -16.187 -11.499 -0.002  1.00 17.76  ? 114 ARG B O   1 
ATOM   866  C CB  . ARG B 1 14 ? -18.017 -11.309 -2.398  1.00 24.28  ? 114 ARG B CB  1 
ATOM   867  C CG  . ARG B 1 14 ? -19.391 -11.700 -1.889  1.00 34.79  ? 114 ARG B CG  1 
ATOM   868  C CD  . ARG B 1 14 ? -19.994 -12.841 -2.705  1.00 43.20  ? 114 ARG B CD  1 
ATOM   869  N NE  . ARG B 1 14 ? -21.225 -13.345 -2.093  1.00 51.38  ? 114 ARG B NE  1 
ATOM   870  C CZ  . ARG B 1 14 ? -22.407 -12.733 -2.145  1.00 55.39  ? 114 ARG B CZ  1 
ATOM   871  N NH1 . ARG B 1 14 ? -22.546 -11.579 -2.794  1.00 56.95  ? 114 ARG B NH1 1 
ATOM   872  N NH2 . ARG B 1 14 ? -23.451 -13.265 -1.524  1.00 58.84  ? 114 ARG B NH2 1 
ATOM   873  N N   . ILE B 1 15 ? -17.638 -9.979  0.790   1.00 17.45  ? 115 ILE B N   1 
ATOM   874  C CA  . ILE B 1 15 ? -17.372 -10.332 2.170   1.00 17.59  ? 115 ILE B CA  1 
ATOM   875  C C   . ILE B 1 15 ? -18.648 -10.178 2.967   1.00 20.31  ? 115 ILE B C   1 
ATOM   876  O O   . ILE B 1 15 ? -19.383 -9.183  2.802   1.00 18.57  ? 115 ILE B O   1 
ATOM   877  C CB  . ILE B 1 15 ? -16.280 -9.426  2.789   1.00 17.93  ? 115 ILE B CB  1 
ATOM   878  C CG1 . ILE B 1 15 ? -16.088 -9.788  4.268   1.00 19.32  ? 115 ILE B CG1 1 
ATOM   879  C CG2 . ILE B 1 15 ? -16.671 -7.956  2.646   1.00 16.52  ? 115 ILE B CG2 1 
ATOM   880  C CD1 . ILE B 1 15 ? -14.833 -9.226  4.894   1.00 20.53  ? 115 ILE B CD1 1 
ATOM   881  N N   . GLY B 1 16 ? -18.914 -11.179 3.812   1.00 23.33  ? 116 GLY B N   1 
ATOM   882  C CA  . GLY B 1 16 ? -20.096 -11.168 4.665   1.00 23.91  ? 116 GLY B CA  1 
ATOM   883  C C   . GLY B 1 16 ? -21.392 -11.048 3.887   1.00 23.66  ? 116 GLY B C   1 
ATOM   884  O O   . GLY B 1 16 ? -22.370 -10.465 4.366   1.00 26.91  ? 116 GLY B O   1 
ATOM   885  N N   . GLY B 1 17 ? -21.399 -11.596 2.679   1.00 20.74  ? 117 GLY B N   1 
ATOM   886  C CA  . GLY B 1 17 ? -22.591 -11.546 1.865   1.00 22.70  ? 117 GLY B CA  1 
ATOM   887  C C   . GLY B 1 17 ? -22.700 -10.281 1.053   1.00 24.56  ? 117 GLY B C   1 
ATOM   888  O O   . GLY B 1 17 ? -23.614 -10.150 0.238   1.00 26.10  ? 117 GLY B O   1 
ATOM   889  N N   . GLN B 1 18 ? -21.767 -9.350  1.254   1.00 24.51  ? 118 GLN B N   1 
ATOM   890  C CA  . GLN B 1 18 ? -21.807 -8.090  0.522   1.00 25.64  ? 118 GLN B CA  1 
ATOM   891  C C   . GLN B 1 18 ? -20.668 -7.875  -0.454  1.00 25.58  ? 118 GLN B C   1 
ATOM   892  O O   . GLN B 1 18 ? -19.553 -8.361  -0.248  1.00 25.04  ? 118 GLN B O   1 
ATOM   893  C CB  . GLN B 1 18 ? -21.816 -6.919  1.488   1.00 29.12  ? 118 GLN B CB  1 
ATOM   894  C CG  . GLN B 1 18 ? -22.956 -6.934  2.460   1.00 33.87  ? 118 GLN B CG  1 
ATOM   895  C CD  . GLN B 1 18 ? -22.972 -5.683  3.292   1.00 37.24  ? 118 GLN B CD  1 
ATOM   896  O OE1 . GLN B 1 18 ? -21.935 -5.260  3.812   1.00 39.18  ? 118 GLN B OE1 1 
ATOM   897  N NE2 . GLN B 1 18 ? -24.146 -5.079  3.432   1.00 37.60  ? 118 GLN B NE2 1 
ATOM   898  N N   . LEU B 1 19 ? -20.968 -7.135  -1.518  1.00 23.41  ? 119 LEU B N   1 
ATOM   899  C CA  . LEU B 1 19 ? -19.981 -6.794  -2.525  1.00 24.41  ? 119 LEU B CA  1 
ATOM   900  C C   . LEU B 1 19 ? -19.427 -5.420  -2.155  1.00 24.29  ? 119 LEU B C   1 
ATOM   901  O O   . LEU B 1 19 ? -20.170 -4.555  -1.695  1.00 26.70  ? 119 LEU B O   1 
ATOM   902  C CB  . LEU B 1 19 ? -20.613 -6.702  -3.912  1.00 25.68  ? 119 LEU B CB  1 
ATOM   903  C CG  . LEU B 1 19 ? -21.206 -7.969  -4.514  1.00 25.92  ? 119 LEU B CG  1 
ATOM   904  C CD1 . LEU B 1 19 ? -21.590 -7.696  -5.957  1.00 23.52  ? 119 LEU B CD1 1 
ATOM   905  C CD2 . LEU B 1 19 ? -20.186 -9.089  -4.454  1.00 27.04  ? 119 LEU B CD2 1 
ATOM   906  N N   . LYS B 1 20 ? -18.128 -5.224  -2.344  1.00 21.33  ? 120 LYS B N   1 
ATOM   907  C CA  . LYS B 1 20 ? -17.497 -3.936  -2.049  1.00 20.54  ? 120 LYS B CA  1 
ATOM   908  C C   . LYS B 1 20 ? -16.329 -3.714  -3.006  1.00 19.08  ? 120 LYS B C   1 
ATOM   909  O O   . LYS B 1 20 ? -15.900 -4.643  -3.691  1.00 17.98  ? 120 LYS B O   1 
ATOM   910  C CB  . LYS B 1 20 ? -16.957 -3.903  -0.615  1.00 21.97  ? 120 LYS B CB  1 
ATOM   911  C CG  . LYS B 1 20 ? -18.017 -3.921  0.467   1.00 26.19  ? 120 LYS B CG  1 
ATOM   912  C CD  . LYS B 1 20 ? -17.404 -3.917  1.850   1.00 31.38  ? 120 LYS B CD  1 
ATOM   913  C CE  . LYS B 1 20 ? -18.496 -3.874  2.919   1.00 33.32  ? 120 LYS B CE  1 
ATOM   914  N NZ  . LYS B 1 20 ? -19.428 -2.734  2.697   1.00 32.90  ? 120 LYS B NZ  1 
ATOM   915  N N   . GLU B 1 21 ? -15.835 -2.478  -3.050  1.00 16.75  ? 121 GLU B N   1 
ATOM   916  C CA  . GLU B 1 21 ? -14.692 -2.132  -3.875  1.00 16.08  ? 121 GLU B CA  1 
ATOM   917  C C   . GLU B 1 21 ? -13.529 -2.014  -2.901  1.00 15.22  ? 121 GLU B C   1 
ATOM   918  O O   . GLU B 1 21 ? -13.644 -1.347  -1.875  1.00 12.89  ? 121 GLU B O   1 
ATOM   919  C CB  . GLU B 1 21 ? -14.891 -0.794  -4.577  0.50 15.35  ? 121 GLU B CB  1 
ATOM   920  C CG  . GLU B 1 21 ? -15.811 -0.847  -5.765  0.50 21.80  ? 121 GLU B CG  1 
ATOM   921  C CD  . GLU B 1 21 ? -15.132 -0.347  -7.018  0.50 25.60  ? 121 GLU B CD  1 
ATOM   922  O OE1 . GLU B 1 21 ? -14.741 -1.186  -7.854  0.50 29.24  ? 121 GLU B OE1 1 
ATOM   923  O OE2 . GLU B 1 21 ? -14.972 0.887   -7.160  0.50 26.43  ? 121 GLU B OE2 1 
ATOM   924  N N   . ALA B 1 22 ? -12.414 -2.658  -3.224  1.00 12.52  ? 122 ALA B N   1 
ATOM   925  C CA  . ALA B 1 22 ? -11.256 -2.628  -2.345  1.00 10.54  ? 122 ALA B CA  1 
ATOM   926  C C   . ALA B 1 22 ? -9.995  -2.487  -3.171  1.00 13.72  ? 122 ALA B C   1 
ATOM   927  O O   . ALA B 1 22 ? -9.956  -2.835  -4.351  1.00 13.33  ? 122 ALA B O   1 
ATOM   928  C CB  . ALA B 1 22 ? -11.201 -3.906  -1.497  1.00 12.40  ? 122 ALA B CB  1 
ATOM   929  N N   . LEU B 1 23 ? -8.959  -1.996  -2.516  1.00 13.73  ? 123 LEU B N   1 
ATOM   930  C CA  . LEU B 1 23 ? -7.667  -1.746  -3.122  1.00 13.96  ? 123 LEU B CA  1 
ATOM   931  C C   . LEU B 1 23 ? -6.722  -2.948  -2.954  1.00 15.02  ? 123 LEU B C   1 
ATOM   932  O O   . LEU B 1 23 ? -6.571  -3.464  -1.849  1.00 15.76  ? 123 LEU B O   1 
ATOM   933  C CB  . LEU B 1 23 ? -7.081  -0.522  -2.417  1.00 14.58  ? 123 LEU B CB  1 
ATOM   934  C CG  . LEU B 1 23 ? -6.108  0.473   -2.998  1.00 17.41  ? 123 LEU B CG  1 
ATOM   935  C CD1 . LEU B 1 23 ? -6.622  1.091   -4.288  1.00 17.77  ? 123 LEU B CD1 1 
ATOM   936  C CD2 . LEU B 1 23 ? -5.913  1.529   -1.921  1.00 21.02  ? 123 LEU B CD2 1 
ATOM   937  N N   . LEU B 1 24 ? -6.102  -3.406  -4.041  1.00 11.83  ? 124 LEU B N   1 
ATOM   938  C CA  . LEU B 1 24 ? -5.134  -4.505  -3.942  1.00 10.80  ? 124 LEU B CA  1 
ATOM   939  C C   . LEU B 1 24 ? -3.887  -3.738  -3.454  1.00 10.79  ? 124 LEU B C   1 
ATOM   940  O O   . LEU B 1 24 ? -3.273  -2.957  -4.201  1.00 9.10   ? 124 LEU B O   1 
ATOM   941  C CB  . LEU B 1 24 ? -4.898  -5.132  -5.319  1.00 10.53  ? 124 LEU B CB  1 
ATOM   942  C CG  . LEU B 1 24 ? -5.736  -6.349  -5.781  1.00 15.03  ? 124 LEU B CG  1 
ATOM   943  C CD1 . LEU B 1 24 ? -6.883  -6.670  -4.839  1.00 16.23  ? 124 LEU B CD1 1 
ATOM   944  C CD2 . LEU B 1 24 ? -6.219  -6.089  -7.173  1.00 17.58  ? 124 LEU B CD2 1 
ATOM   945  N N   . ASP B 1 25 ? -3.509  -3.967  -2.201  1.00 7.69   ? 125 ASP B N   1 
ATOM   946  C CA  . ASP B 1 25 ? -2.433  -3.197  -1.600  1.00 6.28   ? 125 ASP B CA  1 
ATOM   947  C C   . ASP B 1 25 ? -1.222  -3.986  -1.114  1.00 8.68   ? 125 ASP B C   1 
ATOM   948  O O   . ASP B 1 25 ? -1.230  -4.526  0.006   1.00 7.77   ? 125 ASP B O   1 
ATOM   949  C CB  . ASP B 1 25 ? -3.044  -2.425  -0.434  1.00 7.22   ? 125 ASP B CB  1 
ATOM   950  C CG  . ASP B 1 25 ? -2.129  -1.371  0.121   1.00 9.47   ? 125 ASP B CG  1 
ATOM   951  O OD1 . ASP B 1 25 ? -0.944  -1.339  -0.273  1.00 12.04  ? 125 ASP B OD1 1 
ATOM   952  O OD2 . ASP B 1 25 ? -2.618  -0.579  0.960   1.00 10.73  ? 125 ASP B OD2 1 
ATOM   953  N N   . THR B 1 26 ? -0.169  -4.012  -1.931  1.00 8.13   ? 126 THR B N   1 
ATOM   954  C CA  . THR B 1 26 ? 1.054   -4.732  -1.570  1.00 9.14   ? 126 THR B CA  1 
ATOM   955  C C   . THR B 1 26 ? 1.765   -4.102  -0.357  1.00 10.51  ? 126 THR B C   1 
ATOM   956  O O   . THR B 1 26 ? 2.617   -4.729  0.277   1.00 11.97  ? 126 THR B O   1 
ATOM   957  C CB  . THR B 1 26 ? 2.023   -4.753  -2.739  1.00 7.29   ? 126 THR B CB  1 
ATOM   958  O OG1 . THR B 1 26 ? 2.338   -3.411  -3.115  1.00 7.91   ? 126 THR B OG1 1 
ATOM   959  C CG2 . THR B 1 26 ? 1.396   -5.425  -3.933  1.00 6.73   ? 126 THR B CG2 1 
ATOM   960  N N   . GLY B 1 27 ? 1.402   -2.870  -0.015  1.00 9.07   ? 127 GLY B N   1 
ATOM   961  C CA  . GLY B 1 27 ? 2.044   -2.208  1.114   1.00 10.18  ? 127 GLY B CA  1 
ATOM   962  C C   . GLY B 1 27 ? 1.337   -2.428  2.448   1.00 11.72  ? 127 GLY B C   1 
ATOM   963  O O   . GLY B 1 27 ? 1.772   -1.917  3.482   1.00 12.08  ? 127 GLY B O   1 
ATOM   964  N N   . ALA B 1 28 ? 0.241   -3.181  2.425   1.00 9.17   ? 128 ALA B N   1 
ATOM   965  C CA  . ALA B 1 28 ? -0.530  -3.469  3.631   1.00 9.39   ? 128 ALA B CA  1 
ATOM   966  C C   . ALA B 1 28 ? -0.308  -4.912  4.079   1.00 10.17  ? 128 ALA B C   1 
ATOM   967  O O   . ALA B 1 28 ? -0.539  -5.853  3.316   1.00 13.09  ? 128 ALA B O   1 
ATOM   968  C CB  . ALA B 1 28 ? -2.030  -3.225  3.371   1.00 6.27   ? 128 ALA B CB  1 
ATOM   969  N N   . ASP B 1 29 ? 0.144   -5.085  5.317   1.00 12.47  ? 129 ASP B N   1 
ATOM   970  C CA  . ASP B 1 29 ? 0.390   -6.416  5.862   1.00 14.15  ? 129 ASP B CA  1 
ATOM   971  C C   . ASP B 1 29 ? -0.926  -7.132  6.065   1.00 17.00  ? 129 ASP B C   1 
ATOM   972  O O   . ASP B 1 29 ? -1.045  -8.331  5.813   1.00 17.58  ? 129 ASP B O   1 
ATOM   973  C CB  . ASP B 1 29 ? 1.076   -6.335  7.232   1.00 17.44  ? 129 ASP B CB  1 
ATOM   974  C CG  . ASP B 1 29 ? 2.512   -5.842  7.151   1.00 21.44  ? 129 ASP B CG  1 
ATOM   975  O OD1 . ASP B 1 29 ? 3.171   -6.048  6.106   1.00 23.07  ? 129 ASP B OD1 1 
ATOM   976  O OD2 . ASP B 1 29 ? 2.986   -5.267  8.152   1.00 25.47  ? 129 ASP B OD2 1 
ATOM   977  N N   . ASP B 1 30 ? -1.914  -6.373  6.526   1.00 15.68  ? 130 ASP B N   1 
ATOM   978  C CA  . ASP B 1 30 ? -3.236  -6.907  6.837   1.00 17.57  ? 130 ASP B CA  1 
ATOM   979  C C   . ASP B 1 30 ? -4.335  -6.363  5.935   1.00 14.20  ? 130 ASP B C   1 
ATOM   980  O O   . ASP B 1 30 ? -4.139  -5.377  5.218   1.00 14.15  ? 130 ASP B O   1 
ATOM   981  C CB  . ASP B 1 30 ? -3.596  -6.550  8.282   1.00 17.55  ? 130 ASP B CB  1 
ATOM   982  C CG  . ASP B 1 30 ? -2.416  -6.674  9.228   1.00 21.28  ? 130 ASP B CG  1 
ATOM   983  O OD1 . ASP B 1 30 ? -1.864  -7.786  9.354   1.00 22.52  ? 130 ASP B OD1 1 
ATOM   984  O OD2 . ASP B 1 30 ? -2.039  -5.650  9.846   1.00 24.41  ? 130 ASP B OD2 1 
ATOM   985  N N   . THR B 1 31 ? -5.496  -7.004  6.007   1.00 11.27  ? 131 THR B N   1 
ATOM   986  C CA  . THR B 1 31 ? -6.669  -6.600  5.247   1.00 11.77  ? 131 THR B CA  1 
ATOM   987  C C   . THR B 1 31 ? -7.537  -5.767  6.180   1.00 11.64  ? 131 THR B C   1 
ATOM   988  O O   . THR B 1 31 ? -7.860  -6.198  7.289   1.00 13.04  ? 131 THR B O   1 
ATOM   989  C CB  . THR B 1 31 ? -7.435  -7.841  4.752   1.00 12.24  ? 131 THR B CB  1 
ATOM   990  O OG1 . THR B 1 31 ? -6.607  -8.539  3.814   1.00 10.84  ? 131 THR B OG1 1 
ATOM   991  C CG2 . THR B 1 31 ? -8.748  -7.446  4.068   1.00 8.64   ? 131 THR B CG2 1 
ATOM   992  N N   . VAL B 1 32 ? -7.911  -4.575  5.727   1.00 10.94  ? 132 VAL B N   1 
ATOM   993  C CA  . VAL B 1 32 ? -8.701  -3.642  6.521   1.00 11.12  ? 132 VAL B CA  1 
ATOM   994  C C   . VAL B 1 32 ? -9.967  -3.229  5.781   1.00 12.38  ? 132 VAL B C   1 
ATOM   995  O O   . VAL B 1 32 ? -9.920  -2.609  4.709   1.00 11.89  ? 132 VAL B O   1 
ATOM   996  C CB  . VAL B 1 32 ? -7.892  -2.357  6.843   1.00 8.57   ? 132 VAL B CB  1 
ATOM   997  C CG1 . VAL B 1 32 ? -8.604  -1.543  7.914   1.00 10.18  ? 132 VAL B CG1 1 
ATOM   998  C CG2 . VAL B 1 32 ? -6.494  -2.720  7.300   1.00 11.02  ? 132 VAL B CG2 1 
ATOM   999  N N   . ILE B 1 33 ? -11.105 -3.550  6.377   1.00 10.90  ? 133 ILE B N   1 
ATOM   1000 C CA  . ILE B 1 33 ? -12.392 -3.256  5.770   1.00 12.07  ? 133 ILE B CA  1 
ATOM   1001 C C   . ILE B 1 33 ? -13.154 -2.176  6.517   1.00 13.66  ? 133 ILE B C   1 
ATOM   1002 O O   . ILE B 1 33 ? -13.094 -2.080  7.737   1.00 14.88  ? 133 ILE B O   1 
ATOM   1003 C CB  . ILE B 1 33 ? -13.245 -4.535  5.704   1.00 16.48  ? 133 ILE B CB  1 
ATOM   1004 C CG1 . ILE B 1 33 ? -12.475 -5.628  4.926   1.00 14.30  ? 133 ILE B CG1 1 
ATOM   1005 C CG2 . ILE B 1 33 ? -14.595 -4.233  5.066   1.00 17.43  ? 133 ILE B CG2 1 
ATOM   1006 C CD1 . ILE B 1 33 ? -12.124 -5.278  3.488   1.00 13.26  ? 133 ILE B CD1 1 
ATOM   1007 N N   . GLU B 1 34 ? -13.863 -1.351  5.765   1.00 15.20  ? 134 GLU B N   1 
ATOM   1008 C CA  . GLU B 1 34 ? -14.632 -0.274  6.352   1.00 18.91  ? 134 GLU B CA  1 
ATOM   1009 C C   . GLU B 1 34 ? -15.663 -0.829  7.324   1.00 20.72  ? 134 GLU B C   1 
ATOM   1010 O O   . GLU B 1 34 ? -16.149 -1.949  7.168   1.00 19.98  ? 134 GLU B O   1 
ATOM   1011 C CB  . GLU B 1 34 ? -15.310 0.549   5.251   0.50 15.30  ? 134 GLU B CB  1 
ATOM   1012 C CG  . GLU B 1 34 ? -16.283 -0.231  4.378   0.50 18.07  ? 134 GLU B CG  1 
ATOM   1013 C CD  . GLU B 1 34 ? -16.492 0.424   3.015   0.50 18.44  ? 134 GLU B CD  1 
ATOM   1014 O OE1 . GLU B 1 34 ? -15.994 1.557   2.808   0.50 16.29  ? 134 GLU B OE1 1 
ATOM   1015 O OE2 . GLU B 1 34 ? -17.148 -0.199  2.152   0.50 19.45  ? 134 GLU B OE2 1 
ATOM   1016 N N   . GLU B 1 35 ? -15.972 -0.028  8.338   1.00 21.99  ? 135 GLU B N   1 
ATOM   1017 C CA  . GLU B 1 35 ? -16.935 -0.393  9.366   1.00 25.69  ? 135 GLU B CA  1 
ATOM   1018 C C   . GLU B 1 35 ? -18.163 -1.157  8.844   1.00 26.63  ? 135 GLU B C   1 
ATOM   1019 O O   . GLU B 1 35 ? -18.949 -0.638  8.052   1.00 24.67  ? 135 GLU B O   1 
ATOM   1020 C CB  . GLU B 1 35 ? -17.391 0.871   10.105  1.00 28.08  ? 135 GLU B CB  1 
ATOM   1021 C CG  . GLU B 1 35 ? -18.278 0.600   11.295  1.00 31.07  ? 135 GLU B CG  1 
ATOM   1022 C CD  . GLU B 1 35 ? -17.704 -0.475  12.196  1.00 34.18  ? 135 GLU B CD  1 
ATOM   1023 O OE1 . GLU B 1 35 ? -16.542 -0.334  12.644  1.00 35.82  ? 135 GLU B OE1 1 
ATOM   1024 O OE2 . GLU B 1 35 ? -18.423 -1.462  12.453  1.00 37.62  ? 135 GLU B OE2 1 
ATOM   1025 N N   . MET B 1 36 ? -18.308 -2.404  9.275   1.00 28.46  ? 136 MET B N   1 
ATOM   1026 C CA  . MET B 1 36 ? -19.462 -3.200  8.894   1.00 31.54  ? 136 MET B CA  1 
ATOM   1027 C C   . MET B 1 36 ? -19.774 -4.134  10.053  1.00 33.58  ? 136 MET B C   1 
ATOM   1028 O O   . MET B 1 36 ? -18.889 -4.478  10.837  1.00 31.45  ? 136 MET B O   1 
ATOM   1029 C CB  . MET B 1 36 ? -19.214 -3.964  7.594   1.00 31.57  ? 136 MET B CB  1 
ATOM   1030 C CG  . MET B 1 36 ? -18.388 -5.208  7.688   1.00 33.12  ? 136 MET B CG  1 
ATOM   1031 S SD  . MET B 1 36 ? -18.197 -5.831  6.000   1.00 36.64  ? 136 MET B SD  1 
ATOM   1032 C CE  . MET B 1 36 ? -19.822 -6.558  5.681   1.00 36.04  ? 136 MET B CE  1 
ATOM   1033 N N   . ASN B 1 37 ? -21.039 -4.528  10.166  1.00 36.60  ? 137 ASN B N   1 
ATOM   1034 C CA  . ASN B 1 37 ? -21.474 -5.370  11.277  1.00 39.46  ? 137 ASN B CA  1 
ATOM   1035 C C   . ASN B 1 37 ? -21.363 -6.878  11.064  1.00 39.69  ? 137 ASN B C   1 
ATOM   1036 O O   . ASN B 1 37 ? -22.370 -7.586  11.046  1.00 42.01  ? 137 ASN B O   1 
ATOM   1037 C CB  A ASN B 1 37 ? -22.916 -5.013  11.668  0.50 39.57  ? 137 ASN B CB  1 
ATOM   1038 C CB  B ASN B 1 37 ? -22.922 -5.020  11.635  0.50 38.41  ? 137 ASN B CB  1 
ATOM   1039 C CG  A ASN B 1 37 ? -23.034 -3.612  12.238  0.50 40.44  ? 137 ASN B CG  1 
ATOM   1040 C CG  B ASN B 1 37 ? -23.323 -5.535  12.996  0.50 39.17  ? 137 ASN B CG  1 
ATOM   1041 O OD1 A ASN B 1 37 ? -22.378 -3.275  13.229  0.50 42.64  ? 137 ASN B OD1 1 
ATOM   1042 O OD1 B ASN B 1 37 ? -24.510 -5.677  13.294  0.50 39.60  ? 137 ASN B OD1 1 
ATOM   1043 N ND2 A ASN B 1 37 ? -23.875 -2.787  11.621  0.50 41.57  ? 137 ASN B ND2 1 
ATOM   1044 N ND2 B ASN B 1 37 ? -22.331 -5.808  13.840  0.50 37.30  ? 137 ASN B ND2 1 
ATOM   1045 N N   . LEU B 1 38 ? -20.138 -7.369  10.934  1.00 38.94  ? 138 LEU B N   1 
ATOM   1046 C CA  . LEU B 1 38 ? -19.909 -8.791  10.740  1.00 38.22  ? 138 LEU B CA  1 
ATOM   1047 C C   . LEU B 1 38 ? -20.205 -9.580  12.012  1.00 38.48  ? 138 LEU B C   1 
ATOM   1048 O O   . LEU B 1 38 ? -19.910 -9.122  13.120  1.00 38.38  ? 138 LEU B O   1 
ATOM   1049 C CB  . LEU B 1 38 ? -18.452 -9.041  10.352  1.00 36.81  ? 138 LEU B CB  1 
ATOM   1050 C CG  . LEU B 1 38 ? -17.978 -8.654  8.961   1.00 36.28  ? 138 LEU B CG  1 
ATOM   1051 C CD1 . LEU B 1 38 ? -16.478 -8.916  8.868   1.00 35.58  ? 138 LEU B CD1 1 
ATOM   1052 C CD2 . LEU B 1 38 ? -18.737 -9.459  7.921   1.00 31.55  ? 138 LEU B CD2 1 
ATOM   1053 N N   . PRO B 1 39 ? -20.815 -10.771 11.871  1.00 38.06  ? 139 PRO B N   1 
ATOM   1054 C CA  . PRO B 1 39 ? -21.115 -11.590 13.048  1.00 37.38  ? 139 PRO B CA  1 
ATOM   1055 C C   . PRO B 1 39 ? -19.841 -12.336 13.397  1.00 35.39  ? 139 PRO B C   1 
ATOM   1056 O O   . PRO B 1 39 ? -18.962 -12.512 12.543  1.00 36.05  ? 139 PRO B O   1 
ATOM   1057 C CB  . PRO B 1 39 ? -22.199 -12.538 12.549  1.00 37.51  ? 139 PRO B CB  1 
ATOM   1058 C CG  . PRO B 1 39 ? -21.790 -12.758 11.117  1.00 40.36  ? 139 PRO B CG  1 
ATOM   1059 C CD  . PRO B 1 39 ? -21.427 -11.352 10.659  1.00 39.10  ? 139 PRO B CD  1 
ATOM   1060 N N   . GLY B 1 40 ? -19.742 -12.773 14.646  1.00 33.81  ? 140 GLY B N   1 
ATOM   1061 C CA  . GLY B 1 40 ? -18.567 -13.504 15.070  1.00 31.57  ? 140 GLY B CA  1 
ATOM   1062 C C   . GLY B 1 40 ? -17.852 -12.806 16.208  1.00 31.11  ? 140 GLY B C   1 
ATOM   1063 O O   . GLY B 1 40 ? -18.139 -11.646 16.527  1.00 29.86  ? 140 GLY B O   1 
ATOM   1064 N N   . LYS B 1 41 ? -16.931 -13.523 16.836  1.00 29.75  ? 141 LYS B N   1 
ATOM   1065 C CA  . LYS B 1 41 ? -16.159 -12.971 17.932  1.00 29.09  ? 141 LYS B CA  1 
ATOM   1066 C C   . LYS B 1 41 ? -15.015 -12.175 17.309  1.00 29.28  ? 141 LYS B C   1 
ATOM   1067 O O   . LYS B 1 41 ? -14.625 -12.417 16.166  1.00 30.36  ? 141 LYS B O   1 
ATOM   1068 C CB  . LYS B 1 41 ? -15.606 -14.098 18.800  1.00 30.04  ? 141 LYS B CB  1 
ATOM   1069 N N   . TRP B 1 42 ? -14.472 -11.228 18.059  1.00 27.56  ? 142 TRP B N   1 
ATOM   1070 C CA  . TRP B 1 42 ? -13.370 -10.418 17.560  1.00 24.89  ? 142 TRP B CA  1 
ATOM   1071 C C   . TRP B 1 42 ? -12.511 -9.978  18.733  1.00 24.42  ? 142 TRP B C   1 
ATOM   1072 O O   . TRP B 1 42 ? -12.926 -10.087 19.889  1.00 24.09  ? 142 TRP B O   1 
ATOM   1073 C CB  . TRP B 1 42 ? -13.918 -9.191  16.846  1.00 24.66  ? 142 TRP B CB  1 
ATOM   1074 C CG  . TRP B 1 42 ? -14.876 -8.426  17.701  1.00 27.64  ? 142 TRP B CG  1 
ATOM   1075 C CD1 . TRP B 1 42 ? -16.229 -8.609  17.791  1.00 31.61  ? 142 TRP B CD1 1 
ATOM   1076 C CD2 . TRP B 1 42 ? -14.555 -7.367  18.595  1.00 29.18  ? 142 TRP B CD2 1 
ATOM   1077 N NE1 . TRP B 1 42 ? -16.770 -7.721  18.685  1.00 29.72  ? 142 TRP B NE1 1 
ATOM   1078 C CE2 . TRP B 1 42 ? -15.765 -6.944  19.196  1.00 31.15  ? 142 TRP B CE2 1 
ATOM   1079 C CE3 . TRP B 1 42 ? -13.362 -6.726  18.952  1.00 27.24  ? 142 TRP B CE3 1 
ATOM   1080 C CZ2 . TRP B 1 42 ? -15.815 -5.908  20.133  1.00 30.58  ? 142 TRP B CZ2 1 
ATOM   1081 C CZ3 . TRP B 1 42 ? -13.412 -5.696  19.881  1.00 31.52  ? 142 TRP B CZ3 1 
ATOM   1082 C CH2 . TRP B 1 42 ? -14.632 -5.296  20.461  1.00 31.35  ? 142 TRP B CH2 1 
ATOM   1083 N N   . LYS B 1 43 ? -11.310 -9.495  18.432  1.00 23.51  ? 143 LYS B N   1 
ATOM   1084 C CA  . LYS B 1 43 ? -10.379 -9.006  19.448  1.00 20.66  ? 143 LYS B CA  1 
ATOM   1085 C C   . LYS B 1 43 ? -9.981  -7.589  19.021  1.00 20.27  ? 143 LYS B C   1 
ATOM   1086 O O   . LYS B 1 43 ? -9.845  -7.315  17.830  1.00 20.25  ? 143 LYS B O   1 
ATOM   1087 C CB  . LYS B 1 43 ? -9.158  -9.901  19.508  1.00 19.21  ? 143 LYS B CB  1 
ATOM   1088 N N   . PRO B 1 44 ? -9.812  -6.667  19.981  1.00 20.63  ? 144 PRO B N   1 
ATOM   1089 C CA  . PRO B 1 44 ? -9.428  -5.309  19.582  1.00 19.48  ? 144 PRO B CA  1 
ATOM   1090 C C   . PRO B 1 44 ? -7.950  -5.234  19.241  1.00 17.21  ? 144 PRO B C   1 
ATOM   1091 O O   . PRO B 1 44 ? -7.148  -6.051  19.688  1.00 17.21  ? 144 PRO B O   1 
ATOM   1092 C CB  . PRO B 1 44 ? -9.762  -4.479  20.822  1.00 20.38  ? 144 PRO B CB  1 
ATOM   1093 C CG  . PRO B 1 44 ? -9.435  -5.438  21.935  1.00 20.66  ? 144 PRO B CG  1 
ATOM   1094 C CD  . PRO B 1 44 ? -10.048 -6.739  21.439  1.00 20.94  ? 144 PRO B CD  1 
ATOM   1095 N N   . LYS B 1 45 ? -7.594  -4.269  18.414  1.00 16.22  ? 145 LYS B N   1 
ATOM   1096 C CA  . LYS B 1 45 ? -6.204  -4.074  18.082  1.00 16.88  ? 145 LYS B CA  1 
ATOM   1097 C C   . LYS B 1 45 ? -6.028  -2.720  17.434  1.00 14.86  ? 145 LYS B C   1 
ATOM   1098 O O   . LYS B 1 45 ? -6.992  -2.057  17.093  1.00 13.01  ? 145 LYS B O   1 
ATOM   1099 C CB  . LYS B 1 45 ? -5.679  -5.180  17.169  1.00 19.59  ? 145 LYS B CB  1 
ATOM   1100 C CG  . LYS B 1 45 ? -6.277  -5.232  15.815  1.00 25.20  ? 145 LYS B CG  1 
ATOM   1101 C CD  . LYS B 1 45 ? -5.166  -5.415  14.776  1.00 32.34  ? 145 LYS B CD  1 
ATOM   1102 C CE  . LYS B 1 45 ? -4.156  -6.470  15.204  1.00 31.94  ? 145 LYS B CE  1 
ATOM   1103 N NZ  . LYS B 1 45 ? -3.118  -6.681  14.158  1.00 33.50  ? 145 LYS B NZ  1 
ATOM   1104 N N   . MET B 1 46 ? -4.784  -2.296  17.304  1.00 12.90  ? 146 MET B N   1 
ATOM   1105 C CA  . MET B 1 46 ? -4.514  -1.020  16.696  1.00 15.05  ? 146 MET B CA  1 
ATOM   1106 C C   . MET B 1 46 ? -3.478  -1.181  15.620  1.00 15.00  ? 146 MET B C   1 
ATOM   1107 O O   . MET B 1 46 ? -2.490  -1.890  15.801  1.00 16.00  ? 146 MET B O   1 
ATOM   1108 C CB  . MET B 1 46 ? -4.065  -0.013  17.753  1.00 17.08  ? 146 MET B CB  1 
ATOM   1109 C CG  . MET B 1 46 ? -5.280  0.679   18.385  1.00 24.98  ? 146 MET B CG  1 
ATOM   1110 S SD  . MET B 1 46 ? -4.871  1.903   19.587  1.00 37.00  ? 146 MET B SD  1 
ATOM   1111 C CE  . MET B 1 46 ? -5.253  0.998   21.091  1.00 38.64  ? 146 MET B CE  1 
ATOM   1112 N N   . ILE B 1 47 ? -3.731  -0.549  14.482  1.00 14.04  ? 147 ILE B N   1 
ATOM   1113 C CA  . ILE B 1 47 ? -2.822  -0.617  13.349  1.00 12.40  ? 147 ILE B CA  1 
ATOM   1114 C C   . ILE B 1 47 ? -2.455  0.820   13.014  1.00 12.81  ? 147 ILE B C   1 
ATOM   1115 O O   . ILE B 1 47 ? -3.255  1.733   13.209  1.00 10.13  ? 147 ILE B O   1 
ATOM   1116 C CB  . ILE B 1 47 ? -3.493  -1.296  12.139  1.00 14.19  ? 147 ILE B CB  1 
ATOM   1117 C CG1 . ILE B 1 47 ? -4.791  -0.565  11.792  1.00 16.72  ? 147 ILE B CG1 1 
ATOM   1118 C CG2 . ILE B 1 47 ? -3.763  -2.770  12.456  1.00 16.41  ? 147 ILE B CG2 1 
ATOM   1119 C CD1 . ILE B 1 47 ? -5.368  -0.936  10.454  1.00 16.18  ? 147 ILE B CD1 1 
ATOM   1120 N N   . GLY B 1 48 ? -1.240  1.032   12.532  1.00 10.94  ? 148 GLY B N   1 
ATOM   1121 C CA  . GLY B 1 48 ? -0.835  2.389   12.246  1.00 16.05  ? 148 GLY B CA  1 
ATOM   1122 C C   . GLY B 1 48 ? -0.206  2.580   10.892  1.00 15.31  ? 148 GLY B C   1 
ATOM   1123 O O   . GLY B 1 48 ? 0.212   1.627   10.240  1.00 19.04  ? 148 GLY B O   1 
ATOM   1124 N N   . GLY B 1 49 ? -0.142  3.830   10.471  1.00 14.98  ? 149 GLY B N   1 
ATOM   1125 C CA  . GLY B 1 49 ? 0.472   4.150   9.198   1.00 13.96  ? 149 GLY B CA  1 
ATOM   1126 C C   . GLY B 1 49 ? 0.692   5.642   9.167   1.00 14.83  ? 149 GLY B C   1 
ATOM   1127 O O   . GLY B 1 49 ? 0.837   6.271   10.213  1.00 15.56  ? 149 GLY B O   1 
ATOM   1128 N N   . ILE B 1 50 ? 0.729   6.219   7.977   1.00 13.71  ? 150 ILE B N   1 
ATOM   1129 C CA  . ILE B 1 50 ? 0.896   7.654   7.869   1.00 16.08  ? 150 ILE B CA  1 
ATOM   1130 C C   . ILE B 1 50 ? -0.294  8.297   8.586   1.00 15.64  ? 150 ILE B C   1 
ATOM   1131 O O   . ILE B 1 50 ? -1.457  7.929   8.364   1.00 15.69  ? 150 ILE B O   1 
ATOM   1132 C CB  . ILE B 1 50 ? 0.941   8.093   6.378   1.00 14.92  ? 150 ILE B CB  1 
ATOM   1133 C CG1 . ILE B 1 50 ? 2.319   7.767   5.797   1.00 15.34  ? 150 ILE B CG1 1 
ATOM   1134 C CG2 . ILE B 1 50 ? 0.633   9.573   6.236   1.00 13.99  ? 150 ILE B CG2 1 
ATOM   1135 C CD1 . ILE B 1 50 ? 2.343   7.780   4.257   1.00 15.17  ? 150 ILE B CD1 1 
ATOM   1136 N N   . GLY B 1 51 ? 0.006   9.227   9.484   1.00 15.81  ? 151 GLY B N   1 
ATOM   1137 C CA  . GLY B 1 51 ? -1.057  9.897   10.197  1.00 15.42  ? 151 GLY B CA  1 
ATOM   1138 C C   . GLY B 1 51 ? -1.303  9.365   11.588  1.00 18.60  ? 151 GLY B C   1 
ATOM   1139 O O   . GLY B 1 51 ? -1.922  10.044  12.400  1.00 20.39  ? 151 GLY B O   1 
ATOM   1140 N N   . GLY B 1 52 ? -0.837  8.151   11.864  1.00 18.66  ? 152 GLY B N   1 
ATOM   1141 C CA  . GLY B 1 52 ? -1.018  7.576   13.181  1.00 15.60  ? 152 GLY B CA  1 
ATOM   1142 C C   . GLY B 1 52 ? -1.717  6.234   13.179  1.00 14.32  ? 152 GLY B C   1 
ATOM   1143 O O   . GLY B 1 52 ? -1.723  5.518   12.168  1.00 15.05  ? 152 GLY B O   1 
ATOM   1144 N N   . PHE B 1 53 ? -2.342  5.921   14.312  1.00 14.09  ? 153 PHE B N   1 
ATOM   1145 C CA  . PHE B 1 53 ? -3.037  4.649   14.512  1.00 12.58  ? 153 PHE B CA  1 
ATOM   1146 C C   . PHE B 1 53 ? -4.559  4.744   14.589  1.00 12.46  ? 153 PHE B C   1 
ATOM   1147 O O   . PHE B 1 53 ? -5.104  5.778   14.945  1.00 14.51  ? 153 PHE B O   1 
ATOM   1148 C CB  . PHE B 1 53 ? -2.557  4.005   15.818  1.00 12.55  ? 153 PHE B CB  1 
ATOM   1149 C CG  . PHE B 1 53 ? -1.174  3.411   15.746  1.00 12.40  ? 153 PHE B CG  1 
ATOM   1150 C CD1 . PHE B 1 53 ? -0.042  4.227   15.762  1.00 12.03  ? 153 PHE B CD1 1 
ATOM   1151 C CD2 . PHE B 1 53 ? -1.009  2.031   15.676  1.00 11.19  ? 153 PHE B CD2 1 
ATOM   1152 C CE1 . PHE B 1 53 ? 1.223   3.684   15.711  1.00 9.38   ? 153 PHE B CE1 1 
ATOM   1153 C CE2 . PHE B 1 53 ? 0.262   1.465   15.623  1.00 13.37  ? 153 PHE B CE2 1 
ATOM   1154 C CZ  . PHE B 1 53 ? 1.385   2.295   15.641  1.00 14.58  ? 153 PHE B CZ  1 
ATOM   1155 N N   . ILE B 1 54 ? -5.243  3.658   14.239  1.00 12.07  ? 154 ILE B N   1 
ATOM   1156 C CA  . ILE B 1 54 ? -6.695  3.606   14.372  1.00 11.85  ? 154 ILE B CA  1 
ATOM   1157 C C   . ILE B 1 54 ? -7.021  2.285   15.077  1.00 14.40  ? 154 ILE B C   1 
ATOM   1158 O O   . ILE B 1 54 ? -6.266  1.310   14.979  1.00 13.48  ? 154 ILE B O   1 
ATOM   1159 C CB  . ILE B 1 54 ? -7.457  3.629   13.013  1.00 14.35  ? 154 ILE B CB  1 
ATOM   1160 C CG1 . ILE B 1 54 ? -7.025  2.441   12.150  1.00 9.88   ? 154 ILE B CG1 1 
ATOM   1161 C CG2 . ILE B 1 54 ? -7.253  4.977   12.294  1.00 15.34  ? 154 ILE B CG2 1 
ATOM   1162 C CD1 . ILE B 1 54 ? -7.946  2.223   10.974  1.00 12.82  ? 154 ILE B CD1 1 
ATOM   1163 N N   . LYS B 1 55 ? -8.144  2.255   15.777  1.00 12.55  ? 155 LYS B N   1 
ATOM   1164 C CA  . LYS B 1 55 ? -8.566  1.061   16.488  1.00 14.42  ? 155 LYS B CA  1 
ATOM   1165 C C   . LYS B 1 55 ? -9.448  0.240   15.571  1.00 12.71  ? 155 LYS B C   1 
ATOM   1166 O O   . LYS B 1 55 ? -10.306 0.782   14.884  1.00 12.58  ? 155 LYS B O   1 
ATOM   1167 C CB  . LYS B 1 55 ? -9.346  1.453   17.742  1.00 15.52  ? 155 LYS B CB  1 
ATOM   1168 C CG  . LYS B 1 55 ? -8.555  2.356   18.669  1.00 25.00  ? 155 LYS B CG  1 
ATOM   1169 C CD  . LYS B 1 55 ? -9.445  3.078   19.691  1.00 32.40  ? 155 LYS B CD  1 
ATOM   1170 C CE  . LYS B 1 55 ? -8.622  4.081   20.509  1.00 34.47  ? 155 LYS B CE  1 
ATOM   1171 N NZ  . LYS B 1 55 ? -9.430  4.755   21.567  1.00 39.95  ? 155 LYS B NZ  1 
ATOM   1172 N N   . VAL B 1 56 ? -9.230  -1.068  15.553  1.00 14.14  ? 156 VAL B N   1 
ATOM   1173 C CA  . VAL B 1 56 ? -10.027 -1.944  14.706  1.00 13.64  ? 156 VAL B CA  1 
ATOM   1174 C C   . VAL B 1 56 ? -10.392 -3.238  15.421  1.00 15.03  ? 156 VAL B C   1 
ATOM   1175 O O   . VAL B 1 56 ? -9.856  -3.547  16.488  1.00 12.99  ? 156 VAL B O   1 
ATOM   1176 C CB  . VAL B 1 56 ? -9.267  -2.292  13.399  1.00 15.10  ? 156 VAL B CB  1 
ATOM   1177 C CG1 . VAL B 1 56 ? -8.988  -1.015  12.607  1.00 12.77  ? 156 VAL B CG1 1 
ATOM   1178 C CG2 . VAL B 1 56 ? -7.961  -3.034  13.731  1.00 12.38  ? 156 VAL B CG2 1 
ATOM   1179 N N   . ARG B 1 57 ? -11.313 -3.992  14.831  1.00 14.65  ? 157 ARG B N   1 
ATOM   1180 C CA  . ARG B 1 57 ? -11.728 -5.265  15.403  1.00 13.59  ? 157 ARG B CA  1 
ATOM   1181 C C   . ARG B 1 57 ? -11.202 -6.375  14.513  1.00 14.61  ? 157 ARG B C   1 
ATOM   1182 O O   . ARG B 1 57 ? -11.444 -6.390  13.305  1.00 14.65  ? 157 ARG B O   1 
ATOM   1183 C CB  . ARG B 1 57 ? -13.243 -5.329  15.483  1.00 13.84  ? 157 ARG B CB  1 
ATOM   1184 C CG  . ARG B 1 57 ? -13.825 -4.371  16.501  1.00 16.93  ? 157 ARG B CG  1 
ATOM   1185 C CD  . ARG B 1 57 ? -15.341 -4.421  16.468  1.00 24.15  ? 157 ARG B CD  1 
ATOM   1186 N NE  . ARG B 1 57 ? -15.875 -3.559  15.415  1.00 31.55  ? 157 ARG B NE  1 
ATOM   1187 C CZ  . ARG B 1 57 ? -16.842 -3.908  14.579  1.00 30.23  ? 157 ARG B CZ  1 
ATOM   1188 N NH1 . ARG B 1 57 ? -17.393 -5.108  14.655  1.00 36.46  ? 157 ARG B NH1 1 
ATOM   1189 N NH2 . ARG B 1 57 ? -17.261 -3.052  13.671  1.00 32.44  ? 157 ARG B NH2 1 
ATOM   1190 N N   . GLN B 1 58 ? -10.471 -7.299  15.110  1.00 15.64  ? 158 GLN B N   1 
ATOM   1191 C CA  . GLN B 1 58 ? -9.898  -8.401  14.364  1.00 15.13  ? 158 GLN B CA  1 
ATOM   1192 C C   . GLN B 1 58 ? -10.830 -9.609  14.324  1.00 18.60  ? 158 GLN B C   1 
ATOM   1193 O O   . GLN B 1 58 ? -11.228 -10.132 15.369  1.00 19.19  ? 158 GLN B O   1 
ATOM   1194 C CB  . GLN B 1 58 ? -8.571  -8.815  14.994  1.00 18.38  ? 158 GLN B CB  1 
ATOM   1195 C CG  . GLN B 1 58 ? -7.811  -9.849  14.209  1.00 21.06  ? 158 GLN B CG  1 
ATOM   1196 C CD  . GLN B 1 58 ? -6.612  -10.359 14.962  1.00 28.29  ? 158 GLN B CD  1 
ATOM   1197 O OE1 . GLN B 1 58 ? -5.976  -9.616  15.713  1.00 29.68  ? 158 GLN B OE1 1 
ATOM   1198 N NE2 . GLN B 1 58 ? -6.287  -11.634 14.767  1.00 28.26  ? 158 GLN B NE2 1 
ATOM   1199 N N   . TYR B 1 59 ? -11.178 -10.033 13.115  1.00 17.42  ? 159 TYR B N   1 
ATOM   1200 C CA  . TYR B 1 59 ? -12.024 -11.201 12.897  1.00 17.98  ? 159 TYR B CA  1 
ATOM   1201 C C   . TYR B 1 59 ? -11.152 -12.235 12.187  1.00 18.76  ? 159 TYR B C   1 
ATOM   1202 O O   . TYR B 1 59 ? -10.453 -11.903 11.220  1.00 16.62  ? 159 TYR B O   1 
ATOM   1203 C CB  . TYR B 1 59 ? -13.212 -10.859 12.005  1.00 16.01  ? 159 TYR B CB  1 
ATOM   1204 C CG  . TYR B 1 59 ? -14.261 -9.997  12.648  1.00 19.17  ? 159 TYR B CG  1 
ATOM   1205 C CD1 . TYR B 1 59 ? -14.127 -8.607  12.681  1.00 20.43  ? 159 TYR B CD1 1 
ATOM   1206 C CD2 . TYR B 1 59 ? -15.410 -10.568 13.211  1.00 20.73  ? 159 TYR B CD2 1 
ATOM   1207 C CE1 . TYR B 1 59 ? -15.108 -7.805  13.253  1.00 21.16  ? 159 TYR B CE1 1 
ATOM   1208 C CE2 . TYR B 1 59 ? -16.398 -9.780  13.790  1.00 20.22  ? 159 TYR B CE2 1 
ATOM   1209 C CZ  . TYR B 1 59 ? -16.245 -8.400  13.807  1.00 23.75  ? 159 TYR B CZ  1 
ATOM   1210 O OH  . TYR B 1 59 ? -17.220 -7.612  14.381  1.00 26.00  ? 159 TYR B OH  1 
ATOM   1211 N N   . ASP B 1 60 ? -11.183 -13.481 12.655  1.00 19.62  ? 160 ASP B N   1 
ATOM   1212 C CA  . ASP B 1 60 ? -10.368 -14.519 12.039  1.00 19.72  ? 160 ASP B CA  1 
ATOM   1213 C C   . ASP B 1 60 ? -11.182 -15.432 11.153  1.00 18.63  ? 160 ASP B C   1 
ATOM   1214 O O   . ASP B 1 60 ? -12.392 -15.559 11.327  1.00 18.46  ? 160 ASP B O   1 
ATOM   1215 C CB  . ASP B 1 60 ? -9.677  -15.367 13.106  1.00 26.35  ? 160 ASP B CB  1 
ATOM   1216 C CG  . ASP B 1 60 ? -8.767  -14.555 14.003  1.00 31.78  ? 160 ASP B CG  1 
ATOM   1217 O OD1 . ASP B 1 60 ? -8.078  -13.637 13.495  1.00 32.46  ? 160 ASP B OD1 1 
ATOM   1218 O OD2 . ASP B 1 60 ? -8.733  -14.849 15.216  1.00 37.53  ? 160 ASP B OD2 1 
ATOM   1219 N N   . GLN B 1 61 ? -10.522 -16.061 10.192  1.00 18.73  ? 161 GLN B N   1 
ATOM   1220 C CA  . GLN B 1 61 ? -11.201 -17.012 9.315   1.00 22.84  ? 161 GLN B CA  1 
ATOM   1221 C C   . GLN B 1 61 ? -12.421 -16.499 8.569   1.00 21.28  ? 161 GLN B C   1 
ATOM   1222 O O   . GLN B 1 61 ? -13.437 -17.188 8.495   1.00 23.98  ? 161 GLN B O   1 
ATOM   1223 C CB  . GLN B 1 61 ? -11.605 -18.247 10.128  1.00 24.31  ? 161 GLN B CB  1 
ATOM   1224 C CG  . GLN B 1 61 ? -10.427 -19.032 10.628  1.00 28.55  ? 161 GLN B CG  1 
ATOM   1225 C CD  . GLN B 1 61 ? -9.565  -19.519 9.482   1.00 32.37  ? 161 GLN B CD  1 
ATOM   1226 O OE1 . GLN B 1 61 ? -9.975  -20.384 8.711   1.00 35.97  ? 161 GLN B OE1 1 
ATOM   1227 N NE2 . GLN B 1 61 ? -8.371  -18.953 9.352   1.00 35.28  ? 161 GLN B NE2 1 
ATOM   1228 N N   . ILE B 1 62 ? -12.333 -15.300 8.014   1.00 20.10  ? 162 ILE B N   1 
ATOM   1229 C CA  . ILE B 1 62 ? -13.456 -14.745 7.272   1.00 18.40  ? 162 ILE B CA  1 
ATOM   1230 C C   . ILE B 1 62 ? -13.241 -15.053 5.791   1.00 19.18  ? 162 ILE B C   1 
ATOM   1231 O O   . ILE B 1 62 ? -12.169 -14.779 5.235   1.00 17.78  ? 162 ILE B O   1 
ATOM   1232 C CB  . ILE B 1 62 ? -13.543 -13.205 7.426   1.00 18.89  ? 162 ILE B CB  1 
ATOM   1233 C CG1 . ILE B 1 62 ? -13.613 -12.818 8.909   1.00 15.55  ? 162 ILE B CG1 1 
ATOM   1234 C CG2 . ILE B 1 62 ? -14.715 -12.673 6.620   1.00 16.19  ? 162 ILE B CG2 1 
ATOM   1235 C CD1 . ILE B 1 62 ? -14.914 -13.196 9.603   1.00 13.72  ? 162 ILE B CD1 1 
ATOM   1236 N N   . PRO B 1 63 ? -14.248 -15.656 5.142   1.00 19.34  ? 163 PRO B N   1 
ATOM   1237 C CA  . PRO B 1 63 ? -14.146 -15.990 3.716   1.00 20.16  ? 163 PRO B CA  1 
ATOM   1238 C C   . PRO B 1 63 ? -14.317 -14.699 2.917   1.00 20.27  ? 163 PRO B C   1 
ATOM   1239 O O   . PRO B 1 63 ? -15.226 -13.905 3.178   1.00 18.90  ? 163 PRO B O   1 
ATOM   1240 C CB  . PRO B 1 63 ? -15.324 -16.945 3.482   1.00 19.81  ? 163 PRO B CB  1 
ATOM   1241 C CG  . PRO B 1 63 ? -15.749 -17.387 4.885   1.00 21.40  ? 163 PRO B CG  1 
ATOM   1242 C CD  . PRO B 1 63 ? -15.512 -16.159 5.710   1.00 17.80  ? 163 PRO B CD  1 
ATOM   1243 N N   . VAL B 1 64 ? -13.449 -14.493 1.942   1.00 20.24  ? 164 VAL B N   1 
ATOM   1244 C CA  . VAL B 1 64 ? -13.519 -13.298 1.123   1.00 20.46  ? 164 VAL B CA  1 
ATOM   1245 C C   . VAL B 1 64 ? -13.281 -13.684 -0.330  1.00 23.21  ? 164 VAL B C   1 
ATOM   1246 O O   . VAL B 1 64 ? -12.377 -14.450 -0.634  1.00 24.97  ? 164 VAL B O   1 
ATOM   1247 C CB  . VAL B 1 64 ? -12.444 -12.270 1.572   1.00 21.43  ? 164 VAL B CB  1 
ATOM   1248 C CG1 . VAL B 1 64 ? -12.450 -11.040 0.659   1.00 24.54  ? 164 VAL B CG1 1 
ATOM   1249 C CG2 . VAL B 1 64 ? -12.715 -11.835 3.010   1.00 18.68  ? 164 VAL B CG2 1 
ATOM   1250 N N   . GLU B 1 65 ? -14.105 -13.185 -1.238  1.00 21.31  ? 165 GLU B N   1 
ATOM   1251 C CA  . GLU B 1 65 ? -13.870 -13.503 -2.632  1.00 22.27  ? 165 GLU B CA  1 
ATOM   1252 C C   . GLU B 1 65 ? -13.315 -12.252 -3.297  1.00 21.80  ? 165 GLU B C   1 
ATOM   1253 O O   . GLU B 1 65 ? -13.909 -11.173 -3.198  1.00 22.15  ? 165 GLU B O   1 
ATOM   1254 C CB  . GLU B 1 65 ? -15.150 -13.931 -3.312  1.00 24.79  ? 165 GLU B CB  1 
ATOM   1255 C CG  . GLU B 1 65 ? -14.879 -14.694 -4.566  1.00 34.90  ? 165 GLU B CG  1 
ATOM   1256 C CD  . GLU B 1 65 ? -16.140 -15.022 -5.300  1.00 39.67  ? 165 GLU B CD  1 
ATOM   1257 O OE1 . GLU B 1 65 ? -16.820 -14.079 -5.761  1.00 42.89  ? 165 GLU B OE1 1 
ATOM   1258 O OE2 . GLU B 1 65 ? -16.449 -16.225 -5.407  1.00 44.95  ? 165 GLU B OE2 1 
ATOM   1259 N N   . ILE B 1 66 ? -12.168 -12.404 -3.956  1.00 18.02  ? 166 ILE B N   1 
ATOM   1260 C CA  . ILE B 1 66 ? -11.482 -11.301 -4.616  1.00 18.09  ? 166 ILE B CA  1 
ATOM   1261 C C   . ILE B 1 66 ? -11.445 -11.541 -6.124  1.00 18.42  ? 166 ILE B C   1 
ATOM   1262 O O   . ILE B 1 66 ? -10.704 -12.405 -6.610  1.00 15.31  ? 166 ILE B O   1 
ATOM   1263 C CB  . ILE B 1 66 ? -10.048 -11.178 -4.044  1.00 17.15  ? 166 ILE B CB  1 
ATOM   1264 C CG1 . ILE B 1 66 ? -10.141 -10.959 -2.531  1.00 17.80  ? 166 ILE B CG1 1 
ATOM   1265 C CG2 . ILE B 1 66 ? -9.262  -10.052 -4.743  1.00 15.73  ? 166 ILE B CG2 1 
ATOM   1266 C CD1 . ILE B 1 66 ? -8.898  -11.356 -1.770  1.00 18.87  ? 166 ILE B CD1 1 
HETATM 1267 N N   . ABA B 1 67 ? -12.256 -10.773 -6.849  1.00 21.52  ? 167 ABA B N   1 
HETATM 1268 C CA  . ABA B 1 67 ? -12.347 -10.890 -8.303  1.00 23.84  ? 167 ABA B CA  1 
HETATM 1269 C C   . ABA B 1 67 ? -12.542 -12.353 -8.688  1.00 25.34  ? 167 ABA B C   1 
HETATM 1270 O O   . ABA B 1 67 ? -11.787 -12.889 -9.507  1.00 27.01  ? 167 ABA B O   1 
HETATM 1271 C CB  . ABA B 1 67 ? -11.074 -10.363 -8.968  1.00 25.70  ? 167 ABA B CB  1 
HETATM 1272 C CG  . ABA B 1 67 ? -10.751 -8.941  -8.621  1.00 31.13  ? 167 ABA B CG  1 
ATOM   1273 N N   . GLY B 1 68 ? -13.532 -13.001 -8.079  1.00 24.27  ? 168 GLY B N   1 
ATOM   1274 C CA  . GLY B 1 68 ? -13.796 -14.397 -8.388  1.00 24.12  ? 168 GLY B CA  1 
ATOM   1275 C C   . GLY B 1 68 ? -12.867 -15.404 -7.724  1.00 26.40  ? 168 GLY B C   1 
ATOM   1276 O O   . GLY B 1 68 ? -13.029 -16.610 -7.899  1.00 29.19  ? 168 GLY B O   1 
ATOM   1277 N N   . HIS B 1 69 ? -11.889 -14.931 -6.964  1.00 24.43  ? 169 HIS B N   1 
ATOM   1278 C CA  . HIS B 1 69 ? -10.974 -15.839 -6.288  1.00 22.73  ? 169 HIS B CA  1 
ATOM   1279 C C   . HIS B 1 69 ? -11.298 -15.957 -4.809  1.00 22.73  ? 169 HIS B C   1 
ATOM   1280 O O   . HIS B 1 69 ? -11.467 -14.950 -4.117  1.00 22.89  ? 169 HIS B O   1 
ATOM   1281 C CB  . HIS B 1 69 ? -9.531  -15.367 -6.457  1.00 23.66  ? 169 HIS B CB  1 
ATOM   1282 C CG  . HIS B 1 69 ? -9.029  -15.459 -7.864  1.00 25.45  ? 169 HIS B CG  1 
ATOM   1283 N ND1 . HIS B 1 69 ? -9.490  -14.643 -8.873  1.00 28.80  ? 169 HIS B ND1 1 
ATOM   1284 C CD2 . HIS B 1 69 ? -8.106  -16.274 -8.430  1.00 25.99  ? 169 HIS B CD2 1 
ATOM   1285 C CE1 . HIS B 1 69 ? -8.872  -14.947 -10.001 1.00 28.33  ? 169 HIS B CE1 1 
ATOM   1286 N NE2 . HIS B 1 69 ? -8.027  -15.933 -9.759  1.00 29.53  ? 169 HIS B NE2 1 
ATOM   1287 N N   . LYS B 1 70 ? -11.377 -17.189 -4.318  1.00 19.46  ? 170 LYS B N   1 
ATOM   1288 C CA  . LYS B 1 70 ? -11.692 -17.405 -2.918  1.00 19.84  ? 170 LYS B CA  1 
ATOM   1289 C C   . LYS B 1 70 ? -10.464 -17.361 -2.038  1.00 18.69  ? 170 LYS B C   1 
ATOM   1290 O O   . LYS B 1 70 ? -9.398  -17.857 -2.396  1.00 20.85  ? 170 LYS B O   1 
ATOM   1291 C CB  . LYS B 1 70 ? -12.434 -18.730 -2.719  1.00 22.62  ? 170 LYS B CB  1 
ATOM   1292 C CG  . LYS B 1 70 ? -13.805 -18.758 -3.397  1.00 28.02  ? 170 LYS B CG  1 
ATOM   1293 C CD  . LYS B 1 70 ? -14.637 -19.935 -2.939  1.00 32.69  ? 170 LYS B CD  1 
ATOM   1294 C CE  . LYS B 1 70 ? -14.935 -20.866 -4.093  1.00 39.31  ? 170 LYS B CE  1 
ATOM   1295 N NZ  . LYS B 1 70 ? -15.627 -20.146 -5.205  1.00 43.71  ? 170 LYS B NZ  1 
ATOM   1296 N N   . ALA B 1 71 ? -10.636 -16.759 -0.873  1.00 14.36  ? 171 ALA B N   1 
ATOM   1297 C CA  . ALA B 1 71 ? -9.570  -16.615 0.097   1.00 14.90  ? 171 ALA B CA  1 
ATOM   1298 C C   . ALA B 1 71 ? -10.268 -16.609 1.438   1.00 16.08  ? 171 ALA B C   1 
ATOM   1299 O O   . ALA B 1 71 ? -11.484 -16.402 1.511   1.00 15.69  ? 171 ALA B O   1 
ATOM   1300 C CB  . ALA B 1 71 ? -8.835  -15.281 -0.119  1.00 14.76  ? 171 ALA B CB  1 
ATOM   1301 N N   . ILE B 1 72 ? -9.514  -16.857 2.497   1.00 15.54  ? 172 ILE B N   1 
ATOM   1302 C CA  . ILE B 1 72 ? -10.088 -16.844 3.825   1.00 16.46  ? 172 ILE B CA  1 
ATOM   1303 C C   . ILE B 1 72 ? -8.962  -16.501 4.792   1.00 16.15  ? 172 ILE B C   1 
ATOM   1304 O O   . ILE B 1 72 ? -7.861  -17.037 4.706   1.00 15.57  ? 172 ILE B O   1 
ATOM   1305 C CB  . ILE B 1 72 ? -10.736 -18.203 4.168   1.00 19.94  ? 172 ILE B CB  1 
ATOM   1306 C CG1 . ILE B 1 72 ? -11.266 -18.173 5.604   1.00 23.33  ? 172 ILE B CG1 1 
ATOM   1307 C CG2 . ILE B 1 72 ? -9.740  -19.327 3.945   1.00 19.48  ? 172 ILE B CG2 1 
ATOM   1308 C CD1 . ILE B 1 72 ? -12.033 -19.401 5.991   1.00 25.85  ? 172 ILE B CD1 1 
ATOM   1309 N N   . GLY B 1 73 ? -9.232  -15.573 5.698   1.00 14.46  ? 173 GLY B N   1 
ATOM   1310 C CA  . GLY B 1 73 ? -8.204  -15.171 6.632   1.00 15.25  ? 173 GLY B CA  1 
ATOM   1311 C C   . GLY B 1 73 ? -8.691  -14.078 7.556   1.00 13.48  ? 173 GLY B C   1 
ATOM   1312 O O   . GLY B 1 73 ? -9.901  -13.817 7.649   1.00 14.07  ? 173 GLY B O   1 
ATOM   1313 N N   . THR B 1 74 ? -7.742  -13.441 8.234   1.00 14.32  ? 174 THR B N   1 
ATOM   1314 C CA  . THR B 1 74 ? -8.052  -12.389 9.190   1.00 17.10  ? 174 THR B CA  1 
ATOM   1315 C C   . THR B 1 74 ? -8.452  -11.105 8.478   1.00 16.71  ? 174 THR B C   1 
ATOM   1316 O O   . THR B 1 74 ? -7.820  -10.699 7.498   1.00 14.12  ? 174 THR B O   1 
ATOM   1317 C CB  . THR B 1 74 ? -6.827  -12.114 10.115  1.00 19.09  ? 174 THR B CB  1 
ATOM   1318 O OG1 . THR B 1 74 ? -6.526  -13.296 10.871  1.00 20.10  ? 174 THR B OG1 1 
ATOM   1319 C CG2 . THR B 1 74 ? -7.111  -10.976 11.075  1.00 14.95  ? 174 THR B CG2 1 
ATOM   1320 N N   . VAL B 1 75 ? -9.526  -10.490 8.960   1.00 15.87  ? 175 VAL B N   1 
ATOM   1321 C CA  . VAL B 1 75 ? -9.996  -9.232  8.412   1.00 14.67  ? 175 VAL B CA  1 
ATOM   1322 C C   . VAL B 1 75 ? -10.101 -8.242  9.575   1.00 14.49  ? 175 VAL B C   1 
ATOM   1323 O O   . VAL B 1 75 ? -10.616 -8.582  10.649  1.00 13.80  ? 175 VAL B O   1 
ATOM   1324 C CB  . VAL B 1 75 ? -11.367 -9.403  7.725   1.00 15.64  ? 175 VAL B CB  1 
ATOM   1325 C CG1 . VAL B 1 75 ? -11.918 -8.056  7.314   1.00 18.63  ? 175 VAL B CG1 1 
ATOM   1326 C CG2 . VAL B 1 75 ? -11.212 -10.297 6.486   1.00 18.58  ? 175 VAL B CG2 1 
ATOM   1327 N N   . LEU B 1 76 ? -9.584  -7.033  9.374   1.00 12.36  ? 176 LEU B N   1 
ATOM   1328 C CA  . LEU B 1 76 ? -9.632  -6.002  10.405  1.00 12.03  ? 176 LEU B CA  1 
ATOM   1329 C C   . LEU B 1 76 ? -10.726 -5.015  9.999   1.00 14.58  ? 176 LEU B C   1 
ATOM   1330 O O   . LEU B 1 76 ? -10.732 -4.516  8.877   1.00 13.93  ? 176 LEU B O   1 
ATOM   1331 C CB  . LEU B 1 76 ? -8.272  -5.293  10.514  1.00 10.83  ? 176 LEU B CB  1 
ATOM   1332 C CG  . LEU B 1 76 ? -7.049  -6.196  10.767  1.00 12.32  ? 176 LEU B CG  1 
ATOM   1333 C CD1 . LEU B 1 76 ? -5.783  -5.359  10.838  1.00 10.95  ? 176 LEU B CD1 1 
ATOM   1334 C CD2 . LEU B 1 76 ? -7.242  -6.965  12.058  1.00 13.71  ? 176 LEU B CD2 1 
ATOM   1335 N N   . VAL B 1 77 ? -11.663 -4.749  10.907  1.00 13.87  ? 177 VAL B N   1 
ATOM   1336 C CA  . VAL B 1 77 ? -12.771 -3.841  10.626  1.00 13.01  ? 177 VAL B CA  1 
ATOM   1337 C C   . VAL B 1 77 ? -12.628 -2.583  11.450  1.00 15.33  ? 177 VAL B C   1 
ATOM   1338 O O   . VAL B 1 77 ? -12.435 -2.640  12.673  1.00 13.46  ? 177 VAL B O   1 
ATOM   1339 C CB  . VAL B 1 77 ? -14.124 -4.486  10.966  1.00 13.99  ? 177 VAL B CB  1 
ATOM   1340 C CG1 . VAL B 1 77 ? -15.261 -3.497  10.693  1.00 10.40  ? 177 VAL B CG1 1 
ATOM   1341 C CG2 . VAL B 1 77 ? -14.297 -5.744  10.146  1.00 13.54  ? 177 VAL B CG2 1 
ATOM   1342 N N   . GLY B 1 78 ? -12.724 -1.442  10.784  1.00 12.76  ? 178 GLY B N   1 
ATOM   1343 C CA  . GLY B 1 78 ? -12.575 -0.195  11.498  1.00 13.66  ? 178 GLY B CA  1 
ATOM   1344 C C   . GLY B 1 78 ? -12.794 0.976   10.574  1.00 15.11  ? 178 GLY B C   1 
ATOM   1345 O O   . GLY B 1 78 ? -13.098 0.783   9.396   1.00 15.26  ? 178 GLY B O   1 
ATOM   1346 N N   . PRO B 1 79 ? -12.648 2.205   11.087  1.00 13.33  ? 179 PRO B N   1 
ATOM   1347 C CA  . PRO B 1 79 ? -12.827 3.459   10.348  1.00 16.32  ? 179 PRO B CA  1 
ATOM   1348 C C   . PRO B 1 79 ? -11.709 3.780   9.367   1.00 17.96  ? 179 PRO B C   1 
ATOM   1349 O O   . PRO B 1 79 ? -11.034 4.798   9.498   1.00 22.13  ? 179 PRO B O   1 
ATOM   1350 C CB  . PRO B 1 79 ? -12.939 4.504   11.461  1.00 15.67  ? 179 PRO B CB  1 
ATOM   1351 C CG  . PRO B 1 79 ? -12.026 3.945   12.522  1.00 15.67  ? 179 PRO B CG  1 
ATOM   1352 C CD  . PRO B 1 79 ? -12.355 2.463   12.511  1.00 16.34  ? 179 PRO B CD  1 
ATOM   1353 N N   . THR B 1 80 ? -11.504 2.908   8.387   1.00 19.32  ? 180 THR B N   1 
ATOM   1354 C CA  . THR B 1 80 ? -10.485 3.147   7.377   1.00 18.40  ? 180 THR B CA  1 
ATOM   1355 C C   . THR B 1 80 ? -11.158 3.945   6.244   1.00 20.66  ? 180 THR B C   1 
ATOM   1356 O O   . THR B 1 80 ? -12.348 3.757   5.956   1.00 19.21  ? 180 THR B O   1 
ATOM   1357 C CB  . THR B 1 80 ? -9.918  1.800   6.835   1.00 16.97  ? 180 THR B CB  1 
ATOM   1358 O OG1 . THR B 1 80 ? -9.008  2.065   5.763   1.00 19.81  ? 180 THR B OG1 1 
ATOM   1359 C CG2 . THR B 1 80 ? -11.042 0.885   6.341   1.00 15.96  ? 180 THR B CG2 1 
ATOM   1360 N N   . PRO B 1 81 ? -10.422 4.867   5.605   1.00 21.49  ? 181 PRO B N   1 
ATOM   1361 C CA  . PRO B 1 81 ? -11.048 5.631   4.521   1.00 22.74  ? 181 PRO B CA  1 
ATOM   1362 C C   . PRO B 1 81 ? -11.306 4.815   3.241   1.00 23.95  ? 181 PRO B C   1 
ATOM   1363 O O   . PRO B 1 81 ? -12.092 5.219   2.384   1.00 24.71  ? 181 PRO B O   1 
ATOM   1364 C CB  . PRO B 1 81 ? -10.064 6.781   4.305   1.00 19.48  ? 181 PRO B CB  1 
ATOM   1365 C CG  . PRO B 1 81 ? -8.770  6.172   4.611   1.00 21.19  ? 181 PRO B CG  1 
ATOM   1366 C CD  . PRO B 1 81 ? -9.061  5.362   5.871   1.00 22.91  ? 181 PRO B CD  1 
ATOM   1367 N N   . VAL B 1 82 ? -10.658 3.658   3.118   1.00 21.42  ? 182 VAL B N   1 
ATOM   1368 C CA  . VAL B 1 82 ? -10.833 2.812   1.939   1.00 20.61  ? 182 VAL B CA  1 
ATOM   1369 C C   . VAL B 1 82 ? -10.674 1.349   2.349   1.00 18.06  ? 182 VAL B C   1 
ATOM   1370 O O   . VAL B 1 82 ? -10.006 1.050   3.347   1.00 18.69  ? 182 VAL B O   1 
ATOM   1371 C CB  A VAL B 1 82 ? -9.766  3.124   0.858   0.50 20.48  ? 182 VAL B CB  1 
ATOM   1372 C CB  B VAL B 1 82 ? -9.789  3.176   0.845   0.50 20.64  ? 182 VAL B CB  1 
ATOM   1373 C CG1 A VAL B 1 82 ? -9.950  4.536   0.318   0.50 21.47  ? 182 VAL B CG1 1 
ATOM   1374 C CG1 B VAL B 1 82 ? -8.392  3.162   1.438   0.50 23.02  ? 182 VAL B CG1 1 
ATOM   1375 C CG2 A VAL B 1 82 ? -8.375  2.975   1.452   0.50 22.65  ? 182 VAL B CG2 1 
ATOM   1376 C CG2 B VAL B 1 82 ? -9.885  2.211   -0.326  0.50 21.34  ? 182 VAL B CG2 1 
ATOM   1377 N N   . ASN B 1 83 ? -11.301 0.442   1.607   1.00 16.15  ? 183 ASN B N   1 
ATOM   1378 C CA  . ASN B 1 83 ? -11.169 -0.986  1.907   1.00 12.83  ? 183 ASN B CA  1 
ATOM   1379 C C   . ASN B 1 83 ? -9.825  -1.417  1.346   1.00 12.97  ? 183 ASN B C   1 
ATOM   1380 O O   . ASN B 1 83 ? -9.501  -1.116  0.188   1.00 13.53  ? 183 ASN B O   1 
ATOM   1381 C CB  . ASN B 1 83 ? -12.291 -1.795  1.259   1.00 15.58  ? 183 ASN B CB  1 
ATOM   1382 C CG  . ASN B 1 83 ? -13.651 -1.428  1.803   1.00 17.97  ? 183 ASN B CG  1 
ATOM   1383 O OD1 . ASN B 1 83 ? -13.860 -1.400  3.020   1.00 17.97  ? 183 ASN B OD1 1 
ATOM   1384 N ND2 . ASN B 1 83 ? -14.587 -1.141  0.908   1.00 18.45  ? 183 ASN B ND2 1 
ATOM   1385 N N   . ILE B 1 84 ? -9.054  -2.120  2.163   1.00 8.65   ? 184 ILE B N   1 
ATOM   1386 C CA  . ILE B 1 84 ? -7.719  -2.553  1.788   1.00 10.55  ? 184 ILE B CA  1 
ATOM   1387 C C   . ILE B 1 84 ? -7.521  -4.057  1.799   1.00 12.18  ? 184 ILE B C   1 
ATOM   1388 O O   . ILE B 1 84 ? -7.742  -4.702  2.829   1.00 12.15  ? 184 ILE B O   1 
ATOM   1389 C CB  . ILE B 1 84 ? -6.686  -1.954  2.759   1.00 12.94  ? 184 ILE B CB  1 
ATOM   1390 C CG1 . ILE B 1 84 ? -6.611  -0.435  2.569   1.00 11.29  ? 184 ILE B CG1 1 
ATOM   1391 C CG2 . ILE B 1 84 ? -5.321  -2.623  2.563   1.00 16.02  ? 184 ILE B CG2 1 
ATOM   1392 C CD1 . ILE B 1 84 ? -5.951  0.287   3.741   1.00 12.08  ? 184 ILE B CD1 1 
ATOM   1393 N N   . ILE B 1 85 ? -7.120  -4.621  0.658   1.00 9.45   ? 185 ILE B N   1 
ATOM   1394 C CA  . ILE B 1 85 ? -6.823  -6.044  0.621   1.00 9.26   ? 185 ILE B CA  1 
ATOM   1395 C C   . ILE B 1 85 ? -5.305  -6.143  0.788   1.00 9.13   ? 185 ILE B C   1 
ATOM   1396 O O   . ILE B 1 85 ? -4.539  -5.706  -0.077  1.00 10.60  ? 185 ILE B O   1 
ATOM   1397 C CB  . ILE B 1 85 ? -7.246  -6.722  -0.705  1.00 12.45  ? 185 ILE B CB  1 
ATOM   1398 C CG1 . ILE B 1 85 ? -8.764  -6.605  -0.902  1.00 14.40  ? 185 ILE B CG1 1 
ATOM   1399 C CG2 . ILE B 1 85 ? -6.836  -8.186  -0.677  1.00 10.82  ? 185 ILE B CG2 1 
ATOM   1400 C CD1 . ILE B 1 85 ? -9.578  -7.122  0.274   1.00 13.57  ? 185 ILE B CD1 1 
ATOM   1401 N N   . GLY B 1 86 ? -4.875  -6.729  1.902   1.00 8.30   ? 186 GLY B N   1 
ATOM   1402 C CA  . GLY B 1 86 ? -3.456  -6.832  2.193   1.00 10.55  ? 186 GLY B CA  1 
ATOM   1403 C C   . GLY B 1 86 ? -2.789  -8.126  1.780   1.00 10.01  ? 186 GLY B C   1 
ATOM   1404 O O   . GLY B 1 86 ? -3.444  -9.029  1.253   1.00 10.90  ? 186 GLY B O   1 
ATOM   1405 N N   . ARG B 1 87 ? -1.485  -8.214  2.045   1.00 12.42  ? 187 ARG B N   1 
ATOM   1406 C CA  . ARG B 1 87 ? -0.700  -9.387  1.688   1.00 11.31  ? 187 ARG B CA  1 
ATOM   1407 C C   . ARG B 1 87 ? -1.228  -10.703 2.243   1.00 12.95  ? 187 ARG B C   1 
ATOM   1408 O O   . ARG B 1 87 ? -1.068  -11.746 1.604   1.00 14.00  ? 187 ARG B O   1 
ATOM   1409 C CB  . ARG B 1 87 ? 0.772   -9.210  2.110   1.00 10.96  ? 187 ARG B CB  1 
ATOM   1410 C CG  . ARG B 1 87 ? 1.517   -8.150  1.275   1.00 12.58  ? 187 ARG B CG  1 
ATOM   1411 C CD  . ARG B 1 87 ? 3.023   -8.078  1.577   1.00 9.78   ? 187 ARG B CD  1 
ATOM   1412 N NE  . ARG B 1 87 ? 3.292   -7.803  2.985   1.00 13.44  ? 187 ARG B NE  1 
ATOM   1413 C CZ  . ARG B 1 87 ? 3.584   -8.736  3.888   1.00 17.99  ? 187 ARG B CZ  1 
ATOM   1414 N NH1 . ARG B 1 87 ? 3.654   -10.014 3.533   1.00 16.59  ? 187 ARG B NH1 1 
ATOM   1415 N NH2 . ARG B 1 87 ? 3.785   -8.395  5.155   1.00 20.21  ? 187 ARG B NH2 1 
ATOM   1416 N N   . ASN B 1 88 ? -1.841  -10.666 3.422   1.00 12.34  ? 188 ASN B N   1 
ATOM   1417 C CA  . ASN B 1 88 ? -2.358  -11.894 4.014   1.00 14.83  ? 188 ASN B CA  1 
ATOM   1418 C C   . ASN B 1 88 ? -3.371  -12.589 3.095   1.00 16.07  ? 188 ASN B C   1 
ATOM   1419 O O   . ASN B 1 88 ? -3.480  -13.807 3.112   1.00 16.65  ? 188 ASN B O   1 
ATOM   1420 C CB  . ASN B 1 88 ? -2.977  -11.622 5.398   1.00 15.95  ? 188 ASN B CB  1 
ATOM   1421 C CG  . ASN B 1 88 ? -4.293  -10.872 5.319   1.00 14.68  ? 188 ASN B CG  1 
ATOM   1422 O OD1 . ASN B 1 88 ? -4.391  -9.821  4.674   1.00 14.12  ? 188 ASN B OD1 1 
ATOM   1423 N ND2 . ASN B 1 88 ? -5.312  -11.403 5.985   1.00 13.85  ? 188 ASN B ND2 1 
ATOM   1424 N N   . LEU B 1 89 ? -4.103  -11.822 2.288   1.00 15.65  ? 189 LEU B N   1 
ATOM   1425 C CA  . LEU B 1 89 ? -5.079  -12.402 1.359   1.00 13.46  ? 189 LEU B CA  1 
ATOM   1426 C C   . LEU B 1 89 ? -4.578  -12.407 -0.092  1.00 13.19  ? 189 LEU B C   1 
ATOM   1427 O O   . LEU B 1 89 ? -5.036  -13.216 -0.907  1.00 13.32  ? 189 LEU B O   1 
ATOM   1428 C CB  . LEU B 1 89 ? -6.423  -11.658 1.439   1.00 11.64  ? 189 LEU B CB  1 
ATOM   1429 C CG  . LEU B 1 89 ? -7.190  -11.759 2.761   1.00 11.45  ? 189 LEU B CG  1 
ATOM   1430 C CD1 . LEU B 1 89 ? -8.537  -11.068 2.614   1.00 11.83  ? 189 LEU B CD1 1 
ATOM   1431 C CD2 . LEU B 1 89 ? -7.408  -13.217 3.119   1.00 12.17  ? 189 LEU B CD2 1 
ATOM   1432 N N   . LEU B 1 90 ? -3.638  -11.519 -0.414  1.00 10.51  ? 190 LEU B N   1 
ATOM   1433 C CA  . LEU B 1 90 ? -3.083  -11.453 -1.774  1.00 10.08  ? 190 LEU B CA  1 
ATOM   1434 C C   . LEU B 1 90 ? -2.284  -12.717 -2.070  1.00 11.89  ? 190 LEU B C   1 
ATOM   1435 O O   . LEU B 1 90 ? -2.312  -13.231 -3.188  1.00 15.05  ? 190 LEU B O   1 
ATOM   1436 C CB  . LEU B 1 90 ? -2.179  -10.216 -1.949  1.00 6.20   ? 190 LEU B CB  1 
ATOM   1437 C CG  . LEU B 1 90 ? -2.930  -8.871  -1.977  1.00 7.50   ? 190 LEU B CG  1 
ATOM   1438 C CD1 . LEU B 1 90 ? -1.941  -7.714  -2.026  1.00 11.28  ? 190 LEU B CD1 1 
ATOM   1439 C CD2 . LEU B 1 90 ? -3.851  -8.806  -3.194  1.00 11.47  ? 190 LEU B CD2 1 
ATOM   1440 N N   . THR B 1 91 ? -1.568  -13.217 -1.071  1.00 14.08  ? 191 THR B N   1 
ATOM   1441 C CA  . THR B 1 91 ? -0.790  -14.440 -1.245  1.00 16.69  ? 191 THR B CA  1 
ATOM   1442 C C   . THR B 1 91 ? -1.696  -15.620 -1.578  1.00 17.97  ? 191 THR B C   1 
ATOM   1443 O O   . THR B 1 91 ? -1.268  -16.540 -2.264  1.00 20.24  ? 191 THR B O   1 
ATOM   1444 C CB  . THR B 1 91 ? 0.000   -14.818 0.027   1.00 16.68  ? 191 THR B CB  1 
ATOM   1445 O OG1 . THR B 1 91 ? -0.881  -14.816 1.159   1.00 18.01  ? 191 THR B OG1 1 
ATOM   1446 C CG2 . THR B 1 91 ? 1.134   -13.844 0.256   1.00 15.09  ? 191 THR B CG2 1 
ATOM   1447 N N   . GLN B 1 92 ? -2.938  -15.590 -1.091  1.00 15.86  ? 192 GLN B N   1 
ATOM   1448 C CA  . GLN B 1 92 ? -3.893  -16.669 -1.331  1.00 16.29  ? 192 GLN B CA  1 
ATOM   1449 C C   . GLN B 1 92 ? -4.486  -16.698 -2.730  1.00 19.00  ? 192 GLN B C   1 
ATOM   1450 O O   . GLN B 1 92 ? -4.953  -17.747 -3.176  1.00 21.15  ? 192 GLN B O   1 
ATOM   1451 C CB  . GLN B 1 92 ? -5.020  -16.641 -0.287  1.00 16.30  ? 192 GLN B CB  1 
ATOM   1452 C CG  . GLN B 1 92 ? -4.544  -17.014 1.122   1.00 22.40  ? 192 GLN B CG  1 
ATOM   1453 C CD  . GLN B 1 92 ? -5.659  -16.968 2.159   1.00 24.84  ? 192 GLN B CD  1 
ATOM   1454 O OE1 . GLN B 1 92 ? -6.790  -17.350 1.878   1.00 28.31  ? 192 GLN B OE1 1 
ATOM   1455 N NE2 . GLN B 1 92 ? -5.338  -16.506 3.365   1.00 28.03  ? 192 GLN B NE2 1 
ATOM   1456 N N   . ILE B 1 93 ? -4.484  -15.569 -3.435  1.00 18.89  ? 193 ILE B N   1 
ATOM   1457 C CA  . ILE B 1 93 ? -5.008  -15.575 -4.794  1.00 17.56  ? 193 ILE B CA  1 
ATOM   1458 C C   . ILE B 1 93 ? -3.862  -15.561 -5.794  1.00 18.11  ? 193 ILE B C   1 
ATOM   1459 O O   . ILE B 1 93 ? -4.051  -15.283 -6.974  1.00 21.86  ? 193 ILE B O   1 
ATOM   1460 C CB  . ILE B 1 93 ? -5.955  -14.387 -5.051  1.00 19.99  ? 193 ILE B CB  1 
ATOM   1461 C CG1 . ILE B 1 93 ? -5.185  -13.062 -4.970  1.00 20.45  ? 193 ILE B CG1 1 
ATOM   1462 C CG2 . ILE B 1 93 ? -7.108  -14.431 -4.035  1.00 20.50  ? 193 ILE B CG2 1 
ATOM   1463 C CD1 . ILE B 1 93 ? -6.047  -11.839 -5.216  1.00 21.77  ? 193 ILE B CD1 1 
ATOM   1464 N N   . GLY B 1 94 ? -2.667  -15.855 -5.297  1.00 19.40  ? 194 GLY B N   1 
ATOM   1465 C CA  . GLY B 1 94 ? -1.480  -15.919 -6.134  1.00 18.17  ? 194 GLY B CA  1 
ATOM   1466 C C   . GLY B 1 94 ? -1.025  -14.634 -6.796  1.00 20.51  ? 194 GLY B C   1 
ATOM   1467 O O   . GLY B 1 94 ? -0.415  -14.689 -7.870  1.00 17.09  ? 194 GLY B O   1 
HETATM 1468 N N   . ABA B 1 95 ? -1.281  -13.494 -6.148  1.00 15.88  ? 195 ABA B N   1 
HETATM 1469 C CA  . ABA B 1 95 ? -0.903  -12.196 -6.685  1.00 12.77  ? 195 ABA B CA  1 
HETATM 1470 C C   . ABA B 1 95 ? 0.595   -11.890 -6.580  1.00 13.80  ? 195 ABA B C   1 
HETATM 1471 O O   . ABA B 1 95 ? 1.221   -12.137 -5.550  1.00 15.23  ? 195 ABA B O   1 
HETATM 1472 C CB  . ABA B 1 95 ? -1.704  -11.089 -5.981  1.00 14.54  ? 195 ABA B CB  1 
HETATM 1473 C CG  . ABA B 1 95 ? -1.461  -9.695  -6.557  1.00 10.02  ? 195 ABA B CG  1 
ATOM   1474 N N   . THR B 1 96 ? 1.169   -11.362 -7.661  1.00 13.41  ? 196 THR B N   1 
ATOM   1475 C CA  . THR B 1 96 ? 2.588   -10.987 -7.684  1.00 13.83  ? 196 THR B CA  1 
ATOM   1476 C C   . THR B 1 96 ? 2.787   -9.593  -8.266  1.00 13.41  ? 196 THR B C   1 
ATOM   1477 O O   . THR B 1 96 ? 1.919   -9.071  -8.979  1.00 14.74  ? 196 THR B O   1 
ATOM   1478 C CB  . THR B 1 96 ? 3.456   -11.941 -8.559  1.00 13.03  ? 196 THR B CB  1 
ATOM   1479 O OG1 . THR B 1 96 ? 2.938   -11.962 -9.895  1.00 15.06  ? 196 THR B OG1 1 
ATOM   1480 C CG2 . THR B 1 96 ? 3.479   -13.336 -8.002  1.00 11.30  ? 196 THR B CG2 1 
ATOM   1481 N N   . LEU B 1 97 ? 3.941   -9.002  -7.954  1.00 14.11  ? 197 LEU B N   1 
ATOM   1482 C CA  . LEU B 1 97 ? 4.335   -7.702  -8.483  1.00 16.55  ? 197 LEU B CA  1 
ATOM   1483 C C   . LEU B 1 97 ? 5.314   -8.037  -9.601  1.00 18.55  ? 197 LEU B C   1 
ATOM   1484 O O   . LEU B 1 97 ? 6.215   -8.849  -9.392  1.00 20.43  ? 197 LEU B O   1 
ATOM   1485 C CB  . LEU B 1 97 ? 5.078   -6.880  -7.437  1.00 17.35  ? 197 LEU B CB  1 
ATOM   1486 C CG  . LEU B 1 97 ? 4.331   -5.852  -6.604  1.00 19.80  ? 197 LEU B CG  1 
ATOM   1487 C CD1 . LEU B 1 97 ? 5.256   -5.331  -5.505  1.00 21.64  ? 197 LEU B CD1 1 
ATOM   1488 C CD2 . LEU B 1 97 ? 3.871   -4.719  -7.490  1.00 20.71  ? 197 LEU B CD2 1 
ATOM   1489 N N   . ASN B 1 98 ? 5.151   -7.434  -10.775 1.00 16.96  ? 198 ASN B N   1 
ATOM   1490 C CA  . ASN B 1 98 ? 6.062   -7.704  -11.886 1.00 18.30  ? 198 ASN B CA  1 
ATOM   1491 C C   . ASN B 1 98 ? 6.547   -6.433  -12.585 1.00 19.71  ? 198 ASN B C   1 
ATOM   1492 O O   . ASN B 1 98 ? 5.749   -5.539  -12.879 1.00 16.48  ? 198 ASN B O   1 
ATOM   1493 C CB  . ASN B 1 98 ? 5.386   -8.587  -12.942 1.00 19.53  ? 198 ASN B CB  1 
ATOM   1494 C CG  . ASN B 1 98 ? 4.949   -9.933  -12.395 1.00 21.77  ? 198 ASN B CG  1 
ATOM   1495 O OD1 . ASN B 1 98 ? 4.025   -10.028 -11.581 1.00 24.68  ? 198 ASN B OD1 1 
ATOM   1496 N ND2 . ASN B 1 98 ? 5.608   -10.984 -12.848 1.00 24.15  ? 198 ASN B ND2 1 
ATOM   1497 N N   . PHE B 1 99 ? 7.857   -6.365  -12.846 1.00 20.97  ? 199 PHE B N   1 
ATOM   1498 C CA  . PHE B 1 99 ? 8.462   -5.242  -13.571 1.00 23.13  ? 199 PHE B CA  1 
ATOM   1499 C C   . PHE B 1 99 ? 9.849   -5.610  -14.106 1.00 25.84  ? 199 PHE B C   1 
ATOM   1500 O O   . PHE B 1 99 ? 10.345  -6.704  -13.841 1.00 26.26  ? 199 PHE B O   1 
ATOM   1501 C CB  . PHE B 1 99 ? 8.573   -3.981  -12.700 1.00 21.07  ? 199 PHE B CB  1 
ATOM   1502 C CG  . PHE B 1 99 ? 9.456   -4.142  -11.500 1.00 20.84  ? 199 PHE B CG  1 
ATOM   1503 C CD1 . PHE B 1 99 ? 8.973   -4.734  -10.336 1.00 20.53  ? 199 PHE B CD1 1 
ATOM   1504 C CD2 . PHE B 1 99 ? 10.768  -3.680  -11.527 1.00 21.52  ? 199 PHE B CD2 1 
ATOM   1505 C CE1 . PHE B 1 99 ? 9.777   -4.860  -9.209  1.00 21.00  ? 199 PHE B CE1 1 
ATOM   1506 C CE2 . PHE B 1 99 ? 11.590  -3.801  -10.402 1.00 24.80  ? 199 PHE B CE2 1 
ATOM   1507 C CZ  . PHE B 1 99 ? 11.090  -4.392  -9.237  1.00 23.36  ? 199 PHE B CZ  1 
HETATM 1508 S S   . SO4 C 2 .  ? 15.605  -7.046  -13.511 1.00 79.03  ? 502 SO4 A S   1 
HETATM 1509 O O1  . SO4 C 2 .  ? 15.778  -8.578  -12.977 1.00 80.31  ? 502 SO4 A O1  1 
HETATM 1510 O O2  . SO4 C 2 .  ? 14.372  -7.048  -14.273 1.00 80.13  ? 502 SO4 A O2  1 
HETATM 1511 O O3  . SO4 C 2 .  ? 16.638  -6.708  -14.216 1.00 80.62  ? 502 SO4 A O3  1 
HETATM 1512 O O4  . SO4 C 2 .  ? 15.416  -6.297  -12.294 1.00 80.12  ? 502 SO4 A O4  1 
HETATM 1513 S S   . SO4 D 2 .  ? 23.106  10.465  -8.719  1.00 129.16 ? 503 SO4 A S   1 
HETATM 1514 O O1  . SO4 D 2 .  ? 24.015  9.520   -9.689  1.00 130.87 ? 503 SO4 A O1  1 
HETATM 1515 O O2  . SO4 D 2 .  ? 21.737  10.122  -9.030  1.00 129.82 ? 503 SO4 A O2  1 
HETATM 1516 O O3  . SO4 D 2 .  ? 23.384  11.712  -8.938  1.00 130.55 ? 503 SO4 A O3  1 
HETATM 1517 O O4  . SO4 D 2 .  ? 23.428  9.972   -7.411  1.00 129.64 ? 503 SO4 A O4  1 
HETATM 1518 C C1  . HBH E 3 .  ? -1.746  2.990   2.563   1.00 11.74  ? 201 HBH A C1  1 
HETATM 1519 C C2  . HBH E 3 .  ? -3.176  2.448   2.386   1.00 11.73  ? 201 HBH A C2  1 
HETATM 1520 C C3  . HBH E 3 .  ? -4.190  3.544   2.172   1.00 14.54  ? 201 HBH A C3  1 
HETATM 1521 C C7  . HBH E 3 .  ? -5.458  5.423   3.016   1.00 19.59  ? 201 HBH A C7  1 
HETATM 1522 C C8  . HBH E 3 .  ? -4.611  4.349   3.232   1.00 12.68  ? 201 HBH A C8  1 
HETATM 1523 C C10 . HBH E 3 .  ? -5.932  7.953   1.345   1.00 25.34  ? 201 HBH A C10 1 
HETATM 1524 C C11 . HBH E 3 .  ? -5.441  8.103   -0.089  1.00 26.58  ? 201 HBH A C11 1 
HETATM 1525 C C12 . HBH E 3 .  ? -4.046  8.639   -0.137  1.00 18.03  ? 201 HBH A C12 1 
HETATM 1526 C C13 . HBH E 3 .  ? -2.982  7.547   -0.173  1.00 17.06  ? 201 HBH A C13 1 
HETATM 1527 C C16 . HBH E 3 .  ? -1.161  6.402   1.018   1.00 14.55  ? 201 HBH A C16 1 
HETATM 1528 C C20 . HBH E 3 .  ? -1.321  5.371   2.100   1.00 12.47  ? 201 HBH A C20 1 
HETATM 1529 N N26 . HBH E 3 .  ? -0.736  1.049   4.661   1.00 15.66  ? 201 HBH A N26 1 
HETATM 1530 C C27 A HBH E 3 .  ? 0.675   0.747   4.936   0.50 17.19  ? 201 HBH A C27 1 
HETATM 1531 C C27 B HBH E 3 .  ? 0.639   0.597   4.912   0.50 17.57  ? 201 HBH A C27 1 
HETATM 1532 C C30 A HBH E 3 .  ? 3.353   3.520   5.361   0.50 25.91  ? 201 HBH A C30 1 
HETATM 1533 C C30 B HBH E 3 .  ? 3.347   3.040   6.165   0.50 24.84  ? 201 HBH A C30 1 
HETATM 1534 C C31 A HBH E 3 .  ? 3.324   1.141   6.143   0.50 24.76  ? 201 HBH A C31 1 
HETATM 1535 C C31 B HBH E 3 .  ? 3.487   0.604   5.598   0.50 24.27  ? 201 HBH A C31 1 
HETATM 1536 C C35 . HBH E 3 .  ? -1.945  -0.220  6.715   1.00 14.43  ? 201 HBH A C35 1 
HETATM 1537 C C4  . HBH E 3 .  ? -4.645  3.844   0.892   1.00 16.39  ? 201 HBH A C4  1 
HETATM 1538 C C5  . HBH E 3 .  ? -5.492  4.915   0.662   1.00 16.86  ? 201 HBH A C5  1 
HETATM 1539 C C6  . HBH E 3 .  ? -5.889  5.706   1.729   1.00 20.53  ? 201 HBH A C6  1 
HETATM 1540 O O9  . HBH E 3 .  ? -6.716  6.780   1.502   1.00 27.30  ? 201 HBH A O9  1 
HETATM 1541 O O14 . HBH E 3 .  ? -2.832  6.822   -1.177  1.00 17.13  ? 201 HBH A O14 1 
HETATM 1542 N N15 . HBH E 3 .  ? -2.271  7.373   0.943   1.00 15.15  ? 201 HBH A N15 1 
HETATM 1543 C C17 . HBH E 3 .  ? 0.134   7.176   1.222   1.00 14.81  ? 201 HBH A C17 1 
HETATM 1544 C C18 . HBH E 3 .  ? 0.336   8.201   0.147   1.00 19.42  ? 201 HBH A C18 1 
HETATM 1545 O O19 . HBH E 3 .  ? 0.780   7.882   -0.960  1.00 18.85  ? 201 HBH A O19 1 
HETATM 1546 N N19 . HBH E 3 .  ? -0.209  9.374   0.372   1.00 19.36  ? 201 HBH A N19 1 
HETATM 1547 O O21 . HBH E 3 .  ? -1.162  5.654   3.294   1.00 11.33  ? 201 HBH A O21 1 
HETATM 1548 N N22 . HBH E 3 .  ? -1.557  4.142   1.667   1.00 11.34  ? 201 HBH A N22 1 
HETATM 1549 C C23 . HBH E 3 .  ? -0.716  1.881   2.297   1.00 12.81  ? 201 HBH A C23 1 
HETATM 1550 O O24 . HBH E 3 .  ? -0.831  1.430   0.943   1.00 15.05  ? 201 HBH A O24 1 
HETATM 1551 C C25 . HBH E 3 .  ? -0.929  0.693   3.244   1.00 12.43  ? 201 HBH A C25 1 
HETATM 1552 C C28 A HBH E 3 .  ? 1.312   2.125   5.045   0.50 22.16  ? 201 HBH A C28 1 
HETATM 1553 C C28 B HBH E 3 .  ? 1.290   1.806   5.550   0.50 22.91  ? 201 HBH A C28 1 
HETATM 1554 C C29 A HBH E 3 .  ? 2.838   2.114   5.083   0.50 24.43  ? 201 HBH A C29 1 
HETATM 1555 C C29 B HBH E 3 .  ? 2.790   1.921   5.304   0.50 24.40  ? 201 HBH A C29 1 
HETATM 1556 S S32 . HBH E 3 .  ? -1.813  1.200   5.891   1.00 13.10  ? 201 HBH A S32 1 
HETATM 1557 O O33 . HBH E 3 .  ? -3.112  1.543   5.329   1.00 14.85  ? 201 HBH A O33 1 
HETATM 1558 O O34 . HBH E 3 .  ? -1.371  2.261   6.790   1.00 17.13  ? 201 HBH A O34 1 
HETATM 1559 C C36 . HBH E 3 .  ? -2.690  -1.268  6.182   1.00 13.85  ? 201 HBH A C36 1 
HETATM 1560 C C37 . HBH E 3 .  ? -2.814  -2.474  6.869   1.00 11.40  ? 201 HBH A C37 1 
HETATM 1561 C C38 . HBH E 3 .  ? -2.191  -2.632  8.104   1.00 15.39  ? 201 HBH A C38 1 
HETATM 1562 C C39 . HBH E 3 .  ? -1.444  -1.591  8.647   1.00 14.09  ? 201 HBH A C39 1 
HETATM 1563 C C40 . HBH E 3 .  ? -1.324  -0.390  7.950   1.00 12.58  ? 201 HBH A C40 1 
HETATM 1564 S S   . SO4 F 2 .  ? -7.475  7.714   23.046  1.00 74.19  ? 501 SO4 B S   1 
HETATM 1565 O O1  . SO4 F 2 .  ? -6.808  6.908   21.793  1.00 77.56  ? 501 SO4 B O1  1 
HETATM 1566 O O2  . SO4 F 2 .  ? -8.898  7.519   22.898  1.00 76.62  ? 501 SO4 B O2  1 
HETATM 1567 O O3  . SO4 F 2 .  ? -7.127  8.967   23.018  1.00 74.83  ? 501 SO4 B O3  1 
HETATM 1568 O O4  . SO4 F 2 .  ? -7.006  6.963   24.175  1.00 77.09  ? 501 SO4 B O4  1 
HETATM 1569 O O   . HOH G 4 .  ? -1.176  4.850   5.977   1.00 10.89  ? 301 HOH A O   1 
HETATM 1570 O O   . HOH G 4 .  ? -0.256  8.205   -8.514  1.00 19.62  ? 302 HOH A O   1 
HETATM 1571 O O   . HOH G 4 .  ? 2.916   9.414   10.111  1.00 22.29  ? 305 HOH A O   1 
HETATM 1572 O O   . HOH G 4 .  ? 3.284   -1.716  -17.770 1.00 46.87  ? 306 HOH A O   1 
HETATM 1573 O O   . HOH G 4 .  ? 1.577   0.273   -14.429 1.00 26.87  ? 307 HOH A O   1 
HETATM 1574 O O   . HOH G 4 .  ? 11.983  1.880   4.931   1.00 35.82  ? 311 HOH A O   1 
HETATM 1575 O O   . HOH G 4 .  ? 5.645   11.943  -10.139 1.00 18.55  ? 312 HOH A O   1 
HETATM 1576 O O   . HOH G 4 .  ? 10.111  13.428  -14.576 1.00 19.01  ? 313 HOH A O   1 
HETATM 1577 O O   . HOH G 4 .  ? -3.280  18.067  -0.046  1.00 52.81  ? 317 HOH A O   1 
HETATM 1578 O O   . HOH G 4 .  ? 18.466  11.489  -6.718  1.00 15.67  ? 318 HOH A O   1 
HETATM 1579 O O   . HOH G 4 .  ? -6.133  13.630  10.583  1.00 33.44  ? 326 HOH A O   1 
HETATM 1580 O O   . HOH G 4 .  ? 4.690   -5.527  -15.882 1.00 24.57  ? 328 HOH A O   1 
HETATM 1581 O O   . HOH G 4 .  ? 11.131  -8.608  2.792   1.00 26.68  ? 331 HOH A O   1 
HETATM 1582 O O   . HOH G 4 .  ? 9.849   25.658  1.064   1.00 38.51  ? 332 HOH A O   1 
HETATM 1583 O O   . HOH G 4 .  ? 8.036   15.585  -10.485 1.00 17.54  ? 333 HOH A O   1 
HETATM 1584 O O   . HOH G 4 .  ? 7.449   2.858   -18.424 1.00 27.95  ? 334 HOH A O   1 
HETATM 1585 O O   . HOH G 4 .  ? 9.775   -12.836 -4.551  1.00 27.59  ? 338 HOH A O   1 
HETATM 1586 O O   . HOH G 4 .  ? 16.338  20.779  0.669   1.00 43.77  ? 339 HOH A O   1 
HETATM 1587 O O   . HOH G 4 .  ? 5.287   11.224  -4.655  1.00 17.51  ? 340 HOH A O   1 
HETATM 1588 O O   . HOH G 4 .  ? -4.033  4.776   -2.805  1.00 15.63  ? 341 HOH A O   1 
HETATM 1589 O O   . HOH G 4 .  ? -3.187  3.270   -5.097  1.00 12.61  ? 342 HOH A O   1 
HETATM 1590 O O   . HOH G 4 .  ? 11.406  -12.484 -6.413  1.00 44.66  ? 343 HOH A O   1 
HETATM 1591 O O   . HOH G 4 .  ? 9.472   16.604  6.255   1.00 44.12  ? 345 HOH A O   1 
HETATM 1592 O O   . HOH G 4 .  ? 19.061  0.399   -7.627  1.00 29.05  ? 348 HOH A O   1 
HETATM 1593 O O   . HOH G 4 .  ? 16.574  2.810   4.693   1.00 38.02  ? 354 HOH A O   1 
HETATM 1594 O O   . HOH G 4 .  ? -3.344  12.358  0.331   1.00 16.66  ? 362 HOH A O   1 
HETATM 1595 O O   . HOH G 4 .  ? 5.163   9.864   -12.288 1.00 24.54  ? 363 HOH A O   1 
HETATM 1596 O O   . HOH G 4 .  ? -2.646  11.407  -1.947  1.00 35.15  ? 364 HOH A O   1 
HETATM 1597 O O   . HOH G 4 .  ? 1.708   7.743   -13.768 1.00 31.18  ? 366 HOH A O   1 
HETATM 1598 O O   . HOH G 4 .  ? 9.833   -2.970  -16.437 1.00 45.73  ? 368 HOH A O   1 
HETATM 1599 O O   . HOH G 4 .  ? 11.163  20.494  -6.328  1.00 26.30  ? 370 HOH A O   1 
HETATM 1600 O O   . HOH G 4 .  ? 12.260  2.745   -15.692 1.00 36.01  ? 373 HOH A O   1 
HETATM 1601 O O   . HOH G 4 .  ? -8.827  7.373   9.846   1.00 48.89  ? 374 HOH A O   1 
HETATM 1602 O O   . HOH G 4 .  ? 20.221  12.949  5.642   1.00 35.30  ? 375 HOH A O   1 
HETATM 1603 O O   . HOH G 4 .  ? 6.829   17.281  8.248   1.00 56.58  ? 379 HOH A O   1 
HETATM 1604 O O   . HOH G 4 .  ? 11.840  27.156  -0.016  1.00 47.15  ? 380 HOH A O   1 
HETATM 1605 O O   . HOH G 4 .  ? 11.309  -7.321  -2.882  1.00 66.97  ? 389 HOH A O   1 
HETATM 1606 O O   . HOH G 4 .  ? 19.469  8.299   -8.107  1.00 33.83  ? 390 HOH A O   1 
HETATM 1607 O O   . HOH G 4 .  ? 3.005   12.159  -5.824  1.00 39.72  ? 392 HOH A O   1 
HETATM 1608 O O   . HOH G 4 .  ? 8.075   -9.639  -1.285  1.00 30.19  ? 393 HOH A O   1 
HETATM 1609 O O   . HOH G 4 .  ? 7.640   -13.446 -0.772  1.00 30.50  ? 397 HOH A O   1 
HETATM 1610 O O   . HOH G 4 .  ? -4.066  8.398   -9.965  1.00 59.22  ? 399 HOH A O   1 
HETATM 1611 O O   . HOH G 4 .  ? -1.638  20.250  0.405   1.00 42.77  ? 400 HOH A O   1 
HETATM 1612 O O   . HOH G 4 .  ? 7.793   -17.368 -2.789  1.00 27.93  ? 401 HOH A O   1 
HETATM 1613 O O   . HOH H 4 .  ? -5.899  -8.822  8.219   1.00 20.35  ? 303 HOH B O   1 
HETATM 1614 O O   . HOH H 4 .  ? -6.048  2.598   -16.909 1.00 26.36  ? 304 HOH B O   1 
HETATM 1615 O O   . HOH H 4 .  ? -10.376 -12.572 16.716  1.00 33.56  ? 308 HOH B O   1 
HETATM 1616 O O   . HOH H 4 .  ? 0.642   -10.801 6.038   1.00 30.61  ? 309 HOH B O   1 
HETATM 1617 O O   . HOH H 4 .  ? -11.419 -12.301 21.928  1.00 59.84  ? 310 HOH B O   1 
HETATM 1618 O O   . HOH H 4 .  ? -17.548 -13.570 4.406   1.00 21.11  ? 314 HOH B O   1 
HETATM 1619 O O   . HOH H 4 .  ? -17.218 -0.371  -1.497  1.00 31.12  ? 315 HOH B O   1 
HETATM 1620 O O   . HOH H 4 .  ? 3.649   -3.329  5.534   1.00 33.48  ? 316 HOH B O   1 
HETATM 1621 O O   . HOH H 4 .  ? -4.927  -14.256 7.603   1.00 25.53  ? 319 HOH B O   1 
HETATM 1622 O O   . HOH H 4 .  ? -4.573  1.532   -14.591 1.00 34.76  ? 320 HOH B O   1 
HETATM 1623 O O   . HOH H 4 .  ? -0.822  -16.861 -9.372  1.00 26.31  ? 321 HOH B O   1 
HETATM 1624 O O   . HOH H 4 .  ? -25.046 -8.834  -1.425  1.00 34.14  ? 322 HOH B O   1 
HETATM 1625 O O   . HOH H 4 .  ? -0.994  -4.198  -23.095 1.00 25.11  ? 323 HOH B O   1 
HETATM 1626 O O   . HOH H 4 .  ? 0.881   -14.047 -10.306 1.00 21.79  ? 324 HOH B O   1 
HETATM 1627 O O   . HOH H 4 .  ? -12.215 4.635   17.339  1.00 31.29  ? 325 HOH B O   1 
HETATM 1628 O O   . HOH H 4 .  ? -15.240 3.167   7.658   1.00 36.27  ? 327 HOH B O   1 
HETATM 1629 O O   . HOH H 4 .  ? -24.062 -6.069  -1.737  1.00 32.87  ? 329 HOH B O   1 
HETATM 1630 O O   . HOH H 4 .  ? -7.858  -15.983 10.208  1.00 36.64  ? 330 HOH B O   1 
HETATM 1631 O O   . HOH H 4 .  ? -12.779 1.147   -0.923  1.00 26.39  ? 335 HOH B O   1 
HETATM 1632 O O   . HOH H 4 .  ? -15.555 -10.896 20.822  1.00 46.01  ? 336 HOH B O   1 
HETATM 1633 O O   . HOH H 4 .  ? -11.117 6.302   19.493  1.00 42.40  ? 337 HOH B O   1 
HETATM 1634 O O   . HOH H 4 .  ? 3.431   -5.151  2.825   1.00 16.09  ? 344 HOH B O   1 
HETATM 1635 O O   . HOH H 4 .  ? -0.180  -2.892  -20.828 1.00 30.45  ? 346 HOH B O   1 
HETATM 1636 O O   . HOH H 4 .  ? -10.160 4.989   -3.838  1.00 46.31  ? 347 HOH B O   1 
HETATM 1637 O O   . HOH H 4 .  ? 0.468   -1.449  12.635  1.00 23.93  ? 349 HOH B O   1 
HETATM 1638 O O   . HOH H 4 .  ? -7.803  0.576   -17.376 1.00 18.69  ? 350 HOH B O   1 
HETATM 1639 O O   . HOH H 4 .  ? -10.473 -19.824 -5.589  1.00 25.73  ? 351 HOH B O   1 
HETATM 1640 O O   . HOH H 4 .  ? 1.380   -4.003  10.341  1.00 44.80  ? 352 HOH B O   1 
HETATM 1641 O O   . HOH H 4 .  ? -14.485 -13.295 22.723  1.00 47.50  ? 353 HOH B O   1 
HETATM 1642 O O   . HOH H 4 .  ? -1.936  -4.695  -19.415 1.00 38.29  ? 355 HOH B O   1 
HETATM 1643 O O   . HOH H 4 .  ? -24.862 -10.617 4.441   1.00 34.68  ? 356 HOH B O   1 
HETATM 1644 O O   . HOH H 4 .  ? -23.083 -2.944  7.973   1.00 42.74  ? 357 HOH B O   1 
HETATM 1645 O O   . HOH H 4 .  ? -12.786 0.981   15.749  1.00 44.48  ? 358 HOH B O   1 
HETATM 1646 O O   . HOH H 4 .  ? -13.393 -6.239  -9.970  1.00 21.01  ? 359 HOH B O   1 
HETATM 1647 O O   . HOH H 4 .  ? -5.324  0.202   -11.463 1.00 26.50  ? 360 HOH B O   1 
HETATM 1648 O O   . HOH H 4 .  ? -4.835  -2.415  -16.121 1.00 48.72  ? 361 HOH B O   1 
HETATM 1649 O O   . HOH H 4 .  ? 2.330   -13.755 -3.590  1.00 17.10  ? 365 HOH B O   1 
HETATM 1650 O O   . HOH H 4 .  ? -9.624  4.732   15.826  1.00 20.16  ? 367 HOH B O   1 
HETATM 1651 O O   . HOH H 4 .  ? -27.674 -9.680  -2.440  1.00 33.98  ? 369 HOH B O   1 
HETATM 1652 O O   . HOH H 4 .  ? -7.519  -0.768  -14.611 1.00 62.81  ? 371 HOH B O   1 
HETATM 1653 O O   . HOH H 4 .  ? -12.453 3.132   -2.870  1.00 47.73  ? 372 HOH B O   1 
HETATM 1654 O O   . HOH H 4 .  ? 1.101   -2.718  6.614   1.00 22.24  ? 376 HOH B O   1 
HETATM 1655 O O   . HOH H 4 .  ? -9.964  0.314   -10.754 1.00 47.85  ? 377 HOH B O   1 
HETATM 1656 O O   . HOH H 4 .  ? -12.125 2.192   -11.935 1.00 49.84  ? 378 HOH B O   1 
HETATM 1657 O O   . HOH H 4 .  ? -19.497 -9.307  15.678  1.00 37.33  ? 381 HOH B O   1 
HETATM 1658 O O   . HOH H 4 .  ? -18.910 2.011   7.197   1.00 38.36  ? 382 HOH B O   1 
HETATM 1659 O O   . HOH H 4 .  ? -6.798  6.929   -9.033  1.00 26.69  ? 383 HOH B O   1 
HETATM 1660 O O   . HOH H 4 .  ? -8.017  -0.587  -11.749 1.00 48.78  ? 384 HOH B O   1 
HETATM 1661 O O   . HOH H 4 .  ? -17.610 -0.928  17.344  1.00 55.69  ? 385 HOH B O   1 
HETATM 1662 O O   . HOH H 4 .  ? -5.602  8.687   14.315  1.00 30.41  ? 386 HOH B O   1 
HETATM 1663 O O   . HOH H 4 .  ? -3.321  -9.858  8.889   1.00 34.89  ? 387 HOH B O   1 
HETATM 1664 O O   . HOH H 4 .  ? -4.290  -16.954 -9.189  1.00 47.05  ? 388 HOH B O   1 
HETATM 1665 O O   . HOH H 4 .  ? -7.963  5.831   17.958  1.00 56.18  ? 391 HOH B O   1 
HETATM 1666 O O   . HOH H 4 .  ? -14.267 -1.235  14.522  1.00 43.69  ? 394 HOH B O   1 
HETATM 1667 O O   . HOH H 4 .  ? -19.478 -7.762  18.372  1.00 50.77  ? 395 HOH B O   1 
HETATM 1668 O O   . HOH H 4 .  ? -4.389  -4.285  -17.838 1.00 49.98  ? 396 HOH B O   1 
HETATM 1669 O O   . HOH H 4 .  ? -11.687 -22.009 -7.429  1.00 48.06  ? 398 HOH B O   1 
HETATM 1670 O O   . HOH H 4 .  ? -5.902  -8.468  -17.807 1.00 45.43  ? 402 HOH B O   1 
# 
loop_
_pdbx_poly_seq_scheme.asym_id 
_pdbx_poly_seq_scheme.entity_id 
_pdbx_poly_seq_scheme.seq_id 
_pdbx_poly_seq_scheme.mon_id 
_pdbx_poly_seq_scheme.ndb_seq_num 
_pdbx_poly_seq_scheme.pdb_seq_num 
_pdbx_poly_seq_scheme.auth_seq_num 
_pdbx_poly_seq_scheme.pdb_mon_id 
_pdbx_poly_seq_scheme.auth_mon_id 
_pdbx_poly_seq_scheme.pdb_strand_id 
_pdbx_poly_seq_scheme.pdb_ins_code 
_pdbx_poly_seq_scheme.hetero 
A 1 1  PRO 1  1   1   PRO PRO A . n 
A 1 2  GLN 2  2   2   GLN GLN A . n 
A 1 3  ILE 3  3   3   ILE ILE A . n 
A 1 4  THR 4  4   4   THR THR A . n 
A 1 5  LEU 5  5   5   LEU LEU A . n 
A 1 6  TRP 6  6   6   TRP TRP A . n 
A 1 7  LYS 7  7   7   LYS ALA A . n 
A 1 8  ARG 8  8   8   ARG ARG A . n 
A 1 9  PRO 9  9   9   PRO PRO A . n 
A 1 10 LEU 10 10  10  LEU LEU A . n 
A 1 11 VAL 11 11  11  VAL VAL A . n 
A 1 12 THR 12 12  12  THR THR A . n 
A 1 13 ILE 13 13  13  ILE ILE A . n 
A 1 14 ARG 14 14  14  ARG ARG A . n 
A 1 15 ILE 15 15  15  ILE ILE A . n 
A 1 16 GLY 16 16  16  GLY GLY A . n 
A 1 17 GLY 17 17  17  GLY GLY A . n 
A 1 18 GLN 18 18  18  GLN GLN A . n 
A 1 19 LEU 19 19  19  LEU LEU A . n 
A 1 20 LYS 20 20  20  LYS LYS A . n 
A 1 21 GLU 21 21  21  GLU GLU A . n 
A 1 22 ALA 22 22  22  ALA ALA A . n 
A 1 23 LEU 23 23  23  LEU LEU A . n 
A 1 24 LEU 24 24  24  LEU LEU A . n 
A 1 25 ASP 25 25  25  ASP ASP A . n 
A 1 26 THR 26 26  26  THR THR A . n 
A 1 27 GLY 27 27  27  GLY GLY A . n 
A 1 28 ALA 28 28  28  ALA ALA A . n 
A 1 29 ASP 29 29  29  ASP ASP A . n 
A 1 30 ASP 30 30  30  ASP ASP A . n 
A 1 31 THR 31 31  31  THR THR A . n 
A 1 32 VAL 32 32  32  VAL VAL A . n 
A 1 33 ILE 33 33  33  ILE ILE A . n 
A 1 34 GLU 34 34  34  GLU GLU A . n 
A 1 35 GLU 35 35  35  GLU GLU A . n 
A 1 36 MET 36 36  36  MET MET A . n 
A 1 37 ASN 37 37  37  ASN ASN A . n 
A 1 38 LEU 38 38  38  LEU LEU A . n 
A 1 39 PRO 39 39  39  PRO PRO A . n 
A 1 40 GLY 40 40  40  GLY GLY A . n 
A 1 41 LYS 41 41  41  LYS ALA A . n 
A 1 42 TRP 42 42  42  TRP TRP A . n 
A 1 43 LYS 43 43  43  LYS ALA A . n 
A 1 44 PRO 44 44  44  PRO PRO A . n 
A 1 45 LYS 45 45  45  LYS ALA A . n 
A 1 46 MET 46 46  46  MET MET A . n 
A 1 47 ILE 47 47  47  ILE ILE A . n 
A 1 48 GLY 48 48  48  GLY GLY A . n 
A 1 49 GLY 49 49  49  GLY GLY A . n 
A 1 50 ILE 50 50  50  ILE ILE A . n 
A 1 51 GLY 51 51  51  GLY GLY A . n 
A 1 52 GLY 52 52  52  GLY GLY A . n 
A 1 53 PHE 53 53  53  PHE PHE A . n 
A 1 54 ILE 54 54  54  ILE ILE A . n 
A 1 55 LYS 55 55  55  LYS LYS A . n 
A 1 56 VAL 56 56  56  VAL VAL A . n 
A 1 57 ARG 57 57  57  ARG ARG A . n 
A 1 58 GLN 58 58  58  GLN GLN A . n 
A 1 59 TYR 59 59  59  TYR TYR A . n 
A 1 60 ASP 60 60  60  ASP ASP A . n 
A 1 61 GLN 61 61  61  GLN GLN A . n 
A 1 62 ILE 62 62  62  ILE ILE A . n 
A 1 63 PRO 63 63  63  PRO PRO A . n 
A 1 64 VAL 64 64  64  VAL VAL A . n 
A 1 65 GLU 65 65  65  GLU GLU A . n 
A 1 66 ILE 66 66  66  ILE ILE A . n 
A 1 67 ABA 67 67  67  ABA ABA A . n 
A 1 68 GLY 68 68  68  GLY GLY A . n 
A 1 69 HIS 69 69  69  HIS HIS A . n 
A 1 70 LYS 70 70  70  LYS LYS A . n 
A 1 71 ALA 71 71  71  ALA ALA A . n 
A 1 72 ILE 72 72  72  ILE ILE A . n 
A 1 73 GLY 73 73  73  GLY GLY A . n 
A 1 74 THR 74 74  74  THR THR A . n 
A 1 75 VAL 75 75  75  VAL VAL A . n 
A 1 76 LEU 76 76  76  LEU LEU A . n 
A 1 77 VAL 77 77  77  VAL VAL A . n 
A 1 78 GLY 78 78  78  GLY GLY A . n 
A 1 79 PRO 79 79  79  PRO PRO A . n 
A 1 80 THR 80 80  80  THR THR A . n 
A 1 81 PRO 81 81  81  PRO PRO A . n 
A 1 82 VAL 82 82  82  VAL VAL A . n 
A 1 83 ASN 83 83  83  ASN ASN A . n 
A 1 84 ILE 84 84  84  ILE ILE A . n 
A 1 85 ILE 85 85  85  ILE ILE A . n 
A 1 86 GLY 86 86  86  GLY GLY A . n 
A 1 87 ARG 87 87  87  ARG ARG A . n 
A 1 88 ASN 88 88  88  ASN ASN A . n 
A 1 89 LEU 89 89  89  LEU LEU A . n 
A 1 90 LEU 90 90  90  LEU LEU A . n 
A 1 91 THR 91 91  91  THR THR A . n 
A 1 92 GLN 92 92  92  GLN GLN A . n 
A 1 93 ILE 93 93  93  ILE ILE A . n 
A 1 94 GLY 94 94  94  GLY GLY A . n 
A 1 95 ABA 95 95  95  ABA ABA A . n 
A 1 96 THR 96 96  96  THR THR A . n 
A 1 97 LEU 97 97  97  LEU LEU A . n 
A 1 98 ASN 98 98  98  ASN ASN A . n 
A 1 99 PHE 99 99  99  PHE PHE A . n 
B 1 1  PRO 1  101 101 PRO PRO B . n 
B 1 2  GLN 2  102 102 GLN GLN B . n 
B 1 3  ILE 3  103 103 ILE ILE B . n 
B 1 4  THR 4  104 104 THR THR B . n 
B 1 5  LEU 5  105 105 LEU LEU B . n 
B 1 6  TRP 6  106 106 TRP TRP B . n 
B 1 7  LYS 7  107 107 LYS LYS B . n 
B 1 8  ARG 8  108 108 ARG ARG B . n 
B 1 9  PRO 9  109 109 PRO PRO B . n 
B 1 10 LEU 10 110 110 LEU LEU B . n 
B 1 11 VAL 11 111 111 VAL VAL B . n 
B 1 12 THR 12 112 112 THR THR B . n 
B 1 13 ILE 13 113 113 ILE ILE B . n 
B 1 14 ARG 14 114 114 ARG ARG B . n 
B 1 15 ILE 15 115 115 ILE ILE B . n 
B 1 16 GLY 16 116 116 GLY GLY B . n 
B 1 17 GLY 17 117 117 GLY GLY B . n 
B 1 18 GLN 18 118 118 GLN GLN B . n 
B 1 19 LEU 19 119 119 LEU LEU B . n 
B 1 20 LYS 20 120 120 LYS LYS B . n 
B 1 21 GLU 21 121 121 GLU GLU B . n 
B 1 22 ALA 22 122 122 ALA ALA B . n 
B 1 23 LEU 23 123 123 LEU LEU B . n 
B 1 24 LEU 24 124 124 LEU LEU B . n 
B 1 25 ASP 25 125 125 ASP ASP B . n 
B 1 26 THR 26 126 126 THR THR B . n 
B 1 27 GLY 27 127 127 GLY GLY B . n 
B 1 28 ALA 28 128 128 ALA ALA B . n 
B 1 29 ASP 29 129 129 ASP ASP B . n 
B 1 30 ASP 30 130 130 ASP ASP B . n 
B 1 31 THR 31 131 131 THR THR B . n 
B 1 32 VAL 32 132 132 VAL VAL B . n 
B 1 33 ILE 33 133 133 ILE ILE B . n 
B 1 34 GLU 34 134 134 GLU GLU B . n 
B 1 35 GLU 35 135 135 GLU GLU B . n 
B 1 36 MET 36 136 136 MET MET B . n 
B 1 37 ASN 37 137 137 ASN ASN B . n 
B 1 38 LEU 38 138 138 LEU LEU B . n 
B 1 39 PRO 39 139 139 PRO PRO B . n 
B 1 40 GLY 40 140 140 GLY GLY B . n 
B 1 41 LYS 41 141 141 LYS ALA B . n 
B 1 42 TRP 42 142 142 TRP TRP B . n 
B 1 43 LYS 43 143 143 LYS ALA B . n 
B 1 44 PRO 44 144 144 PRO PRO B . n 
B 1 45 LYS 45 145 145 LYS LYS B . n 
B 1 46 MET 46 146 146 MET MET B . n 
B 1 47 ILE 47 147 147 ILE ILE B . n 
B 1 48 GLY 48 148 148 GLY GLY B . n 
B 1 49 GLY 49 149 149 GLY GLY B . n 
B 1 50 ILE 50 150 150 ILE ILE B . n 
B 1 51 GLY 51 151 151 GLY GLY B . n 
B 1 52 GLY 52 152 152 GLY GLY B . n 
B 1 53 PHE 53 153 153 PHE PHE B . n 
B 1 54 ILE 54 154 154 ILE ILE B . n 
B 1 55 LYS 55 155 155 LYS LYS B . n 
B 1 56 VAL 56 156 156 VAL VAL B . n 
B 1 57 ARG 57 157 157 ARG ARG B . n 
B 1 58 GLN 58 158 158 GLN GLN B . n 
B 1 59 TYR 59 159 159 TYR TYR B . n 
B 1 60 ASP 60 160 160 ASP ASP B . n 
B 1 61 GLN 61 161 161 GLN GLN B . n 
B 1 62 ILE 62 162 162 ILE ILE B . n 
B 1 63 PRO 63 163 163 PRO PRO B . n 
B 1 64 VAL 64 164 164 VAL VAL B . n 
B 1 65 GLU 65 165 165 GLU GLU B . n 
B 1 66 ILE 66 166 166 ILE ILE B . n 
B 1 67 ABA 67 167 167 ABA ABA B . n 
B 1 68 GLY 68 168 168 GLY GLY B . n 
B 1 69 HIS 69 169 169 HIS HIS B . n 
B 1 70 LYS 70 170 170 LYS LYS B . n 
B 1 71 ALA 71 171 171 ALA ALA B . n 
B 1 72 ILE 72 172 172 ILE ILE B . n 
B 1 73 GLY 73 173 173 GLY GLY B . n 
B 1 74 THR 74 174 174 THR THR B . n 
B 1 75 VAL 75 175 175 VAL VAL B . n 
B 1 76 LEU 76 176 176 LEU LEU B . n 
B 1 77 VAL 77 177 177 VAL VAL B . n 
B 1 78 GLY 78 178 178 GLY GLY B . n 
B 1 79 PRO 79 179 179 PRO PRO B . n 
B 1 80 THR 80 180 180 THR THR B . n 
B 1 81 PRO 81 181 181 PRO PRO B . n 
B 1 82 VAL 82 182 182 VAL VAL B . n 
B 1 83 ASN 83 183 183 ASN ASN B . n 
B 1 84 ILE 84 184 184 ILE ILE B . n 
B 1 85 ILE 85 185 185 ILE ILE B . n 
B 1 86 GLY 86 186 186 GLY GLY B . n 
B 1 87 ARG 87 187 187 ARG ARG B . n 
B 1 88 ASN 88 188 188 ASN ASN B . n 
B 1 89 LEU 89 189 189 LEU LEU B . n 
B 1 90 LEU 90 190 190 LEU LEU B . n 
B 1 91 THR 91 191 191 THR THR B . n 
B 1 92 GLN 92 192 192 GLN GLN B . n 
B 1 93 ILE 93 193 193 ILE ILE B . n 
B 1 94 GLY 94 194 194 GLY GLY B . n 
B 1 95 ABA 95 195 195 ABA ABA B . n 
B 1 96 THR 96 196 196 THR THR B . n 
B 1 97 LEU 97 197 197 LEU LEU B . n 
B 1 98 ASN 98 198 198 ASN ASN B . n 
B 1 99 PHE 99 199 199 PHE PHE B . n 
# 
loop_
_pdbx_nonpoly_scheme.asym_id 
_pdbx_nonpoly_scheme.entity_id 
_pdbx_nonpoly_scheme.mon_id 
_pdbx_nonpoly_scheme.ndb_seq_num 
_pdbx_nonpoly_scheme.pdb_seq_num 
_pdbx_nonpoly_scheme.auth_seq_num 
_pdbx_nonpoly_scheme.pdb_mon_id 
_pdbx_nonpoly_scheme.auth_mon_id 
_pdbx_nonpoly_scheme.pdb_strand_id 
_pdbx_nonpoly_scheme.pdb_ins_code 
C 2 SO4 1  502 502 SO4 SO4 A . 
D 2 SO4 1  503 503 SO4 SO4 A . 
E 3 HBH 1  201 201 HBH INH A . 
F 2 SO4 1  501 501 SO4 SO4 B . 
G 4 HOH 1  301 301 HOH WAT A . 
G 4 HOH 2  302 302 HOH WAT A . 
G 4 HOH 3  305 305 HOH WAT A . 
G 4 HOH 4  306 306 HOH WAT A . 
G 4 HOH 5  307 307 HOH WAT A . 
G 4 HOH 6  311 311 HOH WAT A . 
G 4 HOH 7  312 312 HOH WAT A . 
G 4 HOH 8  313 313 HOH WAT A . 
G 4 HOH 9  317 317 HOH WAT A . 
G 4 HOH 10 318 318 HOH WAT A . 
G 4 HOH 11 326 326 HOH WAT A . 
G 4 HOH 12 328 328 HOH WAT A . 
G 4 HOH 13 331 331 HOH WAT A . 
G 4 HOH 14 332 332 HOH WAT A . 
G 4 HOH 15 333 333 HOH WAT A . 
G 4 HOH 16 334 334 HOH WAT A . 
G 4 HOH 17 338 338 HOH WAT A . 
G 4 HOH 18 339 339 HOH WAT A . 
G 4 HOH 19 340 340 HOH WAT A . 
G 4 HOH 20 341 341 HOH WAT A . 
G 4 HOH 21 342 342 HOH WAT A . 
G 4 HOH 22 343 343 HOH WAT A . 
G 4 HOH 23 345 345 HOH WAT A . 
G 4 HOH 24 348 348 HOH WAT A . 
G 4 HOH 25 354 354 HOH WAT A . 
G 4 HOH 26 362 362 HOH WAT A . 
G 4 HOH 27 363 363 HOH WAT A . 
G 4 HOH 28 364 364 HOH WAT A . 
G 4 HOH 29 366 366 HOH WAT A . 
G 4 HOH 30 368 368 HOH WAT A . 
G 4 HOH 31 370 370 HOH WAT A . 
G 4 HOH 32 373 373 HOH WAT A . 
G 4 HOH 33 374 374 HOH WAT A . 
G 4 HOH 34 375 375 HOH WAT A . 
G 4 HOH 35 379 379 HOH WAT A . 
G 4 HOH 36 380 380 HOH WAT A . 
G 4 HOH 37 389 389 HOH WAT A . 
G 4 HOH 38 390 390 HOH WAT A . 
G 4 HOH 39 392 392 HOH WAT A . 
G 4 HOH 40 393 393 HOH WAT A . 
G 4 HOH 41 397 397 HOH WAT A . 
G 4 HOH 42 399 399 HOH WAT A . 
G 4 HOH 43 400 400 HOH WAT A . 
G 4 HOH 44 401 401 HOH WAT A . 
H 4 HOH 1  303 303 HOH WAT B . 
H 4 HOH 2  304 304 HOH WAT B . 
H 4 HOH 3  308 308 HOH WAT B . 
H 4 HOH 4  309 309 HOH WAT B . 
H 4 HOH 5  310 310 HOH WAT B . 
H 4 HOH 6  314 314 HOH WAT B . 
H 4 HOH 7  315 315 HOH WAT B . 
H 4 HOH 8  316 316 HOH WAT B . 
H 4 HOH 9  319 319 HOH WAT B . 
H 4 HOH 10 320 320 HOH WAT B . 
H 4 HOH 11 321 321 HOH WAT B . 
H 4 HOH 12 322 322 HOH WAT B . 
H 4 HOH 13 323 323 HOH WAT B . 
H 4 HOH 14 324 324 HOH WAT B . 
H 4 HOH 15 325 325 HOH WAT B . 
H 4 HOH 16 327 327 HOH WAT B . 
H 4 HOH 17 329 329 HOH WAT B . 
H 4 HOH 18 330 330 HOH WAT B . 
H 4 HOH 19 335 335 HOH WAT B . 
H 4 HOH 20 336 336 HOH WAT B . 
H 4 HOH 21 337 337 HOH WAT B . 
H 4 HOH 22 344 344 HOH WAT B . 
H 4 HOH 23 346 346 HOH WAT B . 
H 4 HOH 24 347 347 HOH WAT B . 
H 4 HOH 25 349 349 HOH WAT B . 
H 4 HOH 26 350 350 HOH WAT B . 
H 4 HOH 27 351 351 HOH WAT B . 
H 4 HOH 28 352 352 HOH WAT B . 
H 4 HOH 29 353 353 HOH WAT B . 
H 4 HOH 30 355 355 HOH WAT B . 
H 4 HOH 31 356 356 HOH WAT B . 
H 4 HOH 32 357 357 HOH WAT B . 
H 4 HOH 33 358 358 HOH WAT B . 
H 4 HOH 34 359 359 HOH WAT B . 
H 4 HOH 35 360 360 HOH WAT B . 
H 4 HOH 36 361 361 HOH WAT B . 
H 4 HOH 37 365 365 HOH WAT B . 
H 4 HOH 38 367 367 HOH WAT B . 
H 4 HOH 39 369 369 HOH WAT B . 
H 4 HOH 40 371 371 HOH WAT B . 
H 4 HOH 41 372 372 HOH WAT B . 
H 4 HOH 42 376 376 HOH WAT B . 
H 4 HOH 43 377 377 HOH WAT B . 
H 4 HOH 44 378 378 HOH WAT B . 
H 4 HOH 45 381 381 HOH WAT B . 
H 4 HOH 46 382 382 HOH WAT B . 
H 4 HOH 47 383 383 HOH WAT B . 
H 4 HOH 48 384 384 HOH WAT B . 
H 4 HOH 49 385 385 HOH WAT B . 
H 4 HOH 50 386 386 HOH WAT B . 
H 4 HOH 51 387 387 HOH WAT B . 
H 4 HOH 52 388 388 HOH WAT B . 
H 4 HOH 53 391 391 HOH WAT B . 
H 4 HOH 54 394 394 HOH WAT B . 
H 4 HOH 55 395 395 HOH WAT B . 
H 4 HOH 56 396 396 HOH WAT B . 
H 4 HOH 57 398 398 HOH WAT B . 
H 4 HOH 58 402 402 HOH WAT B . 
# 
loop_
_pdbx_struct_mod_residue.id 
_pdbx_struct_mod_residue.label_asym_id 
_pdbx_struct_mod_residue.label_comp_id 
_pdbx_struct_mod_residue.label_seq_id 
_pdbx_struct_mod_residue.auth_asym_id 
_pdbx_struct_mod_residue.auth_comp_id 
_pdbx_struct_mod_residue.auth_seq_id 
_pdbx_struct_mod_residue.PDB_ins_code 
_pdbx_struct_mod_residue.parent_comp_id 
_pdbx_struct_mod_residue.details 
1 A ABA 67 A ABA 67  ? ALA 'ALPHA-AMINOBUTYRIC ACID' 
2 A ABA 95 A ABA 95  ? ALA 'ALPHA-AMINOBUTYRIC ACID' 
3 B ABA 67 B ABA 167 ? ALA 'ALPHA-AMINOBUTYRIC ACID' 
4 B ABA 95 B ABA 195 ? ALA 'ALPHA-AMINOBUTYRIC ACID' 
# 
_pdbx_struct_assembly.id                   1 
_pdbx_struct_assembly.details              author_and_software_defined_assembly 
_pdbx_struct_assembly.method_details       PISA 
_pdbx_struct_assembly.oligomeric_details   dimeric 
_pdbx_struct_assembly.oligomeric_count     2 
# 
_pdbx_struct_assembly_gen.assembly_id       1 
_pdbx_struct_assembly_gen.oper_expression   1 
_pdbx_struct_assembly_gen.asym_id_list      A,B,C,D,E,F,G,H 
# 
loop_
_pdbx_struct_assembly_prop.biol_id 
_pdbx_struct_assembly_prop.type 
_pdbx_struct_assembly_prop.value 
_pdbx_struct_assembly_prop.details 
1 'ABSA (A^2)' 5360 ? 
1 MORE         -64  ? 
1 'SSA (A^2)'  9180 ? 
# 
_pdbx_struct_oper_list.id                   1 
_pdbx_struct_oper_list.type                 'identity operation' 
_pdbx_struct_oper_list.name                 1_555 
_pdbx_struct_oper_list.symmetry_operation   x,y,z 
_pdbx_struct_oper_list.matrix[1][1]         1.0000000000 
_pdbx_struct_oper_list.matrix[1][2]         0.0000000000 
_pdbx_struct_oper_list.matrix[1][3]         0.0000000000 
_pdbx_struct_oper_list.vector[1]            0.0000000000 
_pdbx_struct_oper_list.matrix[2][1]         0.0000000000 
_pdbx_struct_oper_list.matrix[2][2]         1.0000000000 
_pdbx_struct_oper_list.matrix[2][3]         0.0000000000 
_pdbx_struct_oper_list.vector[2]            0.0000000000 
_pdbx_struct_oper_list.matrix[3][1]         0.0000000000 
_pdbx_struct_oper_list.matrix[3][2]         0.0000000000 
_pdbx_struct_oper_list.matrix[3][3]         1.0000000000 
_pdbx_struct_oper_list.vector[3]            0.0000000000 
# 
loop_
_pdbx_audit_revision_history.ordinal 
_pdbx_audit_revision_history.data_content_type 
_pdbx_audit_revision_history.major_revision 
_pdbx_audit_revision_history.minor_revision 
_pdbx_audit_revision_history.revision_date 
1 'Structure model' 1 0 2005-03-22 
2 'Structure model' 1 1 2008-04-30 
3 'Structure model' 1 2 2011-07-13 
4 'Structure model' 1 3 2021-11-10 
5 'Structure model' 1 4 2023-10-25 
6 'Structure model' 1 5 2023-11-15 
# 
_pdbx_audit_revision_details.ordinal             1 
_pdbx_audit_revision_details.revision_ordinal    1 
_pdbx_audit_revision_details.data_content_type   'Structure model' 
_pdbx_audit_revision_details.provider            repository 
_pdbx_audit_revision_details.type                'Initial release' 
_pdbx_audit_revision_details.description         ? 
_pdbx_audit_revision_details.details             ? 
# 
loop_
_pdbx_audit_revision_group.ordinal 
_pdbx_audit_revision_group.revision_ordinal 
_pdbx_audit_revision_group.data_content_type 
_pdbx_audit_revision_group.group 
1 2 'Structure model' 'Version format compliance' 
2 3 'Structure model' 'Version format compliance' 
3 4 'Structure model' 'Database references'       
4 4 'Structure model' 'Derived calculations'      
5 4 'Structure model' 'Structure summary'         
6 5 'Structure model' 'Data collection'           
7 5 'Structure model' 'Refinement description'    
8 6 'Structure model' 'Data collection'           
# 
loop_
_pdbx_audit_revision_category.ordinal 
_pdbx_audit_revision_category.revision_ordinal 
_pdbx_audit_revision_category.data_content_type 
_pdbx_audit_revision_category.category 
1  4 'Structure model' chem_comp                     
2  4 'Structure model' database_2                    
3  4 'Structure model' struct_conn                   
4  4 'Structure model' struct_ref_seq_dif            
5  4 'Structure model' struct_site                   
6  5 'Structure model' chem_comp_atom                
7  5 'Structure model' chem_comp_bond                
8  5 'Structure model' pdbx_initial_refinement_model 
9  6 'Structure model' chem_comp_atom                
10 6 'Structure model' chem_comp_bond                
# 
loop_
_pdbx_audit_revision_item.ordinal 
_pdbx_audit_revision_item.revision_ordinal 
_pdbx_audit_revision_item.data_content_type 
_pdbx_audit_revision_item.item 
1  4 'Structure model' '_chem_comp.pdbx_synonyms'            
2  4 'Structure model' '_database_2.pdbx_DOI'                
3  4 'Structure model' '_database_2.pdbx_database_accession' 
4  4 'Structure model' '_struct_conn.pdbx_leaving_atom_flag' 
5  4 'Structure model' '_struct_ref_seq_dif.details'         
6  4 'Structure model' '_struct_site.pdbx_auth_asym_id'      
7  4 'Structure model' '_struct_site.pdbx_auth_comp_id'      
8  4 'Structure model' '_struct_site.pdbx_auth_seq_id'       
9  6 'Structure model' '_chem_comp_atom.atom_id'             
10 6 'Structure model' '_chem_comp_bond.atom_id_2'           
# 
loop_
_software.name 
_software.classification 
_software.version 
_software.citation_id 
_software.pdbx_ordinal 
DENZO     'data reduction' .     ? 1 
SCALEPACK 'data scaling'   .     ? 2 
X-PLOR    'model building' .     ? 3 
X-PLOR    refinement       3.851 ? 4 
X-PLOR    phasing          .     ? 5 
# 
_pdbx_validate_torsion.id              1 
_pdbx_validate_torsion.PDB_model_num   1 
_pdbx_validate_torsion.auth_comp_id    GLU 
_pdbx_validate_torsion.auth_asym_id    B 
_pdbx_validate_torsion.auth_seq_id     135 
_pdbx_validate_torsion.PDB_ins_code    ? 
_pdbx_validate_torsion.label_alt_id    ? 
_pdbx_validate_torsion.phi             -38.75 
_pdbx_validate_torsion.psi             115.71 
# 
loop_
_pdbx_unobs_or_zero_occ_atoms.id 
_pdbx_unobs_or_zero_occ_atoms.PDB_model_num 
_pdbx_unobs_or_zero_occ_atoms.polymer_flag 
_pdbx_unobs_or_zero_occ_atoms.occupancy_flag 
_pdbx_unobs_or_zero_occ_atoms.auth_asym_id 
_pdbx_unobs_or_zero_occ_atoms.auth_comp_id 
_pdbx_unobs_or_zero_occ_atoms.auth_seq_id 
_pdbx_unobs_or_zero_occ_atoms.PDB_ins_code 
_pdbx_unobs_or_zero_occ_atoms.auth_atom_id 
_pdbx_unobs_or_zero_occ_atoms.label_alt_id 
_pdbx_unobs_or_zero_occ_atoms.label_asym_id 
_pdbx_unobs_or_zero_occ_atoms.label_comp_id 
_pdbx_unobs_or_zero_occ_atoms.label_seq_id 
_pdbx_unobs_or_zero_occ_atoms.label_atom_id 
1  1 Y 1 A LYS 7   ? CG ? A LYS 7  CG 
2  1 Y 1 A LYS 7   ? CD ? A LYS 7  CD 
3  1 Y 1 A LYS 7   ? CE ? A LYS 7  CE 
4  1 Y 1 A LYS 7   ? NZ ? A LYS 7  NZ 
5  1 Y 1 A LYS 41  ? CG ? A LYS 41 CG 
6  1 Y 1 A LYS 41  ? CD ? A LYS 41 CD 
7  1 Y 1 A LYS 41  ? CE ? A LYS 41 CE 
8  1 Y 1 A LYS 41  ? NZ ? A LYS 41 NZ 
9  1 Y 1 A LYS 43  ? CG ? A LYS 43 CG 
10 1 Y 1 A LYS 43  ? CD ? A LYS 43 CD 
11 1 Y 1 A LYS 43  ? CE ? A LYS 43 CE 
12 1 Y 1 A LYS 43  ? NZ ? A LYS 43 NZ 
13 1 Y 1 A LYS 45  ? CG ? A LYS 45 CG 
14 1 Y 1 A LYS 45  ? CD ? A LYS 45 CD 
15 1 Y 1 A LYS 45  ? CE ? A LYS 45 CE 
16 1 Y 1 A LYS 45  ? NZ ? A LYS 45 NZ 
17 1 Y 1 B LYS 141 ? CG ? B LYS 41 CG 
18 1 Y 1 B LYS 141 ? CD ? B LYS 41 CD 
19 1 Y 1 B LYS 141 ? CE ? B LYS 41 CE 
20 1 Y 1 B LYS 141 ? NZ ? B LYS 41 NZ 
21 1 Y 1 B LYS 143 ? CG ? B LYS 43 CG 
22 1 Y 1 B LYS 143 ? CD ? B LYS 43 CD 
23 1 Y 1 B LYS 143 ? CE ? B LYS 43 CE 
24 1 Y 1 B LYS 143 ? NZ ? B LYS 43 NZ 
# 
loop_
_chem_comp_atom.comp_id 
_chem_comp_atom.atom_id 
_chem_comp_atom.type_symbol 
_chem_comp_atom.pdbx_aromatic_flag 
_chem_comp_atom.pdbx_stereo_config 
_chem_comp_atom.pdbx_ordinal 
ABA N    N N N 1   
ABA CA   C N S 2   
ABA C    C N N 3   
ABA O    O N N 4   
ABA CB   C N N 5   
ABA CG   C N N 6   
ABA OXT  O N N 7   
ABA H    H N N 8   
ABA H2   H N N 9   
ABA HA   H N N 10  
ABA HB3  H N N 11  
ABA HB2  H N N 12  
ABA HG1  H N N 13  
ABA HG3  H N N 14  
ABA HG2  H N N 15  
ABA HXT  H N N 16  
ALA N    N N N 17  
ALA CA   C N S 18  
ALA C    C N N 19  
ALA O    O N N 20  
ALA CB   C N N 21  
ALA OXT  O N N 22  
ALA H    H N N 23  
ALA H2   H N N 24  
ALA HA   H N N 25  
ALA HB1  H N N 26  
ALA HB2  H N N 27  
ALA HB3  H N N 28  
ALA HXT  H N N 29  
ARG N    N N N 30  
ARG CA   C N S 31  
ARG C    C N N 32  
ARG O    O N N 33  
ARG CB   C N N 34  
ARG CG   C N N 35  
ARG CD   C N N 36  
ARG NE   N N N 37  
ARG CZ   C N N 38  
ARG NH1  N N N 39  
ARG NH2  N N N 40  
ARG OXT  O N N 41  
ARG H    H N N 42  
ARG H2   H N N 43  
ARG HA   H N N 44  
ARG HB2  H N N 45  
ARG HB3  H N N 46  
ARG HG2  H N N 47  
ARG HG3  H N N 48  
ARG HD2  H N N 49  
ARG HD3  H N N 50  
ARG HE   H N N 51  
ARG HH11 H N N 52  
ARG HH12 H N N 53  
ARG HH21 H N N 54  
ARG HH22 H N N 55  
ARG HXT  H N N 56  
ASN N    N N N 57  
ASN CA   C N S 58  
ASN C    C N N 59  
ASN O    O N N 60  
ASN CB   C N N 61  
ASN CG   C N N 62  
ASN OD1  O N N 63  
ASN ND2  N N N 64  
ASN OXT  O N N 65  
ASN H    H N N 66  
ASN H2   H N N 67  
ASN HA   H N N 68  
ASN HB2  H N N 69  
ASN HB3  H N N 70  
ASN HD21 H N N 71  
ASN HD22 H N N 72  
ASN HXT  H N N 73  
ASP N    N N N 74  
ASP CA   C N S 75  
ASP C    C N N 76  
ASP O    O N N 77  
ASP CB   C N N 78  
ASP CG   C N N 79  
ASP OD1  O N N 80  
ASP OD2  O N N 81  
ASP OXT  O N N 82  
ASP H    H N N 83  
ASP H2   H N N 84  
ASP HA   H N N 85  
ASP HB2  H N N 86  
ASP HB3  H N N 87  
ASP HD2  H N N 88  
ASP HXT  H N N 89  
CYS N    N N N 90  
CYS CA   C N R 91  
CYS C    C N N 92  
CYS O    O N N 93  
CYS CB   C N N 94  
CYS SG   S N N 95  
CYS OXT  O N N 96  
CYS H    H N N 97  
CYS H2   H N N 98  
CYS HA   H N N 99  
CYS HB2  H N N 100 
CYS HB3  H N N 101 
CYS HG   H N N 102 
CYS HXT  H N N 103 
GLN N    N N N 104 
GLN CA   C N S 105 
GLN C    C N N 106 
GLN O    O N N 107 
GLN CB   C N N 108 
GLN CG   C N N 109 
GLN CD   C N N 110 
GLN OE1  O N N 111 
GLN NE2  N N N 112 
GLN OXT  O N N 113 
GLN H    H N N 114 
GLN H2   H N N 115 
GLN HA   H N N 116 
GLN HB2  H N N 117 
GLN HB3  H N N 118 
GLN HG2  H N N 119 
GLN HG3  H N N 120 
GLN HE21 H N N 121 
GLN HE22 H N N 122 
GLN HXT  H N N 123 
GLU N    N N N 124 
GLU CA   C N S 125 
GLU C    C N N 126 
GLU O    O N N 127 
GLU CB   C N N 128 
GLU CG   C N N 129 
GLU CD   C N N 130 
GLU OE1  O N N 131 
GLU OE2  O N N 132 
GLU OXT  O N N 133 
GLU H    H N N 134 
GLU H2   H N N 135 
GLU HA   H N N 136 
GLU HB2  H N N 137 
GLU HB3  H N N 138 
GLU HG2  H N N 139 
GLU HG3  H N N 140 
GLU HE2  H N N 141 
GLU HXT  H N N 142 
GLY N    N N N 143 
GLY CA   C N N 144 
GLY C    C N N 145 
GLY O    O N N 146 
GLY OXT  O N N 147 
GLY H    H N N 148 
GLY H2   H N N 149 
GLY HA2  H N N 150 
GLY HA3  H N N 151 
GLY HXT  H N N 152 
HBH C1   C N S 153 
HBH C2   C N N 154 
HBH C3   C Y N 155 
HBH C7   C Y N 156 
HBH C8   C Y N 157 
HBH C10  C N N 158 
HBH C11  C N N 159 
HBH C12  C N N 160 
HBH C13  C N N 161 
HBH C16  C N S 162 
HBH C20  C N N 163 
HBH N26  N N N 164 
HBH C27  C N N 165 
HBH C30  C N N 166 
HBH C31  C N N 167 
HBH C35  C Y N 168 
HBH C4   C Y N 169 
HBH C5   C Y N 170 
HBH C6   C Y N 171 
HBH O9   O N N 172 
HBH O14  O N N 173 
HBH N15  N N N 174 
HBH C17  C N N 175 
HBH C18  C N N 176 
HBH O19  O N N 177 
HBH N19  N N N 178 
HBH O21  O N N 179 
HBH N22  N N N 180 
HBH C23  C N R 181 
HBH O24  O N N 182 
HBH C25  C N N 183 
HBH C28  C N N 184 
HBH C29  C N N 185 
HBH S32  S N N 186 
HBH O33  O N N 187 
HBH O34  O N N 188 
HBH C36  C Y N 189 
HBH C37  C Y N 190 
HBH C38  C Y N 191 
HBH C39  C Y N 192 
HBH C40  C Y N 193 
HBH H1   H N N 194 
HBH H21  H N N 195 
HBH H22A H N N 196 
HBH H7   H N N 197 
HBH H8   H N N 198 
HBH H101 H N N 199 
HBH H102 H N N 200 
HBH H111 H N N 201 
HBH H112 H N N 202 
HBH H121 H N N 203 
HBH H122 H N N 204 
HBH H16  H N N 205 
HBH H271 H N N 206 
HBH H272 H N N 207 
HBH H301 H N N 208 
HBH H302 H N N 209 
HBH H303 H N N 210 
HBH H311 H N N 211 
HBH H312 H N N 212 
HBH H313 H N N 213 
HBH H4   H N N 214 
HBH H5   H N N 215 
HBH H15  H N N 216 
HBH H171 H N N 217 
HBH H172 H N N 218 
HBH H191 H N N 219 
HBH H192 H N N 220 
HBH H22  H N N 221 
HBH H23  H N N 222 
HBH H24  H N N 223 
HBH H251 H N N 224 
HBH H252 H N N 225 
HBH H281 H N N 226 
HBH H282 H N N 227 
HBH H29  H N N 228 
HBH H36  H N N 229 
HBH H37  H N N 230 
HBH H38  H N N 231 
HBH H39  H N N 232 
HBH H40  H N N 233 
HIS N    N N N 234 
HIS CA   C N S 235 
HIS C    C N N 236 
HIS O    O N N 237 
HIS CB   C N N 238 
HIS CG   C Y N 239 
HIS ND1  N Y N 240 
HIS CD2  C Y N 241 
HIS CE1  C Y N 242 
HIS NE2  N Y N 243 
HIS OXT  O N N 244 
HIS H    H N N 245 
HIS H2   H N N 246 
HIS HA   H N N 247 
HIS HB2  H N N 248 
HIS HB3  H N N 249 
HIS HD1  H N N 250 
HIS HD2  H N N 251 
HIS HE1  H N N 252 
HIS HE2  H N N 253 
HIS HXT  H N N 254 
HOH O    O N N 255 
HOH H1   H N N 256 
HOH H2   H N N 257 
ILE N    N N N 258 
ILE CA   C N S 259 
ILE C    C N N 260 
ILE O    O N N 261 
ILE CB   C N S 262 
ILE CG1  C N N 263 
ILE CG2  C N N 264 
ILE CD1  C N N 265 
ILE OXT  O N N 266 
ILE H    H N N 267 
ILE H2   H N N 268 
ILE HA   H N N 269 
ILE HB   H N N 270 
ILE HG12 H N N 271 
ILE HG13 H N N 272 
ILE HG21 H N N 273 
ILE HG22 H N N 274 
ILE HG23 H N N 275 
ILE HD11 H N N 276 
ILE HD12 H N N 277 
ILE HD13 H N N 278 
ILE HXT  H N N 279 
LEU N    N N N 280 
LEU CA   C N S 281 
LEU C    C N N 282 
LEU O    O N N 283 
LEU CB   C N N 284 
LEU CG   C N N 285 
LEU CD1  C N N 286 
LEU CD2  C N N 287 
LEU OXT  O N N 288 
LEU H    H N N 289 
LEU H2   H N N 290 
LEU HA   H N N 291 
LEU HB2  H N N 292 
LEU HB3  H N N 293 
LEU HG   H N N 294 
LEU HD11 H N N 295 
LEU HD12 H N N 296 
LEU HD13 H N N 297 
LEU HD21 H N N 298 
LEU HD22 H N N 299 
LEU HD23 H N N 300 
LEU HXT  H N N 301 
LYS N    N N N 302 
LYS CA   C N S 303 
LYS C    C N N 304 
LYS O    O N N 305 
LYS CB   C N N 306 
LYS CG   C N N 307 
LYS CD   C N N 308 
LYS CE   C N N 309 
LYS NZ   N N N 310 
LYS OXT  O N N 311 
LYS H    H N N 312 
LYS H2   H N N 313 
LYS HA   H N N 314 
LYS HB2  H N N 315 
LYS HB3  H N N 316 
LYS HG2  H N N 317 
LYS HG3  H N N 318 
LYS HD2  H N N 319 
LYS HD3  H N N 320 
LYS HE2  H N N 321 
LYS HE3  H N N 322 
LYS HZ1  H N N 323 
LYS HZ2  H N N 324 
LYS HZ3  H N N 325 
LYS HXT  H N N 326 
MET N    N N N 327 
MET CA   C N S 328 
MET C    C N N 329 
MET O    O N N 330 
MET CB   C N N 331 
MET CG   C N N 332 
MET SD   S N N 333 
MET CE   C N N 334 
MET OXT  O N N 335 
MET H    H N N 336 
MET H2   H N N 337 
MET HA   H N N 338 
MET HB2  H N N 339 
MET HB3  H N N 340 
MET HG2  H N N 341 
MET HG3  H N N 342 
MET HE1  H N N 343 
MET HE2  H N N 344 
MET HE3  H N N 345 
MET HXT  H N N 346 
PHE N    N N N 347 
PHE CA   C N S 348 
PHE C    C N N 349 
PHE O    O N N 350 
PHE CB   C N N 351 
PHE CG   C Y N 352 
PHE CD1  C Y N 353 
PHE CD2  C Y N 354 
PHE CE1  C Y N 355 
PHE CE2  C Y N 356 
PHE CZ   C Y N 357 
PHE OXT  O N N 358 
PHE H    H N N 359 
PHE H2   H N N 360 
PHE HA   H N N 361 
PHE HB2  H N N 362 
PHE HB3  H N N 363 
PHE HD1  H N N 364 
PHE HD2  H N N 365 
PHE HE1  H N N 366 
PHE HE2  H N N 367 
PHE HZ   H N N 368 
PHE HXT  H N N 369 
PRO N    N N N 370 
PRO CA   C N S 371 
PRO C    C N N 372 
PRO O    O N N 373 
PRO CB   C N N 374 
PRO CG   C N N 375 
PRO CD   C N N 376 
PRO OXT  O N N 377 
PRO H    H N N 378 
PRO HA   H N N 379 
PRO HB2  H N N 380 
PRO HB3  H N N 381 
PRO HG2  H N N 382 
PRO HG3  H N N 383 
PRO HD2  H N N 384 
PRO HD3  H N N 385 
PRO HXT  H N N 386 
SO4 S    S N N 387 
SO4 O1   O N N 388 
SO4 O2   O N N 389 
SO4 O3   O N N 390 
SO4 O4   O N N 391 
THR N    N N N 392 
THR CA   C N S 393 
THR C    C N N 394 
THR O    O N N 395 
THR CB   C N R 396 
THR OG1  O N N 397 
THR CG2  C N N 398 
THR OXT  O N N 399 
THR H    H N N 400 
THR H2   H N N 401 
THR HA   H N N 402 
THR HB   H N N 403 
THR HG1  H N N 404 
THR HG21 H N N 405 
THR HG22 H N N 406 
THR HG23 H N N 407 
THR HXT  H N N 408 
TRP N    N N N 409 
TRP CA   C N S 410 
TRP C    C N N 411 
TRP O    O N N 412 
TRP CB   C N N 413 
TRP CG   C Y N 414 
TRP CD1  C Y N 415 
TRP CD2  C Y N 416 
TRP NE1  N Y N 417 
TRP CE2  C Y N 418 
TRP CE3  C Y N 419 
TRP CZ2  C Y N 420 
TRP CZ3  C Y N 421 
TRP CH2  C Y N 422 
TRP OXT  O N N 423 
TRP H    H N N 424 
TRP H2   H N N 425 
TRP HA   H N N 426 
TRP HB2  H N N 427 
TRP HB3  H N N 428 
TRP HD1  H N N 429 
TRP HE1  H N N 430 
TRP HE3  H N N 431 
TRP HZ2  H N N 432 
TRP HZ3  H N N 433 
TRP HH2  H N N 434 
TRP HXT  H N N 435 
TYR N    N N N 436 
TYR CA   C N S 437 
TYR C    C N N 438 
TYR O    O N N 439 
TYR CB   C N N 440 
TYR CG   C Y N 441 
TYR CD1  C Y N 442 
TYR CD2  C Y N 443 
TYR CE1  C Y N 444 
TYR CE2  C Y N 445 
TYR CZ   C Y N 446 
TYR OH   O N N 447 
TYR OXT  O N N 448 
TYR H    H N N 449 
TYR H2   H N N 450 
TYR HA   H N N 451 
TYR HB2  H N N 452 
TYR HB3  H N N 453 
TYR HD1  H N N 454 
TYR HD2  H N N 455 
TYR HE1  H N N 456 
TYR HE2  H N N 457 
TYR HH   H N N 458 
TYR HXT  H N N 459 
VAL N    N N N 460 
VAL CA   C N S 461 
VAL C    C N N 462 
VAL O    O N N 463 
VAL CB   C N N 464 
VAL CG1  C N N 465 
VAL CG2  C N N 466 
VAL OXT  O N N 467 
VAL H    H N N 468 
VAL H2   H N N 469 
VAL HA   H N N 470 
VAL HB   H N N 471 
VAL HG11 H N N 472 
VAL HG12 H N N 473 
VAL HG13 H N N 474 
VAL HG21 H N N 475 
VAL HG22 H N N 476 
VAL HG23 H N N 477 
VAL HXT  H N N 478 
# 
loop_
_chem_comp_bond.comp_id 
_chem_comp_bond.atom_id_1 
_chem_comp_bond.atom_id_2 
_chem_comp_bond.value_order 
_chem_comp_bond.pdbx_aromatic_flag 
_chem_comp_bond.pdbx_stereo_config 
_chem_comp_bond.pdbx_ordinal 
ABA N   CA   sing N N 1   
ABA N   H    sing N N 2   
ABA N   H2   sing N N 3   
ABA CA  C    sing N N 4   
ABA CA  CB   sing N N 5   
ABA CA  HA   sing N N 6   
ABA C   O    doub N N 7   
ABA C   OXT  sing N N 8   
ABA CB  CG   sing N N 9   
ABA CB  HB3  sing N N 10  
ABA CB  HB2  sing N N 11  
ABA CG  HG1  sing N N 12  
ABA CG  HG3  sing N N 13  
ABA CG  HG2  sing N N 14  
ABA OXT HXT  sing N N 15  
ALA N   CA   sing N N 16  
ALA N   H    sing N N 17  
ALA N   H2   sing N N 18  
ALA CA  C    sing N N 19  
ALA CA  CB   sing N N 20  
ALA CA  HA   sing N N 21  
ALA C   O    doub N N 22  
ALA C   OXT  sing N N 23  
ALA CB  HB1  sing N N 24  
ALA CB  HB2  sing N N 25  
ALA CB  HB3  sing N N 26  
ALA OXT HXT  sing N N 27  
ARG N   CA   sing N N 28  
ARG N   H    sing N N 29  
ARG N   H2   sing N N 30  
ARG CA  C    sing N N 31  
ARG CA  CB   sing N N 32  
ARG CA  HA   sing N N 33  
ARG C   O    doub N N 34  
ARG C   OXT  sing N N 35  
ARG CB  CG   sing N N 36  
ARG CB  HB2  sing N N 37  
ARG CB  HB3  sing N N 38  
ARG CG  CD   sing N N 39  
ARG CG  HG2  sing N N 40  
ARG CG  HG3  sing N N 41  
ARG CD  NE   sing N N 42  
ARG CD  HD2  sing N N 43  
ARG CD  HD3  sing N N 44  
ARG NE  CZ   sing N N 45  
ARG NE  HE   sing N N 46  
ARG CZ  NH1  sing N N 47  
ARG CZ  NH2  doub N N 48  
ARG NH1 HH11 sing N N 49  
ARG NH1 HH12 sing N N 50  
ARG NH2 HH21 sing N N 51  
ARG NH2 HH22 sing N N 52  
ARG OXT HXT  sing N N 53  
ASN N   CA   sing N N 54  
ASN N   H    sing N N 55  
ASN N   H2   sing N N 56  
ASN CA  C    sing N N 57  
ASN CA  CB   sing N N 58  
ASN CA  HA   sing N N 59  
ASN C   O    doub N N 60  
ASN C   OXT  sing N N 61  
ASN CB  CG   sing N N 62  
ASN CB  HB2  sing N N 63  
ASN CB  HB3  sing N N 64  
ASN CG  OD1  doub N N 65  
ASN CG  ND2  sing N N 66  
ASN ND2 HD21 sing N N 67  
ASN ND2 HD22 sing N N 68  
ASN OXT HXT  sing N N 69  
ASP N   CA   sing N N 70  
ASP N   H    sing N N 71  
ASP N   H2   sing N N 72  
ASP CA  C    sing N N 73  
ASP CA  CB   sing N N 74  
ASP CA  HA   sing N N 75  
ASP C   O    doub N N 76  
ASP C   OXT  sing N N 77  
ASP CB  CG   sing N N 78  
ASP CB  HB2  sing N N 79  
ASP CB  HB3  sing N N 80  
ASP CG  OD1  doub N N 81  
ASP CG  OD2  sing N N 82  
ASP OD2 HD2  sing N N 83  
ASP OXT HXT  sing N N 84  
CYS N   CA   sing N N 85  
CYS N   H    sing N N 86  
CYS N   H2   sing N N 87  
CYS CA  C    sing N N 88  
CYS CA  CB   sing N N 89  
CYS CA  HA   sing N N 90  
CYS C   O    doub N N 91  
CYS C   OXT  sing N N 92  
CYS CB  SG   sing N N 93  
CYS CB  HB2  sing N N 94  
CYS CB  HB3  sing N N 95  
CYS SG  HG   sing N N 96  
CYS OXT HXT  sing N N 97  
GLN N   CA   sing N N 98  
GLN N   H    sing N N 99  
GLN N   H2   sing N N 100 
GLN CA  C    sing N N 101 
GLN CA  CB   sing N N 102 
GLN CA  HA   sing N N 103 
GLN C   O    doub N N 104 
GLN C   OXT  sing N N 105 
GLN CB  CG   sing N N 106 
GLN CB  HB2  sing N N 107 
GLN CB  HB3  sing N N 108 
GLN CG  CD   sing N N 109 
GLN CG  HG2  sing N N 110 
GLN CG  HG3  sing N N 111 
GLN CD  OE1  doub N N 112 
GLN CD  NE2  sing N N 113 
GLN NE2 HE21 sing N N 114 
GLN NE2 HE22 sing N N 115 
GLN OXT HXT  sing N N 116 
GLU N   CA   sing N N 117 
GLU N   H    sing N N 118 
GLU N   H2   sing N N 119 
GLU CA  C    sing N N 120 
GLU CA  CB   sing N N 121 
GLU CA  HA   sing N N 122 
GLU C   O    doub N N 123 
GLU C   OXT  sing N N 124 
GLU CB  CG   sing N N 125 
GLU CB  HB2  sing N N 126 
GLU CB  HB3  sing N N 127 
GLU CG  CD   sing N N 128 
GLU CG  HG2  sing N N 129 
GLU CG  HG3  sing N N 130 
GLU CD  OE1  doub N N 131 
GLU CD  OE2  sing N N 132 
GLU OE2 HE2  sing N N 133 
GLU OXT HXT  sing N N 134 
GLY N   CA   sing N N 135 
GLY N   H    sing N N 136 
GLY N   H2   sing N N 137 
GLY CA  C    sing N N 138 
GLY CA  HA2  sing N N 139 
GLY CA  HA3  sing N N 140 
GLY C   O    doub N N 141 
GLY C   OXT  sing N N 142 
GLY OXT HXT  sing N N 143 
HBH C1  C2   sing N N 144 
HBH C1  N22  sing N N 145 
HBH C1  C23  sing N N 146 
HBH C1  H1   sing N N 147 
HBH C2  C3   sing N N 148 
HBH C2  H21  sing N N 149 
HBH C2  H22A sing N N 150 
HBH C3  C8   doub Y N 151 
HBH C3  C4   sing Y N 152 
HBH C7  C8   sing Y N 153 
HBH C7  C6   doub Y N 154 
HBH C7  H7   sing N N 155 
HBH C8  H8   sing N N 156 
HBH C10 C11  sing N N 157 
HBH C10 O9   sing N N 158 
HBH C10 H101 sing N N 159 
HBH C10 H102 sing N N 160 
HBH C11 C12  sing N N 161 
HBH C11 H111 sing N N 162 
HBH C11 H112 sing N N 163 
HBH C12 C13  sing N N 164 
HBH C12 H121 sing N N 165 
HBH C12 H122 sing N N 166 
HBH C13 O14  doub N N 167 
HBH C13 N15  sing N N 168 
HBH C16 C20  sing N N 169 
HBH C16 N15  sing N N 170 
HBH C16 C17  sing N N 171 
HBH C16 H16  sing N N 172 
HBH C20 O21  doub N N 173 
HBH C20 N22  sing N N 174 
HBH N26 C27  sing N N 175 
HBH N26 C25  sing N N 176 
HBH N26 S32  sing N N 177 
HBH C27 C28  sing N N 178 
HBH C27 H271 sing N N 179 
HBH C27 H272 sing N N 180 
HBH C30 C29  sing N N 181 
HBH C30 H301 sing N N 182 
HBH C30 H302 sing N N 183 
HBH C30 H303 sing N N 184 
HBH C31 C29  sing N N 185 
HBH C31 H311 sing N N 186 
HBH C31 H312 sing N N 187 
HBH C31 H313 sing N N 188 
HBH C35 S32  sing N N 189 
HBH C35 C36  doub Y N 190 
HBH C35 C40  sing Y N 191 
HBH C4  C5   doub Y N 192 
HBH C4  H4   sing N N 193 
HBH C5  C6   sing Y N 194 
HBH C5  H5   sing N N 195 
HBH C6  O9   sing N N 196 
HBH N15 H15  sing N N 197 
HBH C17 C18  sing N N 198 
HBH C17 H171 sing N N 199 
HBH C17 H172 sing N N 200 
HBH C18 O19  doub N N 201 
HBH C18 N19  sing N N 202 
HBH N19 H191 sing N N 203 
HBH N19 H192 sing N N 204 
HBH N22 H22  sing N N 205 
HBH C23 O24  sing N N 206 
HBH C23 C25  sing N N 207 
HBH C23 H23  sing N N 208 
HBH O24 H24  sing N N 209 
HBH C25 H251 sing N N 210 
HBH C25 H252 sing N N 211 
HBH C28 C29  sing N N 212 
HBH C28 H281 sing N N 213 
HBH C28 H282 sing N N 214 
HBH C29 H29  sing N N 215 
HBH S32 O33  doub N N 216 
HBH S32 O34  doub N N 217 
HBH C36 C37  sing Y N 218 
HBH C36 H36  sing N N 219 
HBH C37 C38  doub Y N 220 
HBH C37 H37  sing N N 221 
HBH C38 C39  sing Y N 222 
HBH C38 H38  sing N N 223 
HBH C39 C40  doub Y N 224 
HBH C39 H39  sing N N 225 
HBH C40 H40  sing N N 226 
HIS N   CA   sing N N 227 
HIS N   H    sing N N 228 
HIS N   H2   sing N N 229 
HIS CA  C    sing N N 230 
HIS CA  CB   sing N N 231 
HIS CA  HA   sing N N 232 
HIS C   O    doub N N 233 
HIS C   OXT  sing N N 234 
HIS CB  CG   sing N N 235 
HIS CB  HB2  sing N N 236 
HIS CB  HB3  sing N N 237 
HIS CG  ND1  sing Y N 238 
HIS CG  CD2  doub Y N 239 
HIS ND1 CE1  doub Y N 240 
HIS ND1 HD1  sing N N 241 
HIS CD2 NE2  sing Y N 242 
HIS CD2 HD2  sing N N 243 
HIS CE1 NE2  sing Y N 244 
HIS CE1 HE1  sing N N 245 
HIS NE2 HE2  sing N N 246 
HIS OXT HXT  sing N N 247 
HOH O   H1   sing N N 248 
HOH O   H2   sing N N 249 
ILE N   CA   sing N N 250 
ILE N   H    sing N N 251 
ILE N   H2   sing N N 252 
ILE CA  C    sing N N 253 
ILE CA  CB   sing N N 254 
ILE CA  HA   sing N N 255 
ILE C   O    doub N N 256 
ILE C   OXT  sing N N 257 
ILE CB  CG1  sing N N 258 
ILE CB  CG2  sing N N 259 
ILE CB  HB   sing N N 260 
ILE CG1 CD1  sing N N 261 
ILE CG1 HG12 sing N N 262 
ILE CG1 HG13 sing N N 263 
ILE CG2 HG21 sing N N 264 
ILE CG2 HG22 sing N N 265 
ILE CG2 HG23 sing N N 266 
ILE CD1 HD11 sing N N 267 
ILE CD1 HD12 sing N N 268 
ILE CD1 HD13 sing N N 269 
ILE OXT HXT  sing N N 270 
LEU N   CA   sing N N 271 
LEU N   H    sing N N 272 
LEU N   H2   sing N N 273 
LEU CA  C    sing N N 274 
LEU CA  CB   sing N N 275 
LEU CA  HA   sing N N 276 
LEU C   O    doub N N 277 
LEU C   OXT  sing N N 278 
LEU CB  CG   sing N N 279 
LEU CB  HB2  sing N N 280 
LEU CB  HB3  sing N N 281 
LEU CG  CD1  sing N N 282 
LEU CG  CD2  sing N N 283 
LEU CG  HG   sing N N 284 
LEU CD1 HD11 sing N N 285 
LEU CD1 HD12 sing N N 286 
LEU CD1 HD13 sing N N 287 
LEU CD2 HD21 sing N N 288 
LEU CD2 HD22 sing N N 289 
LEU CD2 HD23 sing N N 290 
LEU OXT HXT  sing N N 291 
LYS N   CA   sing N N 292 
LYS N   H    sing N N 293 
LYS N   H2   sing N N 294 
LYS CA  C    sing N N 295 
LYS CA  CB   sing N N 296 
LYS CA  HA   sing N N 297 
LYS C   O    doub N N 298 
LYS C   OXT  sing N N 299 
LYS CB  CG   sing N N 300 
LYS CB  HB2  sing N N 301 
LYS CB  HB3  sing N N 302 
LYS CG  CD   sing N N 303 
LYS CG  HG2  sing N N 304 
LYS CG  HG3  sing N N 305 
LYS CD  CE   sing N N 306 
LYS CD  HD2  sing N N 307 
LYS CD  HD3  sing N N 308 
LYS CE  NZ   sing N N 309 
LYS CE  HE2  sing N N 310 
LYS CE  HE3  sing N N 311 
LYS NZ  HZ1  sing N N 312 
LYS NZ  HZ2  sing N N 313 
LYS NZ  HZ3  sing N N 314 
LYS OXT HXT  sing N N 315 
MET N   CA   sing N N 316 
MET N   H    sing N N 317 
MET N   H2   sing N N 318 
MET CA  C    sing N N 319 
MET CA  CB   sing N N 320 
MET CA  HA   sing N N 321 
MET C   O    doub N N 322 
MET C   OXT  sing N N 323 
MET CB  CG   sing N N 324 
MET CB  HB2  sing N N 325 
MET CB  HB3  sing N N 326 
MET CG  SD   sing N N 327 
MET CG  HG2  sing N N 328 
MET CG  HG3  sing N N 329 
MET SD  CE   sing N N 330 
MET CE  HE1  sing N N 331 
MET CE  HE2  sing N N 332 
MET CE  HE3  sing N N 333 
MET OXT HXT  sing N N 334 
PHE N   CA   sing N N 335 
PHE N   H    sing N N 336 
PHE N   H2   sing N N 337 
PHE CA  C    sing N N 338 
PHE CA  CB   sing N N 339 
PHE CA  HA   sing N N 340 
PHE C   O    doub N N 341 
PHE C   OXT  sing N N 342 
PHE CB  CG   sing N N 343 
PHE CB  HB2  sing N N 344 
PHE CB  HB3  sing N N 345 
PHE CG  CD1  doub Y N 346 
PHE CG  CD2  sing Y N 347 
PHE CD1 CE1  sing Y N 348 
PHE CD1 HD1  sing N N 349 
PHE CD2 CE2  doub Y N 350 
PHE CD2 HD2  sing N N 351 
PHE CE1 CZ   doub Y N 352 
PHE CE1 HE1  sing N N 353 
PHE CE2 CZ   sing Y N 354 
PHE CE2 HE2  sing N N 355 
PHE CZ  HZ   sing N N 356 
PHE OXT HXT  sing N N 357 
PRO N   CA   sing N N 358 
PRO N   CD   sing N N 359 
PRO N   H    sing N N 360 
PRO CA  C    sing N N 361 
PRO CA  CB   sing N N 362 
PRO CA  HA   sing N N 363 
PRO C   O    doub N N 364 
PRO C   OXT  sing N N 365 
PRO CB  CG   sing N N 366 
PRO CB  HB2  sing N N 367 
PRO CB  HB3  sing N N 368 
PRO CG  CD   sing N N 369 
PRO CG  HG2  sing N N 370 
PRO CG  HG3  sing N N 371 
PRO CD  HD2  sing N N 372 
PRO CD  HD3  sing N N 373 
PRO OXT HXT  sing N N 374 
SO4 S   O1   doub N N 375 
SO4 S   O2   doub N N 376 
SO4 S   O3   sing N N 377 
SO4 S   O4   sing N N 378 
THR N   CA   sing N N 379 
THR N   H    sing N N 380 
THR N   H2   sing N N 381 
THR CA  C    sing N N 382 
THR CA  CB   sing N N 383 
THR CA  HA   sing N N 384 
THR C   O    doub N N 385 
THR C   OXT  sing N N 386 
THR CB  OG1  sing N N 387 
THR CB  CG2  sing N N 388 
THR CB  HB   sing N N 389 
THR OG1 HG1  sing N N 390 
THR CG2 HG21 sing N N 391 
THR CG2 HG22 sing N N 392 
THR CG2 HG23 sing N N 393 
THR OXT HXT  sing N N 394 
TRP N   CA   sing N N 395 
TRP N   H    sing N N 396 
TRP N   H2   sing N N 397 
TRP CA  C    sing N N 398 
TRP CA  CB   sing N N 399 
TRP CA  HA   sing N N 400 
TRP C   O    doub N N 401 
TRP C   OXT  sing N N 402 
TRP CB  CG   sing N N 403 
TRP CB  HB2  sing N N 404 
TRP CB  HB3  sing N N 405 
TRP CG  CD1  doub Y N 406 
TRP CG  CD2  sing Y N 407 
TRP CD1 NE1  sing Y N 408 
TRP CD1 HD1  sing N N 409 
TRP CD2 CE2  doub Y N 410 
TRP CD2 CE3  sing Y N 411 
TRP NE1 CE2  sing Y N 412 
TRP NE1 HE1  sing N N 413 
TRP CE2 CZ2  sing Y N 414 
TRP CE3 CZ3  doub Y N 415 
TRP CE3 HE3  sing N N 416 
TRP CZ2 CH2  doub Y N 417 
TRP CZ2 HZ2  sing N N 418 
TRP CZ3 CH2  sing Y N 419 
TRP CZ3 HZ3  sing N N 420 
TRP CH2 HH2  sing N N 421 
TRP OXT HXT  sing N N 422 
TYR N   CA   sing N N 423 
TYR N   H    sing N N 424 
TYR N   H2   sing N N 425 
TYR CA  C    sing N N 426 
TYR CA  CB   sing N N 427 
TYR CA  HA   sing N N 428 
TYR C   O    doub N N 429 
TYR C   OXT  sing N N 430 
TYR CB  CG   sing N N 431 
TYR CB  HB2  sing N N 432 
TYR CB  HB3  sing N N 433 
TYR CG  CD1  doub Y N 434 
TYR CG  CD2  sing Y N 435 
TYR CD1 CE1  sing Y N 436 
TYR CD1 HD1  sing N N 437 
TYR CD2 CE2  doub Y N 438 
TYR CD2 HD2  sing N N 439 
TYR CE1 CZ   doub Y N 440 
TYR CE1 HE1  sing N N 441 
TYR CE2 CZ   sing Y N 442 
TYR CE2 HE2  sing N N 443 
TYR CZ  OH   sing N N 444 
TYR OH  HH   sing N N 445 
TYR OXT HXT  sing N N 446 
VAL N   CA   sing N N 447 
VAL N   H    sing N N 448 
VAL N   H2   sing N N 449 
VAL CA  C    sing N N 450 
VAL CA  CB   sing N N 451 
VAL CA  HA   sing N N 452 
VAL C   O    doub N N 453 
VAL C   OXT  sing N N 454 
VAL CB  CG1  sing N N 455 
VAL CB  CG2  sing N N 456 
VAL CB  HB   sing N N 457 
VAL CG1 HG11 sing N N 458 
VAL CG1 HG12 sing N N 459 
VAL CG1 HG13 sing N N 460 
VAL CG2 HG21 sing N N 461 
VAL CG2 HG22 sing N N 462 
VAL CG2 HG23 sing N N 463 
VAL OXT HXT  sing N N 464 
# 
loop_
_pdbx_entity_nonpoly.entity_id 
_pdbx_entity_nonpoly.name 
_pdbx_entity_nonpoly.comp_id 
2 'SULFATE ION' SO4 
3 
;2-[(8S,11S)-11-{(1R)-1-HYDROXY-2-[ISOPENTYL(PHENYLSULFONYL)AMINO]ETHYL}-6,9-DIOXO-2-OXA-7,10-DIAZABICYCLO[11.2.2]HEPTADECA-1(15),13,16-TRIEN-8-YL]ACETAMIDE
;
HBH 
4 water HOH 
# 
_pdbx_initial_refinement_model.id               1 
_pdbx_initial_refinement_model.entity_id_list   ? 
_pdbx_initial_refinement_model.type             'experimental model' 
_pdbx_initial_refinement_model.source_name      PDB 
_pdbx_initial_refinement_model.accession_code   1B6O 
_pdbx_initial_refinement_model.details          ? 
# 
